data_9NHK
#
_entry.id   9NHK
#
_cell.length_a   1.00
_cell.length_b   1.00
_cell.length_c   1.00
_cell.angle_alpha   90.00
_cell.angle_beta   90.00
_cell.angle_gamma   90.00
#
_symmetry.space_group_name_H-M   'P 1'
#
loop_
_entity.id
_entity.type
_entity.pdbx_description
1 polymer 'RUu-Base-4 pAb heavy chain'
2 polymer 'RUu-Base-4 pAb light chain'
3 polymer 'BG505-CH505 Envelope glycoprotein gp120'
4 polymer 'BG505-CH505 Transmembrane protein gp41'
5 branched beta-D-mannopyranose-(1-4)-2-acetamido-2-deoxy-beta-D-glucopyranose-(1-4)-2-acetamido-2-deoxy-beta-D-glucopyranose
6 branched 2-acetamido-2-deoxy-beta-D-glucopyranose-(1-4)-2-acetamido-2-deoxy-beta-D-glucopyranose
7 branched 2-acetamido-2-deoxy-beta-D-glucopyranose-(1-4)-2-acetamido-2-deoxy-beta-D-glucopyranose-(1-4)-2-acetamido-2-deoxy-beta-D-glucopyranose
8 non-polymer 2-acetamido-2-deoxy-beta-D-glucopyranose
#
loop_
_entity_poly.entity_id
_entity_poly.type
_entity_poly.pdbx_seq_one_letter_code
_entity_poly.pdbx_strand_id
1 'polypeptide(L)'
;(UNK)(UNK)(UNK)(UNK)(UNK)(UNK)(UNK)(UNK)(UNK)(UNK)(UNK)(UNK)(UNK)(UNK)(UNK)(UNK)
(UNK)(UNK)(UNK)(UNK)(UNK)C(UNK)(UNK)(UNK)(UNK)(UNK)(UNK)(UNK)(UNK)(UNK)(UNK)
(UNK)(UNK)(UNK)W(UNK)(UNK)(UNK)(UNK)(UNK)(UNK)(UNK)(UNK)(UNK)(UNK)(UNK)(UNK)
(UNK)(UNK)(UNK)(UNK)(UNK)(UNK)(UNK)(UNK)(UNK)(UNK)(UNK)(UNK)(UNK)(UNK)(UNK)(UNK)
(UNK)(UNK)(UNK)(UNK)(UNK)(UNK)(UNK)(UNK)(UNK)(UNK)(UNK)(UNK)(UNK)(UNK)(UNK)(UNK)
(UNK)(UNK)(UNK)(UNK)(UNK)(UNK)(UNK)(UNK)(UNK)(UNK)(UNK)(UNK)C(UNK)(UNK)(UNK)
(UNK)(UNK)(UNK)(UNK)(UNK)(UNK)(UNK)(UNK)(UNK)(UNK)(UNK)W(UNK)(UNK)(UNK)(UNK)
(UNK)(UNK)(UNK)(UNK)(UNK)(UNK)
;
H
2 'polypeptide(L)'
;(UNK)(UNK)(UNK)(UNK)(UNK)(UNK)(UNK)(UNK)(UNK)(UNK)(UNK)(UNK)(UNK)(UNK)(UNK)(UNK)
(UNK)(UNK)(UNK)(UNK)(UNK)(UNK)(UNK)(UNK)(UNK)(UNK)(UNK)(UNK)(UNK)(UNK)(UNK)(UNK)
(UNK)W(UNK)(UNK)(UNK)(UNK)(UNK)(UNK)(UNK)(UNK)(UNK)(UNK)(UNK)(UNK)(UNK)(UNK)
(UNK)(UNK)(UNK)(UNK)(UNK)(UNK)(UNK)(UNK)(UNK)(UNK)(UNK)(UNK)(UNK)(UNK)(UNK)(UNK)
(UNK)(UNK)(UNK)(UNK)(UNK)(UNK)(UNK)(UNK)(UNK)(UNK)(UNK)(UNK)(UNK)(UNK)(UNK)(UNK)
(UNK)(UNK)(UNK)(UNK)(UNK)(UNK)(UNK)(UNK)(UNK)(UNK)(UNK)(UNK)(UNK)(UNK)(UNK)(UNK)
(UNK)F(UNK)(UNK)(UNK)(UNK)(UNK)(UNK)(UNK)(UNK)
;
L
3 'polypeptide(L)'
;MDAMKRGLCCVLLLCGAVFVSPSQEIHARFRRGARAENLWVTVYYGVPVWKDAETTLFCASDAKAYETEKHNVWATHCCV
PTDPNPQEIVLENVTENFNMWKNNMVEQMHEDIISLWDQSLKPCVKLTPLCVTLNCTNATASNSSIIEGMKNCSFNITTE
LRDKREKKNALFYKLDIVQLDGNSSQYRLINCNTSAITQACPKVSFEPIPIHYCAPAGFAILKCNNKTFTGTGPCNNVST
VQCTHGIKPVVSTQLLLNGSLAEGEIIIRSENITDNGKTILVHLNESVKIECTRPNNKTRTSIRIGPGQAFYATGQVIGD
IREAYCNISESTWNETLGKVVKQLRKHFPHKNITFQPSSGGDLEVTTHSFNCGGEFFYCNTSGLFNSTWISNTSVQGSNS
TGSNDSITLPCRIKQIINMWQEVGRAMYAPPIQGNITCVSNITGLILTRDGGKNNTETFRPGGGDMRDNWRSELYKYKVV
KIEPLGVAPTACKRRVVGRRRRRR
;
C,A,E
4 'polypeptide(L)'
;AVGIGAVFLGFLGAAGSTMGAASMTLTVQARNLLSGIVQQQSNLLRAPECQQHLLKDTHWGIKQLQARVLAVEHYLRDQQ
LLGIWGCSGKLICTTNVPWNSTWSNKTLSEIWDNMTWLQWDKEISNYTQIIYGLLEESQNQQEKNETDNLTCD
;
D,B,F
#
loop_
_chem_comp.id
_chem_comp.type
_chem_comp.name
_chem_comp.formula
BMA D-saccharide, beta linking beta-D-mannopyranose 'C6 H12 O6'
NAG D-saccharide, beta linking 2-acetamido-2-deoxy-beta-D-glucopyranose 'C8 H15 N O6'
#
# COMPACT_ATOMS: atom_id res chain seq x y z
N UNK A 1 -37.13 38.12 -12.85
CA UNK A 1 -36.50 37.21 -11.89
C UNK A 1 -35.26 37.85 -11.26
N UNK A 2 -34.38 38.42 -12.12
CA UNK A 2 -33.13 39.10 -11.76
C UNK A 2 -33.39 40.58 -11.47
N UNK A 3 -34.64 40.99 -11.66
CA UNK A 3 -35.04 42.37 -11.45
C UNK A 3 -34.12 43.32 -12.21
N UNK A 4 -33.85 43.01 -13.46
CA UNK A 4 -32.94 43.82 -14.24
C UNK A 4 -33.51 45.22 -14.45
N UNK A 5 -32.64 46.22 -14.37
CA UNK A 5 -33.12 47.56 -14.63
C UNK A 5 -32.08 48.55 -15.06
N UNK A 6 -32.47 49.41 -16.00
CA UNK A 6 -31.68 50.52 -16.42
C UNK A 6 -31.62 51.57 -15.34
N UNK A 7 -30.49 52.23 -15.23
CA UNK A 7 -30.33 53.37 -14.34
C UNK A 7 -29.52 54.39 -15.07
N UNK A 8 -30.05 54.83 -16.20
CA UNK A 8 -29.27 55.60 -17.12
C UNK A 8 -30.08 56.27 -18.22
N UNK A 9 -29.35 57.13 -18.97
CA UNK A 9 -29.74 57.85 -20.18
C UNK A 9 -30.59 59.08 -19.98
N UNK A 10 -30.60 59.89 -21.03
CA UNK A 10 -31.30 61.16 -21.12
C UNK A 10 -31.48 61.52 -22.59
N UNK A 11 -32.35 62.49 -22.87
CA UNK A 11 -32.50 62.98 -24.23
C UNK A 11 -31.22 63.65 -24.70
N UNK A 12 -30.84 63.45 -25.97
CA UNK A 12 -29.66 64.14 -26.49
C UNK A 12 -29.80 64.47 -27.96
N UNK A 13 -29.23 65.60 -28.35
CA UNK A 13 -29.29 66.04 -29.74
C UNK A 13 -28.27 65.35 -30.62
N UNK A 14 -27.14 64.98 -30.05
CA UNK A 14 -26.11 64.33 -30.84
C UNK A 14 -26.24 62.84 -30.69
N UNK A 15 -26.01 62.11 -31.77
CA UNK A 15 -26.03 60.66 -31.64
C UNK A 15 -24.93 60.23 -30.72
N UNK A 16 -23.79 60.90 -30.87
CA UNK A 16 -22.61 60.66 -30.09
C UNK A 16 -22.41 59.16 -29.89
N UNK A 17 -22.16 58.78 -28.66
CA UNK A 17 -22.15 57.42 -28.22
C UNK A 17 -22.44 57.46 -26.74
N UNK A 18 -23.59 58.01 -26.38
CA UNK A 18 -23.89 58.14 -24.96
C UNK A 18 -24.01 56.76 -24.36
N UNK A 19 -23.44 56.58 -23.17
CA UNK A 19 -23.51 55.30 -22.48
C UNK A 19 -24.67 55.21 -21.52
N UNK A 20 -25.14 53.98 -21.37
CA UNK A 20 -26.20 53.63 -20.43
C UNK A 20 -25.99 52.18 -19.98
N UNK A 21 -26.52 51.82 -18.82
CA UNK A 21 -26.35 50.43 -18.38
C UNK A 21 -27.55 49.92 -17.59
N CYS A 22 -27.80 48.59 -17.70
CA CYS A 22 -28.80 47.83 -16.96
C CYS A 22 -28.13 46.77 -16.11
N UNK A 23 -28.37 46.80 -14.83
CA UNK A 23 -27.74 45.84 -13.91
C UNK A 23 -28.73 44.76 -13.57
N UNK A 24 -28.24 43.56 -13.23
CA UNK A 24 -29.20 42.52 -12.83
C UNK A 24 -28.66 41.50 -11.82
N UNK A 25 -29.58 40.95 -11.00
CA UNK A 25 -29.28 39.92 -10.03
C UNK A 25 -29.30 38.52 -10.66
N UNK A 26 -28.31 38.24 -11.49
CA UNK A 26 -28.18 36.98 -12.22
C UNK A 26 -26.73 36.66 -12.46
N UNK A 27 -26.38 35.39 -12.65
CA UNK A 27 -24.99 35.10 -12.91
C UNK A 27 -24.70 35.35 -14.36
N UNK A 28 -24.66 36.62 -14.75
CA UNK A 28 -24.56 37.01 -16.15
C UNK A 28 -23.34 36.41 -16.82
N UNK A 29 -22.26 36.30 -16.07
CA UNK A 29 -21.03 35.73 -16.58
C UNK A 29 -21.22 34.28 -17.02
N UNK A 30 -22.17 33.57 -16.39
CA UNK A 30 -22.40 32.15 -16.64
C UNK A 30 -23.25 31.97 -17.86
N UNK A 31 -22.65 32.30 -18.99
CA UNK A 31 -23.20 32.20 -20.32
C UNK A 31 -24.50 32.95 -20.61
N UNK A 32 -24.79 34.08 -19.98
CA UNK A 32 -25.99 34.78 -20.38
C UNK A 32 -25.65 35.67 -21.55
N UNK A 33 -26.56 35.86 -22.50
CA UNK A 33 -26.27 36.80 -23.56
C UNK A 33 -26.93 38.13 -23.26
N UNK A 34 -26.28 39.21 -23.63
CA UNK A 34 -26.82 40.55 -23.47
C UNK A 34 -27.52 40.96 -24.74
N UNK A 35 -28.56 41.75 -24.60
CA UNK A 35 -29.22 42.28 -25.77
C UNK A 35 -29.74 43.67 -25.49
N TRP A 36 -29.76 44.49 -26.52
CA TRP A 36 -30.31 45.83 -26.40
C TRP A 36 -31.32 46.06 -27.52
N UNK A 37 -32.37 46.80 -27.20
CA UNK A 37 -33.40 47.11 -28.17
C UNK A 37 -33.68 48.60 -28.24
N UNK A 38 -33.90 49.05 -29.46
CA UNK A 38 -34.19 50.43 -29.73
C UNK A 38 -35.64 50.66 -29.47
N UNK A 39 -35.94 50.78 -28.19
CA UNK A 39 -37.30 50.90 -27.69
C UNK A 39 -37.83 52.29 -27.98
N UNK A 40 -38.15 52.42 -29.26
CA UNK A 40 -38.60 53.55 -30.01
C UNK A 40 -39.89 54.09 -29.53
N UNK A 41 -40.03 55.38 -29.75
CA UNK A 41 -41.29 56.03 -29.52
C UNK A 41 -42.14 55.73 -30.74
N UNK A 42 -43.08 54.79 -30.57
CA UNK A 42 -43.92 54.20 -31.61
C UNK A 42 -43.16 53.16 -32.43
N UNK A 43 -43.91 52.32 -33.13
CA UNK A 43 -43.38 51.25 -33.98
C UNK A 43 -42.51 50.22 -33.27
N UNK A 44 -42.90 49.82 -32.06
CA UNK A 44 -42.18 48.80 -31.29
C UNK A 44 -40.70 49.13 -31.17
N UNK A 45 -39.83 48.25 -31.69
CA UNK A 45 -38.40 48.50 -31.52
C UNK A 45 -37.58 47.89 -32.62
N UNK A 46 -36.41 48.44 -32.80
CA UNK A 46 -35.41 47.84 -33.70
C UNK A 46 -34.39 47.13 -32.84
N UNK A 47 -33.69 46.13 -33.34
CA UNK A 47 -32.62 45.63 -32.48
C UNK A 47 -31.60 46.71 -32.40
N UNK A 48 -30.97 46.89 -31.25
CA UNK A 48 -29.90 47.85 -31.20
C UNK A 48 -28.56 47.15 -31.24
N UNK A 49 -28.45 46.05 -30.50
CA UNK A 49 -27.19 45.35 -30.38
C UNK A 49 -27.30 44.00 -29.68
N UNK A 50 -26.22 43.22 -29.73
CA UNK A 50 -26.13 41.99 -28.94
C UNK A 50 -24.69 41.71 -28.49
N UNK A 51 -24.54 40.96 -27.37
CA UNK A 51 -23.19 40.57 -26.90
C UNK A 51 -23.23 39.25 -26.11
N UNK A 52 -22.14 38.52 -26.12
CA UNK A 52 -22.02 37.27 -25.38
C UNK A 52 -21.61 37.54 -23.95
N UNK A 53 -21.67 36.51 -23.10
CA UNK A 53 -21.17 36.63 -21.74
C UNK A 53 -19.69 37.01 -21.78
N UNK A 54 -19.06 36.63 -22.88
CA UNK A 54 -17.67 36.86 -23.22
C UNK A 54 -17.50 38.03 -24.20
N UNK A 55 -18.51 38.88 -24.32
CA UNK A 55 -18.51 39.99 -25.25
C UNK A 55 -18.48 39.50 -26.70
N UNK A 56 -17.41 39.76 -27.47
CA UNK A 56 -17.41 39.31 -28.87
C UNK A 56 -18.72 39.77 -29.51
N UNK A 57 -19.01 41.04 -29.26
CA UNK A 57 -20.25 41.72 -29.59
C UNK A 57 -20.45 42.06 -31.03
N UNK A 58 -21.72 42.27 -31.37
CA UNK A 58 -22.14 42.68 -32.69
C UNK A 58 -23.28 43.69 -32.58
N UNK A 59 -23.18 44.76 -33.35
CA UNK A 59 -24.20 45.79 -33.36
C UNK A 59 -25.29 45.49 -34.34
N UNK A 60 -26.46 46.06 -34.11
CA UNK A 60 -27.51 46.01 -35.11
C UNK A 60 -27.13 47.01 -36.18
N UNK A 61 -27.63 46.80 -37.41
CA UNK A 61 -27.31 47.65 -38.55
C UNK A 61 -27.60 49.13 -38.33
N UNK A 62 -28.58 49.48 -37.52
CA UNK A 62 -28.88 50.90 -37.35
C UNK A 62 -27.66 51.66 -36.82
N UNK A 63 -26.86 51.04 -35.95
CA UNK A 63 -25.69 51.71 -35.43
C UNK A 63 -24.50 51.27 -36.25
N UNK A 64 -24.58 50.02 -36.71
CA UNK A 64 -23.54 49.38 -37.47
C UNK A 64 -22.21 49.56 -36.79
N UNK A 65 -21.26 50.19 -37.48
CA UNK A 65 -19.94 50.42 -36.96
C UNK A 65 -19.94 51.38 -35.78
N UNK A 66 -20.88 52.32 -35.75
CA UNK A 66 -20.87 53.33 -34.71
C UNK A 66 -21.57 52.83 -33.46
N UNK A 67 -20.93 51.87 -32.82
CA UNK A 67 -21.48 51.20 -31.65
C UNK A 67 -20.44 50.62 -30.73
N UNK A 68 -20.84 50.46 -29.48
CA UNK A 68 -20.05 49.83 -28.45
C UNK A 68 -20.95 48.95 -27.60
N UNK A 69 -21.31 47.78 -28.13
CA UNK A 69 -22.26 46.88 -27.45
C UNK A 69 -21.51 46.08 -26.40
N UNK A 70 -21.04 46.82 -25.42
CA UNK A 70 -20.21 46.36 -24.35
C UNK A 70 -21.02 45.87 -23.17
N UNK A 71 -20.39 45.05 -22.36
CA UNK A 71 -20.95 44.58 -21.11
C UNK A 71 -19.79 44.16 -20.24
N UNK A 72 -19.96 44.11 -18.92
CA UNK A 72 -18.87 43.64 -18.08
C UNK A 72 -19.29 42.54 -17.12
N UNK A 73 -18.62 41.38 -17.21
CA UNK A 73 -18.92 40.23 -16.37
C UNK A 73 -18.79 40.55 -14.90
N UNK A 74 -17.82 41.39 -14.58
CA UNK A 74 -17.57 41.80 -13.21
C UNK A 74 -18.66 42.72 -12.67
N UNK A 75 -19.31 43.49 -13.55
CA UNK A 75 -20.32 44.44 -13.10
C UNK A 75 -21.69 43.81 -13.08
N UNK A 76 -21.87 42.76 -13.88
CA UNK A 76 -23.18 42.15 -14.06
C UNK A 76 -24.12 43.22 -14.57
N UNK A 77 -23.61 43.99 -15.54
CA UNK A 77 -24.37 45.07 -16.15
C UNK A 77 -24.04 45.22 -17.63
N UNK A 78 -25.10 45.49 -18.40
CA UNK A 78 -25.05 45.70 -19.83
C UNK A 78 -24.70 47.13 -20.16
N UNK A 79 -23.48 47.51 -19.78
CA UNK A 79 -22.97 48.86 -19.97
C UNK A 79 -22.45 49.06 -21.35
N UNK A 80 -23.21 49.83 -22.14
CA UNK A 80 -22.97 50.00 -23.57
C UNK A 80 -23.35 51.38 -24.10
N UNK A 81 -22.86 51.68 -25.30
CA UNK A 81 -23.16 52.93 -25.97
C UNK A 81 -23.27 52.74 -27.48
N UNK A 82 -24.05 53.59 -28.15
CA UNK A 82 -24.15 53.54 -29.61
C UNK A 82 -24.63 54.85 -30.17
N UNK A 83 -24.38 55.07 -31.46
CA UNK A 83 -24.86 56.26 -32.15
C UNK A 83 -26.23 56.02 -32.78
N UNK A 84 -26.28 55.61 -34.06
CA UNK A 84 -27.53 55.38 -34.81
C UNK A 84 -28.43 56.62 -34.85
N UNK A 85 -27.81 57.80 -35.07
CA UNK A 85 -28.49 59.09 -35.11
C UNK A 85 -29.06 59.41 -33.74
N UNK A 86 -29.68 60.57 -33.57
CA UNK A 86 -30.27 60.86 -32.26
C UNK A 86 -31.62 60.18 -32.22
N UNK A 87 -31.57 58.87 -32.10
CA UNK A 87 -32.73 58.01 -32.21
C UNK A 87 -33.76 58.31 -31.16
N UNK A 88 -35.01 58.33 -31.58
CA UNK A 88 -36.11 58.58 -30.68
C UNK A 88 -36.53 57.28 -30.02
N UNK A 89 -35.67 56.79 -29.13
CA UNK A 89 -35.88 55.53 -28.44
C UNK A 89 -35.34 55.58 -27.03
N UNK A 90 -36.08 54.91 -26.13
CA UNK A 90 -35.78 54.78 -24.71
C UNK A 90 -34.53 53.98 -24.43
N UNK A 91 -34.27 52.98 -25.27
CA UNK A 91 -33.17 52.02 -25.13
C UNK A 91 -33.48 51.04 -23.98
N UNK A 92 -33.94 49.87 -24.35
CA UNK A 92 -34.30 48.82 -23.40
C UNK A 92 -33.22 47.74 -23.42
N CYS A 93 -33.02 47.03 -22.29
CA CYS A 93 -32.06 45.93 -22.14
C CYS A 93 -32.82 44.62 -21.93
N UNK A 94 -32.19 43.54 -22.34
CA UNK A 94 -32.72 42.21 -22.14
C UNK A 94 -31.62 41.17 -22.02
N UNK A 95 -31.95 40.06 -21.37
CA UNK A 95 -31.03 38.95 -21.32
C UNK A 95 -31.62 37.78 -22.07
N UNK A 96 -30.76 37.06 -22.76
CA UNK A 96 -31.23 35.91 -23.51
C UNK A 96 -30.57 34.63 -23.08
N UNK A 97 -31.38 33.57 -23.10
CA UNK A 97 -30.92 32.23 -22.80
C UNK A 97 -30.84 31.41 -24.05
N UNK A 98 -29.86 30.53 -24.08
CA UNK A 98 -29.69 29.59 -25.18
C UNK A 98 -30.33 28.26 -24.84
N UNK A 99 -30.75 27.61 -25.89
CA UNK A 99 -31.34 26.29 -25.91
C UNK A 99 -30.73 25.62 -27.10
N UNK A 100 -30.71 24.30 -27.17
CA UNK A 100 -30.07 23.82 -28.37
C UNK A 100 -30.80 24.33 -29.60
N UNK A 101 -30.04 24.93 -30.50
CA UNK A 101 -30.50 25.49 -31.78
C UNK A 101 -31.59 26.57 -31.65
N UNK A 102 -31.66 27.24 -30.51
CA UNK A 102 -32.63 28.31 -30.31
C UNK A 102 -32.20 29.30 -29.22
N UNK A 103 -32.76 30.50 -29.23
CA UNK A 103 -32.48 31.42 -28.14
C UNK A 103 -33.64 32.37 -27.96
N UNK A 104 -33.79 32.90 -26.76
CA UNK A 104 -34.84 33.90 -26.56
C UNK A 104 -34.49 34.95 -25.53
N UNK A 105 -34.76 36.20 -25.89
CA UNK A 105 -34.58 37.34 -25.00
C UNK A 105 -35.80 37.47 -24.14
N UNK A 106 -35.96 36.51 -23.24
CA UNK A 106 -37.11 36.42 -22.38
C UNK A 106 -37.06 37.34 -21.16
N UNK A 107 -35.87 37.75 -20.72
CA UNK A 107 -35.81 38.57 -19.51
C UNK A 107 -35.59 40.02 -19.84
N TRP A 108 -36.56 40.86 -19.54
CA TRP A 108 -36.44 42.28 -19.88
C TRP A 108 -36.27 43.18 -18.69
N UNK A 109 -35.43 44.18 -18.88
CA UNK A 109 -35.11 45.18 -17.87
C UNK A 109 -35.94 46.43 -18.01
N UNK A 110 -36.04 47.17 -16.92
CA UNK A 110 -36.69 48.48 -17.05
C UNK A 110 -35.91 49.28 -18.09
N UNK A 111 -36.62 49.96 -19.01
CA UNK A 111 -35.96 50.75 -20.05
C UNK A 111 -35.27 51.99 -19.53
N UNK A 112 -34.21 52.38 -20.23
CA UNK A 112 -33.44 53.59 -19.95
C UNK A 112 -34.22 54.80 -20.42
N UNK A 113 -33.85 55.97 -19.93
CA UNK A 113 -34.53 57.19 -20.35
C UNK A 113 -33.87 57.91 -21.54
N UNK A 114 -33.53 57.19 -22.60
CA UNK A 114 -32.93 57.82 -23.76
C UNK A 114 -33.99 58.49 -24.60
N UNK A 115 -33.59 59.50 -25.35
CA UNK A 115 -34.52 60.15 -26.26
C UNK A 115 -33.78 61.02 -27.28
N UNK A 116 -34.49 61.42 -28.31
CA UNK A 116 -33.98 62.34 -29.32
C UNK A 116 -34.10 63.76 -28.77
N UNK A 117 -33.33 64.71 -29.30
CA UNK A 117 -33.49 66.10 -28.88
C UNK A 117 -33.10 67.05 -30.02
N UNK A 118 -33.59 68.32 -29.98
CA UNK A 118 -33.30 69.42 -30.92
C UNK A 118 -33.78 69.05 -32.33
N UNK B 1 -29.89 39.59 -42.09
CA UNK B 1 -31.08 38.88 -42.53
C UNK B 1 -32.30 39.38 -41.73
N UNK B 2 -32.90 40.51 -42.21
CA UNK B 2 -34.07 41.22 -41.64
C UNK B 2 -35.35 40.40 -41.71
N UNK B 3 -36.24 40.60 -40.75
CA UNK B 3 -37.51 39.87 -40.76
C UNK B 3 -38.63 40.74 -41.29
N UNK B 4 -39.29 40.29 -42.36
CA UNK B 4 -40.36 41.09 -42.93
C UNK B 4 -41.72 40.74 -42.35
N UNK B 5 -42.29 41.66 -41.59
CA UNK B 5 -43.55 41.37 -40.93
C UNK B 5 -44.62 41.13 -41.97
N UNK B 6 -45.54 40.25 -41.62
CA UNK B 6 -46.65 39.86 -42.46
C UNK B 6 -47.85 39.74 -41.56
N UNK B 7 -49.06 39.97 -42.10
CA UNK B 7 -50.26 39.88 -41.26
C UNK B 7 -50.00 40.73 -40.01
N UNK B 8 -49.39 41.90 -40.21
CA UNK B 8 -48.96 42.72 -39.10
C UNK B 8 -50.04 43.61 -38.52
N UNK B 9 -51.12 43.00 -38.08
CA UNK B 9 -52.21 43.72 -37.43
C UNK B 9 -53.15 42.74 -36.76
N UNK B 10 -53.46 42.95 -35.48
CA UNK B 10 -54.41 42.06 -34.82
C UNK B 10 -55.20 42.78 -33.75
N UNK B 11 -55.86 43.87 -34.12
CA UNK B 11 -56.66 44.63 -33.16
C UNK B 11 -57.96 43.92 -32.84
N UNK B 12 -58.39 44.04 -31.59
CA UNK B 12 -59.63 43.53 -31.06
C UNK B 12 -59.94 44.31 -29.79
N UNK B 13 -61.19 44.28 -29.34
CA UNK B 13 -61.54 44.91 -28.07
C UNK B 13 -62.08 43.88 -27.08
N UNK B 14 -61.71 42.63 -27.31
CA UNK B 14 -62.14 41.51 -26.50
C UNK B 14 -61.16 40.37 -26.62
N UNK B 15 -61.18 39.43 -25.69
CA UNK B 15 -60.34 38.26 -25.92
C UNK B 15 -60.80 37.65 -27.21
N UNK B 16 -59.86 37.29 -28.06
CA UNK B 16 -60.18 36.71 -29.35
C UNK B 16 -59.00 35.92 -29.83
N UNK B 17 -59.22 34.99 -30.73
CA UNK B 17 -58.10 34.29 -31.32
C UNK B 17 -57.40 35.29 -32.23
N UNK B 18 -56.10 35.15 -32.39
CA UNK B 18 -55.37 36.09 -33.23
C UNK B 18 -54.11 35.49 -33.83
N UNK B 19 -53.61 36.11 -34.90
CA UNK B 19 -52.37 35.68 -35.51
C UNK B 19 -51.62 36.84 -36.17
N UNK B 20 -50.32 36.61 -36.34
CA UNK B 20 -49.35 37.51 -36.99
C UNK B 20 -48.32 36.63 -37.67
N UNK B 21 -47.60 37.16 -38.63
CA UNK B 21 -46.64 36.35 -39.36
C UNK B 21 -45.48 37.17 -39.84
N UNK B 22 -44.42 36.48 -40.27
CA UNK B 22 -43.30 37.19 -40.84
C UNK B 22 -42.55 36.35 -41.86
N UNK B 23 -42.22 37.01 -42.95
CA UNK B 23 -41.42 36.43 -43.98
C UNK B 23 -39.99 36.69 -43.57
N UNK B 24 -39.55 35.99 -42.54
CA UNK B 24 -38.22 36.26 -42.07
C UNK B 24 -37.21 35.89 -43.14
N UNK B 25 -36.25 36.80 -43.42
CA UNK B 25 -35.19 36.49 -44.37
C UNK B 25 -34.30 35.42 -43.79
N UNK B 26 -34.12 35.49 -42.48
CA UNK B 26 -33.29 34.55 -41.78
C UNK B 26 -33.94 33.19 -41.72
N UNK B 27 -33.15 32.15 -41.97
CA UNK B 27 -33.67 30.80 -41.81
C UNK B 27 -33.53 30.37 -40.37
N UNK B 28 -34.21 31.09 -39.49
CA UNK B 28 -34.14 30.83 -38.06
C UNK B 28 -35.08 29.69 -37.70
N UNK B 29 -36.03 29.47 -38.60
CA UNK B 29 -37.08 28.50 -38.44
C UNK B 29 -37.79 28.77 -37.14
N UNK B 30 -37.67 27.87 -36.18
CA UNK B 30 -38.37 28.07 -34.92
C UNK B 30 -37.86 29.29 -34.18
N UNK B 31 -36.57 29.62 -34.30
CA UNK B 31 -36.00 30.71 -33.51
C UNK B 31 -36.26 32.09 -34.15
N UNK B 32 -37.53 32.39 -34.33
CA UNK B 32 -38.05 33.62 -34.90
C UNK B 32 -38.29 34.69 -33.85
N UNK B 33 -38.09 34.32 -32.59
CA UNK B 33 -38.27 35.12 -31.39
C UNK B 33 -39.64 35.77 -31.28
N TRP B 34 -40.73 35.04 -31.47
CA TRP B 34 -42.07 35.64 -31.36
C TRP B 34 -42.48 35.87 -29.91
N UNK B 35 -41.76 36.79 -29.27
CA UNK B 35 -41.90 37.14 -27.87
C UNK B 35 -43.10 38.01 -27.59
N UNK B 36 -43.47 38.83 -28.56
CA UNK B 36 -44.51 39.84 -28.42
C UNK B 36 -44.09 40.85 -27.38
N UNK B 37 -44.98 41.79 -27.13
CA UNK B 37 -44.79 42.86 -26.17
C UNK B 37 -46.14 43.40 -25.80
N UNK B 38 -46.94 42.62 -25.09
CA UNK B 38 -48.27 43.10 -24.79
C UNK B 38 -48.17 44.29 -23.84
N UNK B 39 -49.08 45.24 -24.02
CA UNK B 39 -49.17 46.45 -23.21
C UNK B 39 -47.82 47.13 -23.16
N UNK B 40 -47.35 47.42 -21.96
CA UNK B 40 -46.05 48.05 -21.81
C UNK B 40 -45.26 47.31 -20.76
N UNK B 41 -45.47 45.99 -20.68
CA UNK B 41 -44.80 45.20 -19.65
C UNK B 41 -43.39 44.79 -20.05
N UNK B 42 -42.56 45.79 -20.32
CA UNK B 42 -41.15 45.66 -20.70
C UNK B 42 -40.97 44.63 -21.80
N UNK B 43 -41.88 44.53 -22.74
CA UNK B 43 -41.75 43.54 -23.79
C UNK B 43 -41.46 42.12 -23.29
N UNK B 44 -42.01 41.71 -22.14
CA UNK B 44 -41.73 40.37 -21.65
C UNK B 44 -42.21 39.31 -22.64
N UNK B 45 -41.42 38.25 -22.84
CA UNK B 45 -41.81 37.23 -23.81
C UNK B 45 -42.96 36.36 -23.37
N UNK B 46 -43.85 36.11 -24.33
CA UNK B 46 -44.97 35.20 -24.22
C UNK B 46 -44.58 33.78 -24.64
N UNK B 47 -43.55 33.67 -25.46
CA UNK B 47 -43.15 32.37 -25.98
C UNK B 47 -41.71 32.39 -26.42
N UNK B 48 -41.08 31.23 -26.41
CA UNK B 48 -39.75 31.07 -26.96
C UNK B 48 -39.95 30.77 -28.43
N UNK B 49 -40.45 31.77 -29.11
CA UNK B 49 -40.82 31.67 -30.51
C UNK B 49 -41.66 30.43 -30.77
N UNK B 50 -41.27 29.63 -31.78
CA UNK B 50 -42.00 28.40 -32.07
C UNK B 50 -41.25 27.21 -31.50
N UNK B 51 -40.21 27.48 -30.71
CA UNK B 51 -39.40 26.43 -30.13
C UNK B 51 -40.04 25.89 -28.86
N UNK B 52 -40.57 26.79 -28.03
CA UNK B 52 -41.20 26.37 -26.77
C UNK B 52 -42.16 27.42 -26.21
N UNK B 53 -43.11 26.97 -25.40
CA UNK B 53 -43.97 27.88 -24.66
C UNK B 53 -43.14 28.54 -23.58
N UNK B 54 -43.46 29.77 -23.22
CA UNK B 54 -42.73 30.44 -22.16
C UNK B 54 -43.30 30.05 -20.81
N UNK B 55 -42.46 30.12 -19.80
CA UNK B 55 -42.92 29.92 -18.44
C UNK B 55 -43.73 31.13 -18.06
N UNK B 56 -44.68 30.97 -17.15
CA UNK B 56 -45.50 32.09 -16.68
C UNK B 56 -46.14 32.82 -17.85
N UNK B 57 -46.72 32.03 -18.75
CA UNK B 57 -47.38 32.54 -19.93
C UNK B 57 -48.56 31.65 -20.26
N UNK B 58 -49.53 32.19 -20.98
CA UNK B 58 -50.73 31.45 -21.38
C UNK B 58 -50.41 30.31 -22.32
N UNK B 59 -51.20 29.24 -22.20
CA UNK B 59 -51.09 28.05 -23.05
C UNK B 59 -51.79 28.27 -24.39
N UNK B 60 -52.40 29.43 -24.54
CA UNK B 60 -53.15 29.82 -25.71
C UNK B 60 -52.30 29.84 -26.99
N UNK B 61 -51.01 30.20 -26.91
CA UNK B 61 -50.20 30.29 -28.13
C UNK B 61 -49.83 28.93 -28.71
N UNK B 62 -49.95 28.80 -30.03
CA UNK B 62 -49.58 27.57 -30.72
C UNK B 62 -49.45 27.67 -32.25
N UNK B 63 -48.75 28.68 -32.78
CA UNK B 63 -48.65 28.76 -34.25
C UNK B 63 -47.95 27.56 -34.87
N UNK B 64 -46.93 27.05 -34.18
CA UNK B 64 -46.13 25.92 -34.63
C UNK B 64 -45.58 26.15 -36.04
N UNK B 65 -45.15 27.38 -36.32
CA UNK B 65 -44.59 27.72 -37.61
C UNK B 65 -43.10 27.94 -37.45
N UNK B 66 -42.32 27.14 -38.15
CA UNK B 66 -40.88 27.16 -38.02
C UNK B 66 -40.17 26.98 -39.35
N UNK B 67 -40.17 28.01 -40.19
CA UNK B 67 -39.58 27.91 -41.52
C UNK B 67 -39.06 29.26 -42.03
N UNK B 68 -38.06 29.19 -42.91
CA UNK B 68 -37.54 30.41 -43.52
C UNK B 68 -38.63 31.03 -44.35
N UNK B 69 -38.78 32.35 -44.23
CA UNK B 69 -39.79 33.14 -44.93
C UNK B 69 -41.23 32.66 -44.67
N UNK B 70 -41.46 31.88 -43.60
CA UNK B 70 -42.80 31.42 -43.29
C UNK B 70 -42.97 31.17 -41.80
N UNK B 71 -42.71 32.20 -40.99
CA UNK B 71 -42.81 32.13 -39.55
C UNK B 71 -44.17 32.66 -39.13
N UNK B 72 -44.64 32.29 -37.94
CA UNK B 72 -45.90 32.82 -37.46
C UNK B 72 -46.08 32.75 -35.96
N UNK B 73 -46.98 33.58 -35.50
CA UNK B 73 -47.41 33.59 -34.11
C UNK B 73 -48.91 33.56 -34.10
N UNK B 74 -49.47 32.80 -33.19
CA UNK B 74 -50.91 32.70 -33.12
C UNK B 74 -51.31 32.22 -31.77
N UNK B 75 -52.53 32.55 -31.39
CA UNK B 75 -53.06 32.06 -30.13
C UNK B 75 -54.57 31.99 -30.09
N UNK B 76 -55.04 31.11 -29.21
CA UNK B 76 -56.43 30.96 -28.86
C UNK B 76 -56.87 32.16 -28.05
N UNK B 77 -58.16 32.44 -28.05
CA UNK B 77 -58.62 33.56 -27.25
C UNK B 77 -58.25 33.34 -25.79
N UNK B 78 -57.78 34.39 -25.14
CA UNK B 78 -57.42 34.30 -23.74
C UNK B 78 -57.98 35.48 -22.96
N UNK B 79 -57.10 36.34 -22.47
CA UNK B 79 -57.51 37.53 -21.75
C UNK B 79 -57.84 38.67 -22.70
N UNK B 80 -58.68 39.59 -22.26
CA UNK B 80 -58.82 40.81 -23.04
C UNK B 80 -57.50 41.57 -22.92
N UNK B 81 -56.82 41.41 -21.79
CA UNK B 81 -55.53 42.04 -21.60
C UNK B 81 -54.45 41.15 -22.25
N UNK B 82 -54.51 41.05 -23.56
CA UNK B 82 -53.64 40.18 -24.34
C UNK B 82 -53.27 40.77 -25.69
N UNK B 83 -52.66 41.95 -25.69
CA UNK B 83 -52.30 42.61 -26.95
C UNK B 83 -51.04 42.01 -27.54
N UNK B 84 -51.17 40.78 -27.97
CA UNK B 84 -50.05 39.97 -28.44
C UNK B 84 -49.67 40.30 -29.86
N UNK B 85 -49.02 41.45 -30.00
CA UNK B 85 -48.55 41.95 -31.28
C UNK B 85 -47.63 40.95 -31.94
N UNK B 86 -46.86 40.25 -31.12
CA UNK B 86 -45.96 39.24 -31.63
C UNK B 86 -45.04 39.78 -32.68
N UNK B 87 -44.40 40.92 -32.48
CA UNK B 87 -43.45 41.29 -33.50
C UNK B 87 -42.32 40.25 -33.46
N UNK B 88 -41.80 39.82 -34.61
CA UNK B 88 -40.70 38.85 -34.69
C UNK B 88 -39.36 39.51 -34.44
N UNK B 89 -38.36 38.68 -34.15
CA UNK B 89 -36.97 39.09 -34.00
C UNK B 89 -36.09 37.91 -34.32
N UNK B 90 -35.99 37.58 -35.59
CA UNK B 90 -35.37 36.31 -35.95
C UNK B 90 -33.94 36.25 -35.51
N UNK B 91 -33.51 35.05 -35.10
CA UNK B 91 -32.15 34.91 -34.62
C UNK B 91 -31.16 35.42 -35.64
N UNK B 92 -31.38 35.14 -36.92
CA UNK B 92 -30.55 35.70 -37.99
C UNK B 92 -29.07 35.63 -37.67
N UNK B 93 -28.43 36.80 -37.65
CA UNK B 93 -27.02 36.96 -37.38
C UNK B 93 -26.81 38.32 -36.74
N UNK B 94 -25.74 38.46 -35.95
CA UNK B 94 -25.47 39.71 -35.22
C UNK B 94 -26.64 40.00 -34.28
N UNK B 95 -27.22 41.19 -34.33
CA UNK B 95 -28.34 41.50 -33.44
C UNK B 95 -29.60 40.91 -34.06
N UNK B 96 -30.57 40.50 -33.25
CA UNK B 96 -31.77 39.85 -33.81
C UNK B 96 -32.52 40.70 -34.81
N UNK B 97 -33.10 40.03 -35.78
CA UNK B 97 -33.80 40.66 -36.87
C UNK B 97 -35.21 41.05 -36.51
N PHE B 98 -35.33 42.14 -35.76
CA PHE B 98 -36.64 42.61 -35.30
C PHE B 98 -37.48 42.99 -36.50
N UNK B 99 -38.74 42.57 -36.45
CA UNK B 99 -39.77 42.84 -37.44
C UNK B 99 -40.65 43.99 -36.98
N UNK B 100 -41.45 44.52 -37.89
CA UNK B 100 -42.39 45.58 -37.60
C UNK B 100 -43.31 45.19 -36.46
N UNK B 101 -43.79 46.23 -35.77
CA UNK B 101 -44.59 46.10 -34.56
C UNK B 101 -45.79 45.19 -34.63
N UNK B 102 -46.50 45.15 -35.76
CA UNK B 102 -47.69 44.29 -35.83
C UNK B 102 -48.66 44.57 -34.69
N UNK B 103 -48.98 45.83 -34.47
CA UNK B 103 -49.81 46.22 -33.34
C UNK B 103 -51.07 45.38 -33.26
N UNK B 104 -51.39 45.02 -32.02
CA UNK B 104 -52.50 44.17 -31.65
C UNK B 104 -53.24 44.68 -30.44
N UNK B 105 -54.41 44.12 -30.22
CA UNK B 105 -55.24 44.45 -29.08
C UNK B 105 -56.12 43.24 -28.75
N UNK B 106 -56.72 43.19 -27.55
CA UNK B 106 -57.64 42.11 -27.13
C UNK B 106 -58.61 42.68 -26.10
N ASN C 38 15.72 20.87 -43.44
CA ASN C 38 14.43 20.93 -44.11
C ASN C 38 13.29 20.53 -43.14
N LEU C 39 13.44 19.37 -42.48
CA LEU C 39 12.49 18.77 -41.53
C LEU C 39 12.94 19.02 -40.13
N TRP C 40 11.98 18.98 -39.22
CA TRP C 40 12.16 19.23 -37.80
C TRP C 40 11.82 18.04 -36.94
N VAL C 41 12.40 17.98 -35.75
CA VAL C 41 12.07 16.90 -34.84
C VAL C 41 10.72 17.15 -34.19
N THR C 42 9.86 16.12 -34.22
CA THR C 42 8.57 16.16 -33.53
C THR C 42 8.50 15.00 -32.56
N VAL C 43 7.78 15.24 -31.47
CA VAL C 43 7.66 14.27 -30.40
C VAL C 43 6.22 13.84 -30.14
N TYR C 44 6.02 12.54 -30.05
CA TYR C 44 4.72 11.97 -29.79
C TYR C 44 4.67 11.26 -28.45
N TYR C 45 3.55 11.39 -27.73
CA TYR C 45 3.35 10.72 -26.45
C TYR C 45 2.46 9.46 -26.44
N GLY C 46 1.59 9.32 -27.41
CA GLY C 46 0.66 8.18 -27.42
C GLY C 46 1.06 7.06 -28.38
N VAL C 47 2.34 6.90 -28.64
CA VAL C 47 2.76 5.99 -29.68
C VAL C 47 2.48 4.53 -29.34
N PRO C 48 1.77 3.77 -30.19
CA PRO C 48 1.38 2.39 -29.99
C PRO C 48 2.49 1.36 -30.24
N VAL C 49 3.54 1.43 -29.42
CA VAL C 49 4.65 0.49 -29.54
C VAL C 49 4.96 -0.16 -28.21
N TRP C 50 5.71 -1.26 -28.25
CA TRP C 50 6.04 -1.99 -27.05
C TRP C 50 7.34 -2.77 -27.11
N LYS C 51 7.77 -3.21 -25.93
CA LYS C 51 8.96 -4.05 -25.76
C LYS C 51 8.73 -5.26 -24.87
N ASP C 52 9.52 -6.30 -25.09
CA ASP C 52 9.42 -7.49 -24.25
C ASP C 52 9.68 -7.06 -22.82
N ALA C 53 8.88 -7.54 -21.87
CA ALA C 53 9.14 -7.12 -20.51
C ALA C 53 8.70 -8.12 -19.47
N GLU C 54 9.29 -8.02 -18.30
CA GLU C 54 8.91 -8.89 -17.22
C GLU C 54 8.38 -8.09 -16.06
N THR C 55 7.14 -8.34 -15.70
CA THR C 55 6.53 -7.63 -14.59
C THR C 55 5.75 -8.55 -13.71
N THR C 56 5.16 -7.98 -12.68
CA THR C 56 4.35 -8.71 -11.73
C THR C 56 2.92 -8.75 -12.24
N LEU C 57 2.35 -9.94 -12.33
CA LEU C 57 0.99 -10.10 -12.77
C LEU C 57 0.09 -10.28 -11.59
N PHE C 58 -1.17 -10.01 -11.77
CA PHE C 58 -2.10 -10.25 -10.68
C PHE C 58 -3.13 -11.25 -11.15
N CYS C 59 -3.80 -11.93 -10.19
CA CYS C 59 -4.81 -12.94 -10.47
C CYS C 59 -6.20 -12.32 -10.58
N ALA C 60 -7.07 -13.03 -11.26
CA ALA C 60 -8.48 -12.68 -11.20
C ALA C 60 -9.31 -13.99 -11.17
N SER C 61 -10.38 -13.98 -10.35
CA SER C 61 -11.32 -15.08 -10.10
C SER C 61 -12.62 -14.86 -10.87
N HIS C 77 -8.40 -17.52 -1.66
CA HIS C 77 -7.35 -16.51 -1.75
C HIS C 77 -7.68 -15.39 -2.72
N CYS C 78 -7.71 -15.70 -4.05
CA CYS C 78 -7.84 -14.70 -5.09
C CYS C 78 -9.30 -14.24 -5.10
N CYS C 79 -9.47 -12.98 -4.74
CA CYS C 79 -10.77 -12.38 -4.61
C CYS C 79 -10.87 -11.16 -5.50
N VAL C 80 -10.10 -11.20 -6.58
CA VAL C 80 -10.05 -10.14 -7.54
C VAL C 80 -11.03 -10.44 -8.68
N PRO C 81 -11.99 -9.56 -8.99
CA PRO C 81 -12.95 -9.70 -10.06
C PRO C 81 -12.28 -9.72 -11.43
N THR C 82 -12.93 -10.40 -12.42
CA THR C 82 -12.51 -10.46 -13.82
C THR C 82 -13.27 -9.38 -14.60
N GLN C 87 -12.37 -8.22 -22.95
CA GLN C 87 -12.54 -8.08 -24.39
C GLN C 87 -11.17 -8.06 -25.10
N GLU C 88 -11.01 -8.99 -26.07
CA GLU C 88 -9.85 -9.15 -26.95
C GLU C 88 -9.84 -8.17 -28.12
N ILE C 89 -8.70 -7.53 -28.34
CA ILE C 89 -8.54 -6.61 -29.45
C ILE C 89 -7.57 -7.10 -30.50
N VAL C 90 -8.04 -7.38 -31.70
CA VAL C 90 -7.14 -7.94 -32.69
C VAL C 90 -6.30 -6.86 -33.33
N LEU C 91 -5.01 -7.12 -33.42
CA LEU C 91 -4.10 -6.19 -34.04
C LEU C 91 -3.86 -6.69 -35.45
N GLU C 92 -4.29 -5.94 -36.43
CA GLU C 92 -4.14 -6.39 -37.80
C GLU C 92 -2.79 -5.91 -38.33
N ASN C 93 -2.25 -6.63 -39.34
CA ASN C 93 -1.00 -6.35 -40.08
C ASN C 93 0.24 -6.24 -39.16
N VAL C 94 0.33 -7.07 -38.10
CA VAL C 94 1.46 -7.14 -37.17
C VAL C 94 1.84 -8.58 -36.96
N THR C 95 3.14 -8.83 -36.89
CA THR C 95 3.62 -10.16 -36.61
C THR C 95 4.42 -10.06 -35.33
N GLU C 96 4.17 -10.93 -34.38
CA GLU C 96 4.87 -10.89 -33.11
C GLU C 96 5.60 -12.20 -32.88
N ASN C 97 6.85 -12.12 -32.44
CA ASN C 97 7.63 -13.33 -32.18
C ASN C 97 7.42 -13.84 -30.75
N PHE C 98 6.78 -15.00 -30.64
CA PHE C 98 6.42 -15.63 -29.37
C PHE C 98 7.34 -16.81 -29.08
N ASN C 99 7.55 -17.10 -27.79
CA ASN C 99 8.35 -18.25 -27.41
C ASN C 99 7.81 -18.82 -26.12
N MET C 100 7.22 -20.00 -26.17
CA MET C 100 6.66 -20.58 -24.96
C MET C 100 7.73 -21.00 -23.95
N TRP C 101 8.97 -21.17 -24.39
CA TRP C 101 10.02 -21.55 -23.47
C TRP C 101 10.74 -20.29 -23.10
N LYS C 102 11.22 -20.23 -21.86
CA LYS C 102 11.86 -19.04 -21.30
C LYS C 102 10.82 -17.92 -21.23
N ASN C 103 9.59 -18.33 -20.95
CA ASN C 103 8.46 -17.45 -20.80
C ASN C 103 8.28 -17.18 -19.33
N ASN C 104 8.53 -15.96 -18.91
CA ASN C 104 8.53 -15.66 -17.50
C ASN C 104 7.16 -15.75 -16.87
N MET C 105 6.10 -15.89 -17.67
CA MET C 105 4.78 -16.03 -17.10
C MET C 105 4.71 -17.39 -16.43
N VAL C 106 5.46 -18.36 -16.95
CA VAL C 106 5.45 -19.70 -16.42
C VAL C 106 6.21 -19.66 -15.14
N GLU C 107 7.33 -18.97 -15.18
CA GLU C 107 8.16 -18.91 -13.98
C GLU C 107 7.43 -18.19 -12.88
N GLN C 108 6.68 -17.15 -13.23
CA GLN C 108 5.99 -16.45 -12.21
C GLN C 108 4.86 -17.28 -11.64
N MET C 109 4.15 -18.02 -12.49
CA MET C 109 3.07 -18.85 -11.98
C MET C 109 3.63 -19.86 -11.01
N HIS C 110 4.80 -20.42 -11.33
CA HIS C 110 5.43 -21.40 -10.47
C HIS C 110 5.73 -20.80 -9.11
N GLU C 111 6.36 -19.63 -9.08
CA GLU C 111 6.69 -19.08 -7.79
C GLU C 111 5.44 -18.72 -6.99
N ASP C 112 4.41 -18.20 -7.65
CA ASP C 112 3.23 -17.82 -6.93
C ASP C 112 2.39 -18.97 -6.46
N ILE C 113 2.31 -20.05 -7.25
CA ILE C 113 1.50 -21.16 -6.80
C ILE C 113 2.14 -21.81 -5.59
N ILE C 114 3.47 -21.84 -5.55
CA ILE C 114 4.13 -22.42 -4.42
C ILE C 114 3.93 -21.57 -3.20
N SER C 115 4.09 -20.26 -3.34
CA SER C 115 3.92 -19.38 -2.21
C SER C 115 2.52 -19.49 -1.67
N LEU C 116 1.52 -19.51 -2.54
CA LEU C 116 0.18 -19.61 -2.05
C LEU C 116 -0.08 -20.91 -1.34
N TRP C 117 0.38 -22.00 -1.92
CA TRP C 117 0.16 -23.29 -1.31
C TRP C 117 0.67 -23.22 0.11
N ASP C 118 1.89 -22.70 0.27
CA ASP C 118 2.51 -22.62 1.56
C ASP C 118 1.74 -21.71 2.51
N GLN C 119 1.24 -20.58 2.01
CA GLN C 119 0.51 -19.70 2.91
C GLN C 119 -0.77 -20.36 3.41
N SER C 120 -1.43 -21.14 2.55
CA SER C 120 -2.65 -21.83 2.93
C SER C 120 -2.38 -22.97 3.90
N LEU C 121 -1.27 -23.67 3.72
CA LEU C 121 -0.89 -24.77 4.58
C LEU C 121 -0.38 -24.34 5.95
N LYS C 122 0.43 -23.29 5.98
CA LYS C 122 1.06 -22.79 7.19
C LYS C 122 0.20 -22.72 8.47
N PRO C 123 -0.97 -22.04 8.52
CA PRO C 123 -1.77 -21.87 9.73
C PRO C 123 -2.61 -23.09 10.10
N CYS C 124 -1.94 -24.21 10.44
CA CYS C 124 -2.56 -25.49 10.80
C CYS C 124 -1.65 -26.27 11.75
N VAL C 125 -2.10 -27.45 12.14
CA VAL C 125 -1.48 -28.36 13.09
C VAL C 125 -0.18 -28.98 12.61
N LYS C 126 0.83 -28.93 13.47
CA LYS C 126 2.11 -29.53 13.16
C LYS C 126 2.05 -30.94 13.66
N LEU C 127 2.65 -31.88 12.95
CA LEU C 127 2.60 -33.25 13.38
C LEU C 127 3.85 -33.75 14.11
N THR C 128 4.79 -32.86 14.40
CA THR C 128 6.02 -33.23 15.09
C THR C 128 5.82 -34.15 16.31
N PRO C 129 4.86 -33.92 17.23
CA PRO C 129 4.62 -34.73 18.43
C PRO C 129 4.33 -36.20 18.13
N LEU C 130 3.99 -36.54 16.88
CA LEU C 130 3.72 -37.92 16.49
C LEU C 130 4.97 -38.74 16.13
N CYS C 131 6.18 -38.13 16.13
CA CYS C 131 7.43 -38.80 15.78
C CYS C 131 7.95 -39.60 16.98
N VAL C 132 7.29 -40.71 17.18
CA VAL C 132 7.57 -41.70 18.21
C VAL C 132 7.70 -43.04 17.57
N THR C 133 8.24 -44.00 18.29
CA THR C 133 8.30 -45.31 17.70
C THR C 133 6.90 -45.86 17.61
N LEU C 134 6.55 -46.37 16.44
CA LEU C 134 5.24 -46.94 16.28
C LEU C 134 5.37 -48.46 16.38
N ASN C 135 4.43 -49.12 17.09
CA ASN C 135 4.31 -50.58 17.21
C ASN C 135 3.30 -51.04 16.17
N CYS C 136 3.79 -51.57 15.01
CA CYS C 136 2.95 -51.82 13.83
C CYS C 136 2.76 -53.29 13.48
N THR C 137 1.53 -53.63 13.16
CA THR C 137 1.18 -54.96 12.71
C THR C 137 0.41 -54.91 11.37
N ASN C 138 0.00 -56.09 10.85
CA ASN C 138 -0.74 -56.24 9.59
C ASN C 138 -2.20 -55.87 9.80
N ALA C 139 -2.66 -54.76 9.16
CA ALA C 139 -4.02 -54.24 9.34
C ALA C 139 -5.07 -55.08 8.65
N THR C 140 -6.20 -55.16 9.30
CA THR C 140 -7.41 -55.76 8.81
C THR C 140 -8.41 -54.67 9.11
N ALA C 141 -9.61 -54.76 8.58
CA ALA C 141 -10.60 -53.76 8.87
C ALA C 141 -11.94 -54.39 8.59
N SER C 142 -11.87 -55.38 7.72
CA SER C 142 -13.04 -56.12 7.31
C SER C 142 -12.68 -57.53 6.91
N ASN C 143 -13.52 -58.47 7.33
CA ASN C 143 -13.39 -59.90 7.05
C ASN C 143 -12.12 -60.43 7.72
N SER C 144 -11.87 -61.72 7.59
CA SER C 144 -10.66 -62.31 8.12
C SER C 144 -9.58 -62.15 7.08
N SER C 145 -9.20 -60.91 6.84
CA SER C 145 -8.24 -60.63 5.78
C SER C 145 -7.40 -59.39 6.01
N ILE C 146 -6.14 -59.52 5.64
CA ILE C 146 -5.14 -58.47 5.70
C ILE C 146 -5.19 -57.59 4.49
N ILE C 147 -5.18 -56.29 4.71
CA ILE C 147 -5.21 -55.38 3.61
C ILE C 147 -3.78 -55.01 3.26
N GLU C 148 -3.34 -55.48 2.11
CA GLU C 148 -1.97 -55.26 1.70
C GLU C 148 -1.72 -53.78 1.59
N GLY C 149 -0.63 -53.34 2.20
CA GLY C 149 -0.25 -51.94 2.16
C GLY C 149 -0.66 -51.20 3.42
N MET C 150 -1.52 -51.78 4.24
CA MET C 150 -1.90 -51.08 5.46
C MET C 150 -1.31 -51.69 6.72
N LYS C 151 -0.79 -50.81 7.57
CA LYS C 151 -0.28 -51.24 8.86
C LYS C 151 -1.07 -50.59 10.00
N ASN C 152 -1.40 -51.39 11.03
CA ASN C 152 -2.13 -50.97 12.22
C ASN C 152 -1.12 -50.66 13.31
N CYS C 153 -0.87 -49.35 13.55
CA CYS C 153 0.19 -48.87 14.43
C CYS C 153 -0.33 -48.23 15.70
N SER C 154 0.27 -48.63 16.82
CA SER C 154 -0.06 -48.03 18.09
C SER C 154 1.12 -47.20 18.58
N PHE C 155 0.81 -46.15 19.31
CA PHE C 155 1.85 -45.28 19.84
C PHE C 155 1.45 -44.49 21.09
N ASN C 156 2.44 -44.03 21.88
CA ASN C 156 2.26 -43.21 23.09
C ASN C 156 2.52 -41.73 22.81
N ILE C 157 1.45 -40.89 22.83
CA ILE C 157 1.49 -39.45 22.54
C ILE C 157 0.94 -38.60 23.68
N THR C 158 1.59 -37.48 23.93
CA THR C 158 1.22 -36.53 24.97
C THR C 158 -0.16 -35.94 24.71
N THR C 159 -0.98 -35.86 25.75
CA THR C 159 -2.35 -35.34 25.67
C THR C 159 -2.30 -33.83 25.78
N GLU C 160 -3.46 -33.17 25.68
CA GLU C 160 -3.54 -31.71 25.74
C GLU C 160 -3.11 -31.14 27.11
N LEU C 161 -2.97 -32.01 28.11
CA LEU C 161 -2.57 -31.60 29.45
C LEU C 161 -1.05 -31.44 29.57
N ARG C 162 -0.31 -31.86 28.56
CA ARG C 162 1.15 -31.76 28.58
C ARG C 162 1.81 -32.44 29.78
N ASP C 163 1.30 -33.60 30.17
CA ASP C 163 1.82 -34.36 31.29
C ASP C 163 1.52 -35.84 31.14
N LYS C 164 0.26 -36.17 31.03
CA LYS C 164 -0.20 -37.54 30.87
C LYS C 164 0.04 -37.97 29.44
N ARG C 165 0.31 -39.25 29.25
CA ARG C 165 0.52 -39.84 27.93
C ARG C 165 -0.63 -40.77 27.64
N GLU C 166 -1.00 -40.88 26.37
CA GLU C 166 -2.08 -41.79 26.01
C GLU C 166 -1.75 -42.63 24.80
N LYS C 167 -2.09 -43.91 24.90
CA LYS C 167 -1.85 -44.83 23.80
C LYS C 167 -2.96 -44.72 22.76
N LYS C 168 -2.55 -44.45 21.53
CA LYS C 168 -3.42 -44.25 20.39
C LYS C 168 -3.15 -45.22 19.27
N ASN C 169 -4.14 -45.39 18.40
CA ASN C 169 -4.00 -46.24 17.24
C ASN C 169 -4.42 -45.51 15.97
N ALA C 170 -3.70 -45.79 14.89
CA ALA C 170 -4.03 -45.25 13.57
C ALA C 170 -3.55 -46.18 12.48
N LEU C 171 -4.18 -46.12 11.31
CA LEU C 171 -3.70 -46.92 10.22
C LEU C 171 -2.84 -46.05 9.32
N PHE C 172 -1.76 -46.64 8.83
CA PHE C 172 -0.87 -45.95 7.93
C PHE C 172 -0.65 -46.72 6.66
N TYR C 173 -0.36 -46.02 5.59
CA TYR C 173 -0.02 -46.72 4.37
C TYR C 173 1.41 -47.13 4.48
N LYS C 174 1.76 -48.21 3.84
CA LYS C 174 3.12 -48.72 3.80
C LYS C 174 4.09 -47.67 3.23
N LEU C 175 3.59 -46.75 2.41
CA LEU C 175 4.39 -45.69 1.81
C LEU C 175 4.55 -44.48 2.72
N ASP C 176 3.89 -44.47 3.87
CA ASP C 176 3.95 -43.35 4.80
C ASP C 176 5.00 -43.55 5.89
N ILE C 177 5.44 -44.80 6.10
CA ILE C 177 6.34 -45.14 7.20
C ILE C 177 7.58 -45.92 6.82
N VAL C 178 8.58 -45.89 7.70
CA VAL C 178 9.83 -46.65 7.52
C VAL C 178 10.14 -47.45 8.74
N GLN C 179 10.95 -48.48 8.58
CA GLN C 179 11.38 -49.26 9.72
C GLN C 179 12.55 -48.58 10.37
N LEU C 180 12.66 -48.71 11.69
CA LEU C 180 13.81 -48.14 12.36
C LEU C 180 15.00 -49.07 12.25
N ASP C 181 14.73 -50.37 12.25
CA ASP C 181 15.77 -51.38 12.13
C ASP C 181 15.15 -52.65 11.57
N GLY C 182 15.96 -53.66 11.35
CA GLY C 182 15.45 -54.92 10.81
C GLY C 182 14.89 -55.82 11.88
N ASN C 183 14.02 -56.73 11.46
CA ASN C 183 13.42 -57.75 12.31
C ASN C 183 12.75 -57.16 13.55
N SER C 184 12.09 -56.02 13.39
CA SER C 184 11.40 -55.39 14.51
C SER C 184 10.27 -54.53 13.99
N SER C 185 9.09 -54.64 14.59
CA SER C 185 7.95 -53.86 14.13
C SER C 185 7.93 -52.47 14.73
N GLN C 186 9.01 -51.76 14.47
CA GLN C 186 9.24 -50.43 14.98
C GLN C 186 9.38 -49.46 13.85
N TYR C 187 8.41 -48.57 13.73
CA TYR C 187 8.34 -47.65 12.61
C TYR C 187 8.25 -46.20 12.96
N ARG C 188 8.63 -45.35 12.01
CA ARG C 188 8.44 -43.91 12.17
C ARG C 188 7.93 -43.37 10.85
N LEU C 189 7.45 -42.13 10.84
CA LEU C 189 6.96 -41.57 9.59
C LEU C 189 8.16 -41.27 8.71
N ILE C 190 7.98 -41.38 7.39
CA ILE C 190 9.06 -41.09 6.43
C ILE C 190 9.69 -39.71 6.56
N ASN C 191 8.98 -38.75 7.11
CA ASN C 191 9.52 -37.42 7.28
C ASN C 191 9.88 -36.99 8.71
N CYS C 192 10.06 -37.95 9.67
CA CYS C 192 10.53 -37.68 11.05
C CYS C 192 12.04 -37.66 11.05
N ASN C 193 12.60 -38.09 9.94
CA ASN C 193 14.03 -38.16 9.71
C ASN C 193 14.61 -36.73 9.64
N THR C 194 14.03 -35.90 8.72
CA THR C 194 14.38 -34.49 8.52
C THR C 194 13.11 -33.68 8.32
N SER C 195 13.12 -32.45 8.82
CA SER C 195 12.03 -31.48 8.66
C SER C 195 10.74 -31.89 9.34
N ALA C 196 9.64 -31.32 8.92
CA ALA C 196 8.40 -31.61 9.62
C ALA C 196 7.24 -31.63 8.67
N ILE C 197 6.22 -32.37 9.07
CA ILE C 197 5.05 -32.51 8.28
C ILE C 197 3.95 -31.62 8.81
N THR C 198 3.41 -30.77 7.97
CA THR C 198 2.32 -29.90 8.40
C THR C 198 1.03 -30.49 7.89
N GLN C 199 0.04 -30.61 8.76
CA GLN C 199 -1.23 -31.15 8.36
C GLN C 199 -1.99 -30.14 7.57
N ALA C 200 -2.68 -30.60 6.55
CA ALA C 200 -3.54 -29.69 5.82
C ALA C 200 -4.93 -29.71 6.47
N CYS C 201 -5.37 -28.57 7.05
CA CYS C 201 -6.68 -28.45 7.73
C CYS C 201 -7.75 -28.43 6.64
N PRO C 202 -8.77 -29.31 6.67
CA PRO C 202 -9.77 -29.51 5.63
C PRO C 202 -10.84 -28.44 5.57
N LYS C 203 -10.38 -27.21 5.49
CA LYS C 203 -11.12 -26.00 5.37
C LYS C 203 -10.53 -25.36 4.16
N VAL C 204 -9.31 -25.83 3.87
CA VAL C 204 -8.46 -25.29 2.83
C VAL C 204 -9.00 -25.45 1.44
N SER C 205 -9.72 -26.54 1.17
CA SER C 205 -10.29 -26.69 -0.16
C SER C 205 -9.28 -26.43 -1.26
N PHE C 206 -8.17 -27.16 -1.28
CA PHE C 206 -7.27 -26.89 -2.38
C PHE C 206 -7.95 -27.48 -3.59
N GLU C 207 -8.34 -26.63 -4.52
CA GLU C 207 -9.09 -27.03 -5.70
C GLU C 207 -8.53 -26.35 -6.94
N PRO C 208 -8.62 -26.96 -8.13
CA PRO C 208 -8.19 -26.42 -9.40
C PRO C 208 -9.17 -25.42 -9.95
N ILE C 209 -9.31 -24.32 -9.24
CA ILE C 209 -10.19 -23.23 -9.61
C ILE C 209 -9.48 -22.45 -10.71
N PRO C 210 -10.07 -22.20 -11.87
CA PRO C 210 -9.40 -21.50 -12.94
C PRO C 210 -9.10 -20.09 -12.53
N ILE C 211 -7.87 -19.66 -12.78
CA ILE C 211 -7.42 -18.33 -12.48
C ILE C 211 -6.96 -17.61 -13.71
N HIS C 212 -7.38 -16.37 -13.85
CA HIS C 212 -6.99 -15.56 -14.98
C HIS C 212 -5.82 -14.70 -14.58
N TYR C 213 -4.79 -14.61 -15.41
CA TYR C 213 -3.68 -13.72 -15.07
C TYR C 213 -3.79 -12.44 -15.84
N CYS C 214 -3.67 -11.30 -15.13
CA CYS C 214 -3.89 -9.96 -15.67
C CYS C 214 -2.65 -9.09 -15.55
N ALA C 215 -2.37 -8.34 -16.60
CA ALA C 215 -1.25 -7.43 -16.58
C ALA C 215 -1.62 -6.18 -15.80
N PRO C 216 -0.67 -5.54 -15.12
CA PRO C 216 -0.80 -4.29 -14.41
C PRO C 216 -0.84 -3.13 -15.37
N ALA C 217 -1.22 -1.97 -14.90
CA ALA C 217 -1.23 -0.80 -15.76
C ALA C 217 0.14 -0.57 -16.36
N GLY C 218 0.16 -0.21 -17.64
CA GLY C 218 1.39 0.05 -18.38
C GLY C 218 1.84 -1.16 -19.18
N PHE C 219 1.19 -2.28 -18.93
CA PHE C 219 1.49 -3.54 -19.56
C PHE C 219 0.28 -4.18 -20.21
N ALA C 220 0.56 -5.03 -21.16
CA ALA C 220 -0.49 -5.76 -21.84
C ALA C 220 -0.03 -7.14 -22.20
N ILE C 221 -0.98 -8.04 -22.43
CA ILE C 221 -0.60 -9.39 -22.77
C ILE C 221 -0.97 -9.66 -24.22
N LEU C 222 -0.02 -10.11 -24.99
CA LEU C 222 -0.33 -10.41 -26.37
C LEU C 222 -0.64 -11.88 -26.45
N LYS C 223 -1.65 -12.21 -27.25
CA LYS C 223 -2.06 -13.59 -27.42
C LYS C 223 -1.89 -14.03 -28.87
N CYS C 224 -1.32 -15.23 -29.08
CA CYS C 224 -1.10 -15.85 -30.39
C CYS C 224 -2.30 -16.72 -30.78
N ASN C 225 -2.90 -16.43 -31.93
CA ASN C 225 -4.03 -17.20 -32.44
C ASN C 225 -3.73 -18.13 -33.64
N ASN C 226 -2.45 -18.48 -33.89
CA ASN C 226 -2.03 -19.40 -34.94
C ASN C 226 -2.17 -20.84 -34.40
N LYS C 227 -3.11 -21.60 -34.99
CA LYS C 227 -3.52 -22.96 -34.60
C LYS C 227 -2.38 -23.98 -34.69
N THR C 228 -1.37 -23.65 -35.47
CA THR C 228 -0.21 -24.49 -35.68
C THR C 228 1.05 -23.76 -35.24
N PHE C 229 0.93 -22.81 -34.32
CA PHE C 229 2.06 -22.03 -33.83
C PHE C 229 3.26 -22.88 -33.44
N THR C 230 3.00 -23.95 -32.72
CA THR C 230 4.02 -24.89 -32.30
C THR C 230 5.19 -24.31 -31.51
N GLY C 231 4.88 -23.61 -30.45
CA GLY C 231 5.89 -23.16 -29.50
C GLY C 231 6.69 -21.91 -29.79
N THR C 232 7.36 -21.87 -30.93
CA THR C 232 8.15 -20.68 -31.20
C THR C 232 8.05 -20.05 -32.55
N GLY C 233 8.36 -18.76 -32.55
CA GLY C 233 8.55 -17.96 -33.74
C GLY C 233 7.45 -16.94 -33.97
N PRO C 234 7.52 -16.23 -35.09
CA PRO C 234 6.60 -15.20 -35.49
C PRO C 234 5.20 -15.79 -35.55
N CYS C 235 4.20 -15.03 -35.10
CA CYS C 235 2.78 -15.38 -35.07
C CYS C 235 1.97 -14.24 -35.64
N ASN C 236 1.03 -14.60 -36.51
CA ASN C 236 0.10 -13.65 -37.09
C ASN C 236 -1.19 -13.72 -36.30
N ASN C 237 -2.21 -12.88 -36.62
CA ASN C 237 -3.51 -12.81 -35.94
C ASN C 237 -3.33 -12.65 -34.41
N VAL C 238 -2.39 -11.76 -34.02
CA VAL C 238 -2.01 -11.44 -32.66
C VAL C 238 -2.98 -10.46 -32.09
N SER C 239 -3.42 -10.71 -30.89
CA SER C 239 -4.37 -9.82 -30.28
C SER C 239 -3.95 -9.43 -28.91
N THR C 240 -4.51 -8.35 -28.43
CA THR C 240 -4.18 -7.90 -27.11
C THR C 240 -5.31 -8.14 -26.14
N VAL C 241 -4.94 -8.68 -25.00
CA VAL C 241 -5.89 -8.89 -23.94
C VAL C 241 -5.30 -8.29 -22.70
N GLN C 242 -6.14 -8.00 -21.72
CA GLN C 242 -5.56 -7.56 -20.45
C GLN C 242 -5.35 -8.74 -19.49
N CYS C 243 -6.22 -9.79 -19.59
CA CYS C 243 -6.25 -11.00 -18.77
C CYS C 243 -6.24 -12.23 -19.68
N THR C 244 -5.59 -13.29 -19.23
CA THR C 244 -5.53 -14.55 -19.93
C THR C 244 -6.80 -15.29 -19.68
N HIS C 245 -7.00 -16.38 -20.42
CA HIS C 245 -8.14 -17.24 -20.18
C HIS C 245 -7.89 -17.86 -18.82
N GLY C 246 -8.92 -18.43 -18.21
CA GLY C 246 -8.64 -19.00 -16.91
C GLY C 246 -7.88 -20.28 -17.08
N ILE C 247 -6.87 -20.48 -16.25
CA ILE C 247 -6.10 -21.70 -16.25
C ILE C 247 -6.29 -22.43 -14.96
N LYS C 248 -6.67 -23.69 -15.06
CA LYS C 248 -6.86 -24.48 -13.87
C LYS C 248 -5.51 -25.05 -13.49
N PRO C 249 -5.00 -24.83 -12.29
CA PRO C 249 -3.71 -25.28 -11.83
C PRO C 249 -3.73 -26.74 -11.45
N VAL C 250 -3.95 -27.58 -12.43
CA VAL C 250 -4.01 -29.01 -12.22
C VAL C 250 -2.61 -29.55 -12.30
N VAL C 251 -2.22 -30.34 -11.32
CA VAL C 251 -0.86 -30.84 -11.26
C VAL C 251 -0.74 -32.35 -11.42
N SER C 252 0.10 -32.75 -12.36
CA SER C 252 0.40 -34.14 -12.66
C SER C 252 1.86 -34.29 -13.10
N THR C 253 2.27 -35.54 -13.28
CA THR C 253 3.63 -35.94 -13.65
C THR C 253 3.80 -36.51 -15.06
N GLN C 254 2.70 -36.76 -15.69
CA GLN C 254 2.60 -37.34 -17.01
C GLN C 254 1.14 -37.19 -17.30
N LEU C 255 0.69 -37.44 -18.50
CA LEU C 255 -0.75 -37.39 -18.74
C LEU C 255 -1.36 -36.11 -18.16
N LEU C 256 -1.15 -35.02 -18.87
CA LEU C 256 -1.62 -33.71 -18.46
C LEU C 256 -3.11 -33.75 -18.35
N LEU C 257 -3.65 -33.21 -17.27
CA LEU C 257 -5.10 -33.26 -17.14
C LEU C 257 -5.78 -31.91 -17.14
N ASN C 258 -7.02 -31.90 -17.67
CA ASN C 258 -8.01 -30.81 -17.70
C ASN C 258 -7.48 -29.50 -18.33
N GLY C 259 -6.65 -29.57 -19.40
CA GLY C 259 -6.14 -28.41 -20.11
C GLY C 259 -7.04 -28.09 -21.28
N SER C 260 -6.60 -27.16 -22.09
CA SER C 260 -7.34 -26.76 -23.26
C SER C 260 -6.99 -27.76 -24.33
N LEU C 261 -7.85 -27.96 -25.31
CA LEU C 261 -7.51 -28.81 -26.44
C LEU C 261 -7.07 -27.99 -27.62
N ALA C 262 -6.22 -28.59 -28.45
CA ALA C 262 -5.73 -27.93 -29.64
C ALA C 262 -6.89 -27.66 -30.59
N GLU C 263 -6.86 -26.50 -31.25
CA GLU C 263 -7.89 -26.14 -32.22
C GLU C 263 -7.87 -27.00 -33.47
N GLY C 264 -6.66 -27.34 -33.89
CA GLY C 264 -6.39 -28.11 -35.07
C GLY C 264 -6.00 -29.52 -34.70
N GLU C 265 -5.01 -30.05 -35.37
CA GLU C 265 -4.55 -31.41 -35.17
C GLU C 265 -3.62 -31.49 -33.98
N ILE C 266 -3.14 -32.69 -33.66
CA ILE C 266 -2.29 -32.82 -32.49
C ILE C 266 -0.97 -32.10 -32.72
N ILE C 267 -0.59 -31.27 -31.77
CA ILE C 267 0.63 -30.50 -31.91
C ILE C 267 1.71 -31.00 -30.98
N ILE C 268 2.87 -31.27 -31.54
CA ILE C 268 3.97 -31.72 -30.71
C ILE C 268 4.94 -30.58 -30.56
N ARG C 269 5.15 -30.17 -29.32
CA ARG C 269 5.98 -29.01 -29.06
C ARG C 269 7.22 -29.32 -28.24
N SER C 270 8.34 -28.82 -28.71
CA SER C 270 9.59 -28.97 -27.98
C SER C 270 10.50 -27.84 -28.27
N GLU C 271 11.27 -27.43 -27.28
CA GLU C 271 12.22 -26.36 -27.45
C GLU C 271 13.21 -26.76 -28.55
N ASN C 272 13.54 -28.04 -28.59
CA ASN C 272 14.42 -28.61 -29.60
C ASN C 272 13.99 -30.03 -29.74
N ILE C 273 13.16 -30.35 -30.73
CA ILE C 273 12.67 -31.72 -30.76
C ILE C 273 13.79 -32.67 -31.13
N THR C 274 14.72 -32.20 -31.96
CA THR C 274 15.84 -33.03 -32.36
C THR C 274 16.95 -32.92 -31.32
N ASP C 275 16.64 -33.40 -30.13
CA ASP C 275 17.51 -33.38 -28.95
C ASP C 275 17.09 -34.51 -28.01
N ASN C 276 17.78 -34.66 -26.89
CA ASN C 276 17.43 -35.68 -25.92
C ASN C 276 17.38 -34.99 -24.60
N GLY C 277 17.83 -33.74 -24.63
CA GLY C 277 17.92 -32.92 -23.44
C GLY C 277 16.65 -32.13 -23.16
N LYS C 278 15.65 -32.30 -24.02
CA LYS C 278 14.42 -31.56 -23.90
C LYS C 278 13.21 -32.45 -23.78
N THR C 279 12.23 -31.94 -23.06
CA THR C 279 10.94 -32.57 -22.86
C THR C 279 10.00 -32.25 -24.00
N ILE C 280 9.27 -33.25 -24.45
CA ILE C 280 8.30 -33.08 -25.52
C ILE C 280 6.88 -33.01 -24.98
N LEU C 281 6.18 -31.94 -25.32
CA LEU C 281 4.81 -31.80 -24.86
C LEU C 281 3.87 -32.09 -26.00
N VAL C 282 3.01 -33.06 -25.80
CA VAL C 282 2.08 -33.42 -26.85
C VAL C 282 0.73 -32.87 -26.50
N HIS C 283 0.21 -32.00 -27.34
CA HIS C 283 -1.06 -31.36 -27.07
C HIS C 283 -2.15 -31.96 -27.93
N LEU C 284 -3.08 -32.62 -27.29
CA LEU C 284 -4.13 -33.33 -28.01
C LEU C 284 -5.23 -32.37 -28.43
N ASN C 285 -5.94 -32.71 -29.53
CA ASN C 285 -7.13 -31.99 -30.01
C ASN C 285 -8.46 -32.64 -29.54
N GLU C 286 -8.39 -33.82 -28.87
CA GLU C 286 -9.48 -34.62 -28.31
C GLU C 286 -8.99 -35.09 -26.97
N SER C 287 -9.84 -35.15 -25.98
CA SER C 287 -9.37 -35.67 -24.70
C SER C 287 -9.79 -37.11 -24.48
N VAL C 288 -9.04 -37.79 -23.62
CA VAL C 288 -9.34 -39.17 -23.26
C VAL C 288 -10.03 -39.17 -21.91
N LYS C 289 -11.17 -39.84 -21.81
CA LYS C 289 -11.84 -39.84 -20.53
C LYS C 289 -11.17 -40.80 -19.59
N ILE C 290 -10.77 -40.32 -18.42
CA ILE C 290 -10.16 -41.18 -17.41
C ILE C 290 -10.93 -41.16 -16.12
N GLU C 291 -11.24 -42.34 -15.61
CA GLU C 291 -11.97 -42.41 -14.36
C GLU C 291 -11.11 -43.08 -13.30
N CYS C 292 -11.04 -42.47 -12.10
CA CYS C 292 -10.24 -42.94 -10.97
C CYS C 292 -11.11 -43.11 -9.73
N THR C 293 -10.87 -44.19 -9.02
CA THR C 293 -11.66 -44.41 -7.83
C THR C 293 -10.99 -45.21 -6.74
N ARG C 294 -11.49 -44.98 -5.57
CA ARG C 294 -11.11 -45.69 -4.37
C ARG C 294 -12.37 -46.30 -3.77
N PRO C 295 -12.69 -47.57 -4.08
CA PRO C 295 -13.93 -48.25 -3.74
C PRO C 295 -13.94 -48.74 -2.30
N ASN C 296 -13.74 -47.81 -1.39
CA ASN C 296 -13.69 -48.10 0.02
C ASN C 296 -14.36 -47.02 0.82
N ASN C 297 -15.03 -47.38 1.92
CA ASN C 297 -15.67 -46.47 2.86
C ASN C 297 -14.72 -46.23 4.04
N LYS C 298 -13.93 -45.12 3.99
CA LYS C 298 -12.90 -44.83 4.97
C LYS C 298 -13.48 -44.09 6.17
N THR C 299 -13.13 -44.56 7.36
CA THR C 299 -13.58 -43.95 8.60
C THR C 299 -12.42 -43.31 9.36
N ARG C 300 -12.58 -42.02 9.63
CA ARG C 300 -11.61 -41.20 10.35
C ARG C 300 -11.75 -41.22 11.86
N THR C 301 -10.60 -41.12 12.50
CA THR C 301 -10.48 -40.96 13.93
C THR C 301 -9.76 -39.66 14.21
N SER C 302 -9.64 -39.32 15.48
CA SER C 302 -8.99 -38.06 15.83
C SER C 302 -8.17 -38.15 17.08
N ILE C 303 -6.92 -37.75 16.95
CA ILE C 303 -5.98 -37.76 18.03
C ILE C 303 -5.61 -36.37 18.47
N ARG C 304 -5.94 -36.05 19.71
CA ARG C 304 -5.64 -34.71 20.16
C ARG C 304 -4.15 -34.63 20.39
N ILE C 305 -3.53 -33.60 19.83
CA ILE C 305 -2.11 -33.38 19.91
C ILE C 305 -1.76 -32.37 20.98
N GLY C 306 -2.56 -31.33 21.05
CA GLY C 306 -2.25 -30.24 21.94
C GLY C 306 -3.46 -29.35 22.24
N PRO C 307 -3.25 -28.06 22.51
CA PRO C 307 -4.25 -27.11 22.92
C PRO C 307 -5.13 -26.70 21.76
N GLY C 308 -6.06 -27.59 21.43
CA GLY C 308 -6.99 -27.42 20.30
C GLY C 308 -6.43 -27.97 18.99
N GLN C 309 -5.24 -28.53 19.08
CA GLN C 309 -4.53 -29.08 17.95
C GLN C 309 -4.85 -30.56 17.83
N ALA C 310 -5.23 -31.01 16.64
CA ALA C 310 -5.55 -32.43 16.48
C ALA C 310 -5.11 -32.97 15.15
N PHE C 311 -4.73 -34.24 15.20
CA PHE C 311 -4.33 -35.06 14.09
C PHE C 311 -5.45 -35.91 13.58
N TYR C 312 -5.68 -35.83 12.30
CA TYR C 312 -6.72 -36.64 11.76
C TYR C 312 -6.09 -37.85 11.14
N ALA C 313 -6.68 -39.01 11.39
CA ALA C 313 -6.08 -40.21 10.88
C ALA C 313 -7.06 -41.26 10.50
N THR C 314 -6.63 -42.18 9.66
CA THR C 314 -7.49 -43.27 9.27
C THR C 314 -7.66 -44.21 10.45
N GLY C 315 -8.91 -44.53 10.74
CA GLY C 315 -9.28 -45.43 11.80
C GLY C 315 -9.50 -46.85 11.27
N GLN C 316 -10.48 -46.96 10.40
CA GLN C 316 -10.89 -48.24 9.83
C GLN C 316 -11.30 -48.12 8.37
N VAL C 317 -11.00 -49.13 7.58
CA VAL C 317 -11.43 -49.12 6.19
C VAL C 317 -12.33 -50.28 5.85
N ILE C 318 -13.52 -50.01 5.36
CA ILE C 318 -14.40 -51.10 5.00
C ILE C 318 -14.76 -50.93 3.53
N GLY C 319 -15.26 -51.97 2.88
CA GLY C 319 -15.55 -51.83 1.46
C GLY C 319 -14.77 -52.90 0.74
N ASP C 320 -14.34 -52.61 -0.48
CA ASP C 320 -13.66 -53.62 -1.27
C ASP C 320 -12.25 -53.86 -0.74
N ILE C 321 -11.71 -55.01 -1.07
CA ILE C 321 -10.34 -55.34 -0.73
C ILE C 321 -9.46 -54.68 -1.75
N ARG C 322 -9.99 -54.55 -2.95
CA ARG C 322 -9.29 -54.00 -4.09
C ARG C 322 -8.79 -52.59 -3.83
N GLU C 323 -7.57 -52.38 -4.27
CA GLU C 323 -6.84 -51.14 -4.19
C GLU C 323 -7.41 -50.07 -5.10
N ALA C 324 -7.09 -48.82 -4.82
CA ALA C 324 -7.55 -47.75 -5.68
C ALA C 324 -7.00 -47.99 -7.08
N TYR C 325 -7.78 -47.60 -8.08
CA TYR C 325 -7.37 -47.81 -9.45
C TYR C 325 -7.96 -46.76 -10.38
N CYS C 326 -7.38 -46.62 -11.60
CA CYS C 326 -7.86 -45.75 -12.68
C CYS C 326 -8.04 -46.56 -13.94
N ASN C 327 -8.99 -46.16 -14.77
CA ASN C 327 -9.10 -46.81 -16.07
C ASN C 327 -9.56 -45.85 -17.17
N ILE C 328 -9.17 -46.18 -18.42
CA ILE C 328 -9.56 -45.47 -19.65
C ILE C 328 -10.06 -46.45 -20.68
N SER C 329 -10.83 -45.98 -21.67
CA SER C 329 -11.26 -46.88 -22.72
C SER C 329 -10.06 -47.34 -23.52
N GLU C 330 -10.04 -48.61 -23.88
CA GLU C 330 -8.93 -49.17 -24.64
C GLU C 330 -8.88 -48.67 -26.06
N SER C 331 -10.03 -48.57 -26.69
CA SER C 331 -10.02 -48.16 -28.07
C SER C 331 -9.64 -46.71 -28.20
N THR C 332 -10.03 -45.92 -27.19
CA THR C 332 -9.71 -44.52 -27.24
C THR C 332 -8.23 -44.37 -27.09
N TRP C 333 -7.66 -45.09 -26.13
CA TRP C 333 -6.24 -44.97 -25.93
C TRP C 333 -5.43 -45.38 -27.15
N ASN C 334 -5.78 -46.55 -27.79
CA ASN C 334 -5.03 -47.07 -28.93
C ASN C 334 -5.09 -46.11 -30.13
N GLU C 335 -6.28 -45.48 -30.42
CA GLU C 335 -6.43 -44.50 -31.49
C GLU C 335 -5.73 -43.21 -31.16
N THR C 336 -5.80 -42.78 -29.90
CA THR C 336 -5.19 -41.54 -29.51
C THR C 336 -3.70 -41.66 -29.66
N LEU C 337 -3.14 -42.78 -29.21
CA LEU C 337 -1.72 -42.94 -29.31
C LEU C 337 -1.33 -43.05 -30.76
N GLY C 338 -2.12 -43.76 -31.58
CA GLY C 338 -1.75 -43.89 -32.98
C GLY C 338 -1.68 -42.51 -33.65
N LYS C 339 -2.63 -41.63 -33.33
CA LYS C 339 -2.62 -40.28 -33.90
C LYS C 339 -1.37 -39.50 -33.46
N VAL C 340 -0.98 -39.68 -32.19
CA VAL C 340 0.22 -38.99 -31.70
C VAL C 340 1.42 -39.51 -32.45
N VAL C 341 1.47 -40.81 -32.65
CA VAL C 341 2.56 -41.40 -33.35
C VAL C 341 2.63 -40.90 -34.78
N LYS C 342 1.53 -40.77 -35.48
CA LYS C 342 1.64 -40.26 -36.84
C LYS C 342 2.34 -38.90 -36.84
N GLN C 343 1.98 -38.03 -35.90
CA GLN C 343 2.61 -36.72 -35.85
C GLN C 343 4.07 -36.83 -35.41
N LEU C 344 4.35 -37.79 -34.54
CA LEU C 344 5.68 -37.97 -34.02
C LEU C 344 6.59 -38.47 -35.13
N ARG C 345 6.07 -39.33 -36.01
CA ARG C 345 6.80 -39.86 -37.14
C ARG C 345 7.12 -38.75 -38.13
N LYS C 346 6.29 -37.73 -38.23
CA LYS C 346 6.65 -36.65 -39.14
C LYS C 346 7.95 -36.00 -38.66
N HIS C 347 8.11 -35.89 -37.35
CA HIS C 347 9.34 -35.33 -36.79
C HIS C 347 10.49 -36.34 -36.85
N PHE C 348 10.15 -37.62 -36.70
CA PHE C 348 11.13 -38.69 -36.74
C PHE C 348 10.71 -39.78 -37.75
N PRO C 349 10.76 -39.50 -39.05
CA PRO C 349 10.31 -40.37 -40.11
C PRO C 349 11.27 -41.52 -40.32
N HIS C 350 10.74 -42.60 -40.86
CA HIS C 350 11.54 -43.79 -41.20
C HIS C 350 12.28 -44.37 -40.02
N LYS C 351 11.60 -44.38 -38.87
CA LYS C 351 12.12 -44.95 -37.64
C LYS C 351 11.06 -45.80 -36.99
N ASN C 352 11.51 -46.84 -36.32
CA ASN C 352 10.60 -47.65 -35.54
C ASN C 352 10.38 -46.95 -34.22
N ILE C 353 9.14 -46.91 -33.77
CA ILE C 353 8.80 -46.29 -32.50
C ILE C 353 8.25 -47.25 -31.47
N THR C 354 8.85 -47.18 -30.27
CA THR C 354 8.40 -47.97 -29.15
C THR C 354 8.15 -47.10 -27.93
N PHE C 355 7.14 -47.47 -27.16
CA PHE C 355 6.82 -46.81 -25.92
C PHE C 355 7.13 -47.69 -24.76
N GLN C 356 7.83 -47.10 -23.82
CA GLN C 356 8.27 -47.78 -22.63
C GLN C 356 7.89 -46.98 -21.36
N PRO C 357 7.76 -47.61 -20.20
CA PRO C 357 7.61 -47.00 -18.88
C PRO C 357 8.85 -46.20 -18.56
N SER C 358 8.76 -45.26 -17.62
CA SER C 358 9.95 -44.49 -17.29
C SER C 358 10.97 -45.36 -16.60
N SER C 359 12.21 -44.88 -16.53
CA SER C 359 13.33 -45.63 -15.97
C SER C 359 13.34 -45.91 -14.47
N GLY C 360 12.61 -45.13 -13.68
CA GLY C 360 12.58 -45.40 -12.25
C GLY C 360 12.83 -44.16 -11.39
N GLY C 361 12.40 -44.26 -10.14
CA GLY C 361 12.52 -43.18 -9.18
C GLY C 361 11.45 -43.33 -8.11
N ASP C 362 11.34 -42.34 -7.23
CA ASP C 362 10.42 -42.41 -6.11
C ASP C 362 8.98 -41.99 -6.38
N LEU C 363 8.31 -42.80 -7.20
CA LEU C 363 6.90 -42.64 -7.60
C LEU C 363 6.59 -41.43 -8.48
N GLU C 364 7.05 -40.25 -8.08
CA GLU C 364 6.73 -39.03 -8.79
C GLU C 364 7.20 -39.01 -10.23
N VAL C 365 8.18 -39.82 -10.57
CA VAL C 365 8.66 -39.85 -11.92
C VAL C 365 8.38 -41.19 -12.59
N THR C 366 7.63 -42.06 -11.91
CA THR C 366 7.33 -43.37 -12.47
C THR C 366 5.86 -43.60 -12.59
N THR C 367 5.09 -42.86 -11.84
CA THR C 367 3.66 -42.99 -11.76
C THR C 367 2.98 -41.73 -12.20
N HIS C 368 1.69 -41.84 -12.34
CA HIS C 368 0.86 -40.72 -12.68
C HIS C 368 0.36 -40.11 -11.43
N SER C 369 0.84 -38.92 -11.13
CA SER C 369 0.39 -38.26 -9.93
C SER C 369 -0.96 -37.71 -10.23
N PHE C 370 -1.91 -38.03 -9.39
CA PHE C 370 -3.27 -37.61 -9.58
C PHE C 370 -3.91 -37.22 -8.26
N ASN C 371 -4.58 -36.08 -8.20
CA ASN C 371 -5.12 -35.65 -6.92
C ASN C 371 -6.62 -35.31 -6.87
N CYS C 372 -7.40 -36.12 -6.10
CA CYS C 372 -8.84 -35.99 -5.89
C CYS C 372 -9.18 -34.99 -4.78
N GLY C 373 -8.17 -34.54 -4.04
CA GLY C 373 -8.36 -33.61 -2.94
C GLY C 373 -7.33 -33.89 -1.87
N GLY C 374 -7.71 -34.68 -0.87
CA GLY C 374 -6.80 -35.14 0.16
C GLY C 374 -6.28 -36.54 -0.21
N GLU C 375 -6.71 -37.04 -1.34
CA GLU C 375 -6.34 -38.38 -1.77
C GLU C 375 -5.45 -38.34 -2.99
N PHE C 376 -4.18 -38.59 -2.73
CA PHE C 376 -3.12 -38.52 -3.71
C PHE C 376 -2.79 -39.89 -4.24
N PHE C 377 -3.03 -40.06 -5.53
CA PHE C 377 -2.85 -41.28 -6.25
C PHE C 377 -1.53 -41.27 -6.96
N TYR C 378 -0.88 -42.43 -6.98
CA TYR C 378 0.34 -42.68 -7.71
C TYR C 378 0.12 -43.93 -8.56
N CYS C 379 -0.44 -43.75 -9.78
CA CYS C 379 -0.91 -44.83 -10.65
C CYS C 379 0.18 -45.34 -11.59
N ASN C 380 0.17 -46.65 -11.78
CA ASN C 380 1.12 -47.35 -12.64
C ASN C 380 0.64 -47.31 -14.11
N THR C 381 1.37 -46.57 -14.97
CA THR C 381 1.02 -46.33 -16.38
C THR C 381 1.78 -47.23 -17.34
N SER C 382 2.40 -48.30 -16.83
CA SER C 382 3.11 -49.22 -17.72
C SER C 382 2.14 -49.90 -18.68
N GLY C 383 0.86 -49.87 -18.34
CA GLY C 383 -0.19 -50.45 -19.17
C GLY C 383 -0.57 -49.52 -20.32
N LEU C 384 -0.08 -48.28 -20.30
CA LEU C 384 -0.37 -47.31 -21.34
C LEU C 384 0.79 -47.12 -22.29
N PHE C 385 1.99 -47.28 -21.74
CA PHE C 385 3.23 -47.03 -22.48
C PHE C 385 4.05 -48.28 -22.66
N ASN C 386 3.44 -49.27 -23.27
CA ASN C 386 4.08 -50.53 -23.60
C ASN C 386 3.57 -50.96 -24.96
N SER C 387 4.18 -50.43 -26.01
CA SER C 387 3.71 -50.71 -27.36
C SER C 387 4.73 -50.41 -28.45
N THR C 388 4.50 -50.96 -29.64
CA THR C 388 5.34 -50.65 -30.78
C THR C 388 4.51 -50.25 -31.99
N TRP C 389 5.08 -49.37 -32.87
CA TRP C 389 4.44 -48.85 -34.08
C TRP C 389 5.40 -48.98 -35.27
N ASP C 405 -12.06 -53.82 -23.53
CA ASP C 405 -12.57 -52.48 -23.82
C ASP C 405 -12.12 -51.39 -22.83
N SER C 406 -11.49 -51.77 -21.68
CA SER C 406 -11.03 -50.88 -20.60
C SER C 406 -9.66 -51.28 -20.07
N ILE C 407 -8.78 -50.29 -20.02
CA ILE C 407 -7.43 -50.48 -19.53
C ILE C 407 -7.39 -50.05 -18.10
N THR C 408 -7.02 -50.95 -17.20
CA THR C 408 -7.00 -50.59 -15.81
C THR C 408 -5.58 -50.47 -15.32
N LEU C 409 -5.38 -49.46 -14.49
CA LEU C 409 -4.10 -49.16 -13.89
C LEU C 409 -4.26 -49.25 -12.37
N PRO C 410 -3.48 -50.05 -11.64
CA PRO C 410 -3.56 -50.12 -10.20
C PRO C 410 -2.95 -48.82 -9.73
N CYS C 411 -3.38 -48.30 -8.57
CA CYS C 411 -2.85 -47.07 -7.98
C CYS C 411 -2.50 -47.20 -6.51
N ARG C 412 -1.42 -46.57 -6.12
CA ARG C 412 -1.07 -46.53 -4.72
C ARG C 412 -1.55 -45.22 -4.15
N ILE C 413 -1.90 -45.22 -2.88
CA ILE C 413 -2.32 -44.02 -2.20
C ILE C 413 -1.33 -43.65 -1.14
N LYS C 414 -0.95 -42.38 -1.07
CA LYS C 414 -0.02 -41.94 -0.05
C LYS C 414 -0.56 -40.68 0.64
N GLN C 415 -0.35 -40.54 1.96
CA GLN C 415 -0.85 -39.33 2.64
C GLN C 415 0.21 -38.28 2.93
N ILE C 416 1.48 -38.66 2.95
CA ILE C 416 2.52 -37.70 3.23
C ILE C 416 3.18 -37.36 1.92
N ILE C 417 3.14 -36.10 1.53
CA ILE C 417 3.67 -35.74 0.22
C ILE C 417 4.73 -34.65 0.28
N ASN C 418 5.47 -34.52 -0.83
CA ASN C 418 6.54 -33.53 -0.98
C ASN C 418 6.06 -32.23 -1.62
N MET C 419 4.76 -32.11 -1.78
CA MET C 419 4.18 -30.93 -2.39
C MET C 419 4.82 -30.62 -3.73
N TRP C 420 5.49 -29.49 -3.86
CA TRP C 420 6.06 -29.09 -5.15
C TRP C 420 7.46 -29.63 -5.32
N GLN C 421 7.61 -30.92 -5.18
CA GLN C 421 8.90 -31.61 -5.26
C GLN C 421 9.93 -30.94 -4.35
N GLU C 422 9.51 -30.56 -3.14
CA GLU C 422 10.41 -29.89 -2.23
C GLU C 422 10.86 -30.84 -1.14
N VAL C 423 12.14 -31.17 -1.17
CA VAL C 423 12.69 -32.16 -0.25
C VAL C 423 12.72 -31.73 1.21
N GLY C 424 12.77 -30.44 1.47
CA GLY C 424 12.84 -29.96 2.84
C GLY C 424 11.49 -29.75 3.52
N ARG C 425 10.39 -30.07 2.86
CA ARG C 425 9.07 -29.85 3.43
C ARG C 425 8.13 -31.03 3.23
N ALA C 426 7.12 -31.15 4.07
CA ALA C 426 6.15 -32.21 3.84
C ALA C 426 4.77 -31.80 4.30
N MET C 427 3.77 -32.38 3.65
CA MET C 427 2.38 -32.11 4.01
C MET C 427 1.64 -33.39 4.32
N TYR C 428 0.76 -33.36 5.31
CA TYR C 428 -0.07 -34.53 5.57
C TYR C 428 -1.49 -34.30 5.14
N ALA C 429 -1.95 -35.14 4.26
CA ALA C 429 -3.30 -35.02 3.78
C ALA C 429 -4.22 -35.87 4.63
N PRO C 430 -5.26 -35.32 5.27
CA PRO C 430 -6.18 -36.03 6.11
C PRO C 430 -6.97 -36.87 5.13
N PRO C 431 -7.54 -37.99 5.54
CA PRO C 431 -8.32 -38.92 4.73
C PRO C 431 -9.68 -38.41 4.26
N ILE C 432 -10.10 -38.84 3.05
CA ILE C 432 -11.45 -38.54 2.59
C ILE C 432 -12.41 -39.63 3.01
N GLN C 433 -13.46 -39.19 3.69
CA GLN C 433 -14.42 -40.09 4.29
C GLN C 433 -15.34 -40.70 3.28
N GLY C 434 -15.71 -41.93 3.54
CA GLY C 434 -16.59 -42.65 2.63
C GLY C 434 -15.74 -43.05 1.42
N ASN C 435 -16.38 -43.26 0.24
CA ASN C 435 -15.71 -43.67 -1.01
C ASN C 435 -15.62 -42.45 -1.93
N ILE C 436 -14.66 -42.50 -2.92
CA ILE C 436 -14.48 -41.41 -3.90
C ILE C 436 -14.27 -41.84 -5.35
N THR C 437 -14.88 -41.09 -6.27
CA THR C 437 -14.70 -41.25 -7.72
C THR C 437 -14.37 -39.88 -8.32
N CYS C 438 -13.34 -39.80 -9.18
CA CYS C 438 -12.86 -38.61 -9.88
C CYS C 438 -12.83 -38.89 -11.39
N VAL C 439 -13.31 -37.95 -12.18
CA VAL C 439 -13.29 -38.12 -13.63
C VAL C 439 -12.59 -36.96 -14.26
N SER C 440 -11.58 -37.24 -15.08
CA SER C 440 -10.80 -36.19 -15.71
C SER C 440 -10.59 -36.36 -17.23
N ASN C 441 -10.14 -35.26 -17.87
CA ASN C 441 -9.79 -35.14 -19.29
C ASN C 441 -8.27 -35.25 -19.51
N ILE C 442 -7.77 -36.29 -20.23
CA ILE C 442 -6.32 -36.36 -20.54
C ILE C 442 -6.17 -35.54 -21.79
N THR C 443 -5.46 -34.43 -21.68
CA THR C 443 -5.34 -33.46 -22.75
C THR C 443 -3.94 -33.40 -23.35
N GLY C 444 -3.04 -34.21 -22.83
CA GLY C 444 -1.70 -34.20 -23.36
C GLY C 444 -0.73 -35.10 -22.64
N LEU C 445 0.41 -35.27 -23.25
CA LEU C 445 1.43 -36.14 -22.72
C LEU C 445 2.74 -35.43 -22.53
N ILE C 446 3.52 -35.87 -21.54
CA ILE C 446 4.84 -35.32 -21.37
C ILE C 446 5.80 -36.46 -21.63
N LEU C 447 6.53 -36.39 -22.73
CA LEU C 447 7.40 -37.48 -23.14
C LEU C 447 8.86 -37.10 -23.33
N THR C 448 9.76 -38.05 -23.13
CA THR C 448 11.16 -37.80 -23.43
C THR C 448 11.69 -38.90 -24.35
N ARG C 449 12.82 -38.66 -25.00
CA ARG C 449 13.44 -39.66 -25.88
C ARG C 449 14.48 -40.52 -25.16
N ASP C 450 14.61 -41.78 -25.63
CA ASP C 450 15.58 -42.77 -25.22
C ASP C 450 15.96 -43.59 -26.47
N ASN C 455 19.04 -45.52 -34.95
CA ASN C 455 18.55 -46.89 -35.08
C ASN C 455 16.99 -46.88 -35.02
N THR C 456 16.42 -46.92 -33.78
CA THR C 456 14.99 -46.90 -33.47
C THR C 456 14.79 -45.85 -32.39
N GLU C 457 13.56 -45.46 -32.14
CA GLU C 457 13.31 -44.46 -31.10
C GLU C 457 12.43 -44.97 -29.97
N THR C 458 12.84 -44.65 -28.75
CA THR C 458 12.06 -45.01 -27.58
C THR C 458 11.52 -43.81 -26.87
N PHE C 459 10.23 -43.83 -26.59
CA PHE C 459 9.63 -42.75 -25.88
C PHE C 459 9.14 -43.21 -24.54
N ARG C 460 9.40 -42.39 -23.53
CA ARG C 460 8.98 -42.72 -22.18
C ARG C 460 8.31 -41.51 -21.56
N PRO C 461 7.40 -41.69 -20.60
CA PRO C 461 6.87 -40.64 -19.79
C PRO C 461 8.02 -40.02 -19.05
N GLY C 462 7.94 -38.72 -18.83
CA GLY C 462 8.97 -37.98 -18.09
C GLY C 462 8.50 -36.56 -17.93
N GLY C 463 9.37 -35.64 -17.50
CA GLY C 463 8.91 -34.26 -17.32
C GLY C 463 9.69 -33.46 -16.31
N GLY C 464 9.42 -32.15 -16.26
CA GLY C 464 10.08 -31.23 -15.34
C GLY C 464 9.27 -31.02 -14.06
N ASP C 465 9.69 -30.04 -13.26
CA ASP C 465 9.06 -29.77 -11.99
C ASP C 465 7.85 -28.86 -12.09
N MET C 466 6.82 -29.42 -12.68
CA MET C 466 5.51 -28.83 -12.90
C MET C 466 5.47 -27.65 -13.86
N ARG C 467 6.56 -27.31 -14.52
CA ARG C 467 6.51 -26.20 -15.45
C ARG C 467 5.71 -26.60 -16.66
N ASP C 468 5.75 -27.89 -16.92
CA ASP C 468 5.08 -28.49 -18.04
C ASP C 468 3.58 -28.48 -17.84
N ASN C 469 3.11 -28.16 -16.63
CA ASN C 469 1.70 -28.17 -16.39
C ASN C 469 1.09 -26.80 -16.60
N TRP C 470 1.94 -25.81 -16.91
CA TRP C 470 1.48 -24.46 -17.13
C TRP C 470 1.78 -24.13 -18.57
N ARG C 471 2.84 -24.73 -19.06
CA ARG C 471 3.17 -24.60 -20.44
C ARG C 471 2.04 -25.34 -21.11
N SER C 472 1.79 -25.04 -22.35
CA SER C 472 0.65 -25.54 -23.12
C SER C 472 -0.65 -24.82 -22.75
N GLU C 473 -0.64 -23.98 -21.70
CA GLU C 473 -1.75 -23.09 -21.40
C GLU C 473 -1.26 -21.65 -21.55
N LEU C 474 -0.06 -21.39 -21.03
CA LEU C 474 0.55 -20.07 -21.11
C LEU C 474 1.40 -19.89 -22.35
N TYR C 475 1.49 -20.92 -23.15
CA TYR C 475 2.35 -20.94 -24.33
C TYR C 475 1.99 -19.91 -25.37
N LYS C 476 0.73 -19.49 -25.39
CA LYS C 476 0.29 -18.55 -26.39
C LYS C 476 0.28 -17.14 -25.88
N TYR C 477 0.79 -16.90 -24.67
CA TYR C 477 0.76 -15.53 -24.17
C TYR C 477 2.14 -14.93 -23.96
N LYS C 478 2.23 -13.63 -24.23
CA LYS C 478 3.46 -12.87 -24.01
C LYS C 478 3.20 -11.54 -23.30
N VAL C 479 4.10 -11.14 -22.39
CA VAL C 479 3.92 -9.85 -21.72
C VAL C 479 4.81 -8.77 -22.29
N VAL C 480 4.19 -7.64 -22.64
CA VAL C 480 4.96 -6.55 -23.18
C VAL C 480 4.68 -5.24 -22.45
N LYS C 481 5.70 -4.41 -22.40
CA LYS C 481 5.61 -3.09 -21.79
C LYS C 481 5.27 -2.09 -22.84
N ILE C 482 4.33 -1.23 -22.56
CA ILE C 482 3.95 -0.21 -23.51
C ILE C 482 4.93 0.95 -23.41
N GLU C 483 5.45 1.39 -24.55
CA GLU C 483 6.42 2.48 -24.59
C GLU C 483 5.90 3.68 -25.37
N PRO C 484 5.13 4.59 -24.75
CA PRO C 484 4.41 5.70 -25.35
C PRO C 484 5.23 6.81 -26.02
N LEU C 485 6.49 7.00 -25.65
CA LEU C 485 7.24 8.05 -26.30
C LEU C 485 7.98 7.63 -27.51
N GLY C 486 8.04 8.55 -28.46
CA GLY C 486 8.85 8.34 -29.64
C GLY C 486 8.95 9.62 -30.43
N VAL C 487 9.81 9.61 -31.43
CA VAL C 487 10.03 10.79 -32.22
C VAL C 487 9.88 10.47 -33.68
N ALA C 488 9.70 11.50 -34.47
CA ALA C 488 9.55 11.38 -35.90
C ALA C 488 9.91 12.71 -36.54
N PRO C 489 10.23 12.78 -37.83
CA PRO C 489 10.39 14.02 -38.57
C PRO C 489 9.04 14.68 -38.85
N THR C 490 9.05 16.00 -38.92
CA THR C 490 7.88 16.78 -39.36
C THR C 490 8.23 17.95 -40.24
N ALA C 491 7.24 18.36 -41.01
CA ALA C 491 7.38 19.54 -41.84
C ALA C 491 7.47 20.89 -41.10
N CYS C 492 6.81 21.05 -39.92
CA CYS C 492 6.72 22.33 -39.22
C CYS C 492 7.62 22.42 -37.99
N LYS C 493 8.41 23.50 -37.94
CA LYS C 493 9.31 23.88 -36.86
C LYS C 493 8.52 24.44 -35.70
N ARG C 494 8.99 24.29 -34.48
CA ARG C 494 8.28 24.95 -33.38
C ARG C 494 8.16 26.43 -33.63
N ARG C 495 6.97 26.96 -33.42
CA ARG C 495 6.75 28.38 -33.57
C ARG C 495 7.01 29.02 -32.20
N VAL C 496 7.64 30.22 -32.18
CA VAL C 496 7.95 30.99 -30.98
C VAL C 496 7.59 32.44 -31.29
N GLY D 13 -4.42 0.79 -22.83
CA GLY D 13 -3.58 -0.13 -23.56
C GLY D 13 -4.26 -0.79 -24.77
N ALA D 14 -5.33 -0.16 -25.33
CA ALA D 14 -6.09 -0.67 -26.48
C ALA D 14 -5.36 -0.39 -27.77
N ALA D 15 -4.24 -1.06 -27.92
CA ALA D 15 -3.37 -0.86 -29.03
C ALA D 15 -4.07 -1.20 -30.31
N GLY D 16 -3.77 -0.43 -31.34
CA GLY D 16 -4.25 -0.60 -32.69
C GLY D 16 -3.08 -0.34 -33.60
N SER D 17 -1.92 -0.91 -33.25
CA SER D 17 -0.70 -0.67 -34.00
C SER D 17 -0.84 -0.97 -35.47
N THR D 18 -0.46 0.02 -36.25
CA THR D 18 -0.49 0.04 -37.68
C THR D 18 0.41 1.11 -38.22
N MET D 19 0.09 1.53 -39.42
CA MET D 19 0.78 2.56 -40.18
C MET D 19 0.87 3.81 -39.34
N GLY D 20 2.04 4.48 -39.40
CA GLY D 20 2.40 5.66 -38.62
C GLY D 20 1.47 6.83 -38.81
N ALA D 21 0.64 6.75 -39.84
CA ALA D 21 -0.36 7.74 -40.16
C ALA D 21 -1.44 7.79 -39.09
N ALA D 22 -1.55 6.74 -38.27
CA ALA D 22 -2.58 6.67 -37.25
C ALA D 22 -2.21 7.48 -36.00
N SER D 23 -2.16 8.79 -36.18
CA SER D 23 -1.82 9.73 -35.12
C SER D 23 -3.07 10.16 -34.36
N MET D 24 -4.22 9.70 -34.82
CA MET D 24 -5.52 9.99 -34.20
C MET D 24 -5.90 8.99 -33.12
N THR D 25 -5.01 8.06 -32.83
CA THR D 25 -5.25 7.00 -31.87
C THR D 25 -4.33 7.13 -30.68
N LEU D 26 -3.89 8.33 -30.40
CA LEU D 26 -2.92 8.59 -29.33
C LEU D 26 -3.49 8.72 -27.89
N THR D 27 -4.82 8.55 -27.71
CA THR D 27 -5.55 8.63 -26.45
C THR D 27 -6.10 7.25 -26.07
N ASP D 57 -1.06 -12.98 1.22
CA ASP D 57 -1.19 -12.19 2.44
C ASP D 57 -0.30 -10.90 2.33
N THR D 58 0.59 -10.65 3.34
CA THR D 58 1.49 -9.49 3.43
C THR D 58 2.45 -9.45 2.26
N HIS D 59 3.04 -10.60 1.92
CA HIS D 59 3.98 -10.64 0.83
C HIS D 59 3.29 -10.25 -0.46
N TRP D 60 2.09 -10.79 -0.67
CA TRP D 60 1.32 -10.48 -1.85
C TRP D 60 1.03 -8.99 -1.90
N GLY D 61 0.61 -8.42 -0.77
CA GLY D 61 0.30 -7.00 -0.71
C GLY D 61 1.51 -6.16 -1.08
N ILE D 62 2.71 -6.57 -0.65
CA ILE D 62 3.91 -5.83 -1.02
C ILE D 62 4.12 -5.89 -2.51
N LYS D 63 3.98 -7.07 -3.11
CA LYS D 63 4.16 -7.16 -4.55
C LYS D 63 3.18 -6.28 -5.30
N GLN D 64 1.93 -6.20 -4.84
CA GLN D 64 0.98 -5.36 -5.54
C GLN D 64 1.30 -3.89 -5.37
N LEU D 65 1.79 -3.49 -4.19
CA LEU D 65 2.17 -2.11 -4.04
C LEU D 65 3.35 -1.80 -4.92
N GLN D 66 4.28 -2.74 -5.09
CA GLN D 66 5.40 -2.46 -5.95
C GLN D 66 4.92 -2.24 -7.37
N ALA D 67 3.96 -3.04 -7.81
CA ALA D 67 3.46 -2.87 -9.16
C ALA D 67 2.79 -1.52 -9.36
N ARG D 68 2.03 -1.06 -8.35
CA ARG D 68 1.37 0.23 -8.46
C ARG D 68 2.40 1.35 -8.47
N VAL D 69 3.43 1.22 -7.65
CA VAL D 69 4.45 2.23 -7.57
C VAL D 69 5.17 2.33 -8.90
N LEU D 70 5.50 1.20 -9.52
CA LEU D 70 6.16 1.27 -10.80
C LEU D 70 5.29 1.94 -11.83
N ALA D 71 3.99 1.64 -11.85
CA ALA D 71 3.19 2.29 -12.87
C ALA D 71 3.28 3.81 -12.71
N VAL D 72 3.28 4.27 -11.47
CA VAL D 72 3.40 5.70 -11.22
C VAL D 72 4.76 6.22 -11.61
N GLU D 73 5.83 5.52 -11.25
CA GLU D 73 7.16 5.99 -11.57
C GLU D 73 7.38 6.08 -13.06
N HIS D 74 6.84 5.13 -13.82
CA HIS D 74 7.04 5.18 -15.26
C HIS D 74 6.27 6.35 -15.85
N TYR D 75 5.05 6.55 -15.38
CA TYR D 75 4.26 7.66 -15.87
C TYR D 75 4.96 8.96 -15.61
N LEU D 76 5.42 9.14 -14.38
CA LEU D 76 6.05 10.39 -14.05
C LEU D 76 7.32 10.59 -14.80
N ARG D 77 8.11 9.56 -15.03
CA ARG D 77 9.32 9.80 -15.78
C ARG D 77 9.03 10.32 -17.16
N ASP D 78 8.03 9.79 -17.83
CA ASP D 78 7.75 10.29 -19.16
C ASP D 78 7.23 11.71 -19.09
N GLN D 79 6.42 12.01 -18.08
CA GLN D 79 5.91 13.37 -18.00
C GLN D 79 7.01 14.35 -17.67
N GLN D 80 7.96 13.95 -16.83
CA GLN D 80 9.04 14.85 -16.51
C GLN D 80 9.85 15.15 -17.72
N LEU D 81 10.08 14.13 -18.52
CA LEU D 81 10.89 14.32 -19.69
C LEU D 81 10.21 15.24 -20.68
N LEU D 82 8.90 15.07 -20.89
CA LEU D 82 8.19 15.97 -21.79
C LEU D 82 8.21 17.38 -21.25
N GLY D 83 8.10 17.52 -19.93
CA GLY D 83 8.13 18.83 -19.32
C GLY D 83 9.46 19.51 -19.59
N ILE D 84 10.57 18.79 -19.40
CA ILE D 84 11.88 19.36 -19.61
C ILE D 84 12.05 19.80 -21.06
N TRP D 85 11.51 19.03 -22.00
CA TRP D 85 11.57 19.36 -23.42
C TRP D 85 10.62 20.49 -23.84
N GLY D 86 9.78 20.96 -22.93
CA GLY D 86 8.79 22.00 -23.22
C GLY D 86 7.50 21.52 -23.92
N CYS D 87 7.12 20.23 -23.73
CA CYS D 87 5.97 19.57 -24.35
C CYS D 87 4.91 19.22 -23.31
N SER D 88 4.95 19.87 -22.17
CA SER D 88 3.99 19.55 -21.15
C SER D 88 2.58 19.83 -21.62
N GLY D 89 1.69 18.89 -21.37
CA GLY D 89 0.28 19.05 -21.70
C GLY D 89 -0.07 18.73 -23.15
N LYS D 90 0.90 18.32 -23.95
CA LYS D 90 0.59 18.05 -25.35
C LYS D 90 0.77 16.61 -25.72
N LEU D 91 -0.12 16.10 -26.57
CA LEU D 91 0.09 14.74 -27.07
C LEU D 91 1.12 14.74 -28.18
N ILE D 92 1.11 15.81 -28.97
CA ILE D 92 2.04 15.98 -30.06
C ILE D 92 2.68 17.37 -29.94
N CYS D 93 4.01 17.49 -30.09
CA CYS D 93 4.71 18.78 -30.02
C CYS D 93 5.86 18.80 -31.01
N THR D 94 6.35 20.00 -31.26
CA THR D 94 7.50 20.18 -32.12
C THR D 94 8.52 20.97 -31.37
N THR D 95 9.75 20.89 -31.85
CA THR D 95 10.86 21.62 -31.29
C THR D 95 11.66 22.42 -32.28
N ASN D 96 12.72 23.06 -31.77
CA ASN D 96 13.61 23.90 -32.53
C ASN D 96 14.85 23.15 -32.99
N VAL D 97 14.85 21.85 -32.76
CA VAL D 97 15.92 20.98 -33.15
C VAL D 97 15.63 20.46 -34.55
N PRO D 98 16.54 20.67 -35.53
CA PRO D 98 16.44 20.22 -36.90
C PRO D 98 16.41 18.73 -36.94
N TRP D 99 15.78 18.18 -37.94
CA TRP D 99 15.78 16.75 -38.02
C TRP D 99 17.15 16.24 -38.44
N ASN D 100 17.99 15.93 -37.42
CA ASN D 100 19.32 15.35 -37.56
C ASN D 100 19.13 13.83 -37.67
N SER D 101 20.21 13.01 -37.64
CA SER D 101 20.18 11.56 -37.89
C SER D 101 19.57 11.30 -39.28
N THR D 102 20.00 12.16 -40.23
CA THR D 102 19.50 12.16 -41.58
C THR D 102 20.03 11.02 -42.39
N TRP D 103 21.01 10.30 -41.84
CA TRP D 103 21.57 9.11 -42.45
C TRP D 103 20.48 8.14 -42.94
N SER D 104 19.26 8.21 -42.35
CA SER D 104 18.18 7.29 -42.72
C SER D 104 17.72 7.49 -44.16
N ASN D 105 17.99 8.67 -44.71
CA ASN D 105 17.64 9.03 -46.08
C ASN D 105 16.18 8.85 -46.46
N LYS D 106 15.25 9.21 -45.58
CA LYS D 106 13.84 9.10 -45.91
C LYS D 106 13.12 10.41 -45.77
N THR D 107 12.08 10.58 -46.58
CA THR D 107 11.23 11.77 -46.46
C THR D 107 9.92 11.50 -45.75
N LEU D 108 9.14 12.55 -45.61
CA LEU D 108 7.91 12.45 -44.85
C LEU D 108 6.95 11.48 -45.47
N SER D 109 6.91 11.42 -46.79
CA SER D 109 5.99 10.54 -47.51
C SER D 109 6.43 9.08 -47.53
N GLU D 110 7.65 8.81 -47.04
CA GLU D 110 8.18 7.46 -47.00
C GLU D 110 7.96 6.85 -45.64
N ILE D 111 7.85 7.70 -44.63
CA ILE D 111 7.59 7.21 -43.29
C ILE D 111 6.11 7.29 -42.99
N TRP D 112 5.53 8.47 -43.12
CA TRP D 112 4.15 8.65 -42.77
C TRP D 112 3.39 8.04 -43.91
N ASP D 113 2.27 7.41 -43.61
CA ASP D 113 1.41 6.80 -44.61
C ASP D 113 2.08 5.59 -45.29
N ASN D 114 3.14 5.07 -44.71
CA ASN D 114 3.79 3.91 -45.29
C ASN D 114 4.27 2.89 -44.25
N MET D 115 5.07 3.33 -43.30
CA MET D 115 5.70 2.48 -42.31
C MET D 115 4.96 2.53 -40.98
N THR D 116 4.95 1.41 -40.25
CA THR D 116 4.27 1.37 -38.95
C THR D 116 5.11 1.96 -37.86
N TRP D 117 4.48 2.25 -36.72
CA TRP D 117 5.24 2.78 -35.60
C TRP D 117 6.25 1.79 -35.03
N LEU D 118 5.94 0.49 -35.08
CA LEU D 118 6.88 -0.47 -34.57
C LEU D 118 8.10 -0.53 -35.46
N GLN D 119 7.88 -0.46 -36.77
CA GLN D 119 9.01 -0.52 -37.69
C GLN D 119 9.88 0.70 -37.55
N TRP D 120 9.25 1.85 -37.38
CA TRP D 120 9.98 3.08 -37.22
C TRP D 120 10.81 3.06 -35.97
N ASP D 121 10.22 2.56 -34.89
CA ASP D 121 10.94 2.51 -33.64
C ASP D 121 12.17 1.64 -33.80
N LYS D 122 12.06 0.54 -34.54
CA LYS D 122 13.23 -0.28 -34.74
C LYS D 122 14.28 0.40 -35.60
N GLU D 123 13.89 1.09 -36.67
CA GLU D 123 14.91 1.68 -37.54
C GLU D 123 15.79 2.71 -36.85
N ILE D 124 15.23 3.47 -35.94
CA ILE D 124 16.03 4.47 -35.24
C ILE D 124 16.21 4.15 -33.77
N SER D 125 16.10 2.88 -33.39
CA SER D 125 16.20 2.51 -31.98
C SER D 125 17.53 2.84 -31.35
N ASN D 126 18.58 2.86 -32.16
CA ASN D 126 19.90 3.14 -31.67
C ASN D 126 20.32 4.60 -31.83
N TYR D 127 19.36 5.48 -32.10
CA TYR D 127 19.62 6.90 -32.18
C TYR D 127 18.81 7.71 -31.17
N THR D 128 17.97 7.06 -30.40
CA THR D 128 17.11 7.82 -29.49
C THR D 128 17.91 8.60 -28.48
N GLN D 129 18.95 7.98 -27.99
CA GLN D 129 19.78 8.52 -26.95
C GLN D 129 20.63 9.69 -27.41
N ILE D 130 20.68 9.97 -28.73
CA ILE D 130 21.48 11.11 -29.16
C ILE D 130 20.57 12.28 -29.49
N ILE D 131 19.26 12.06 -29.39
CA ILE D 131 18.28 13.09 -29.63
C ILE D 131 17.96 13.61 -28.25
N TYR D 132 17.72 12.68 -27.36
CA TYR D 132 17.47 13.03 -26.00
C TYR D 132 18.82 13.58 -25.58
N GLY D 133 18.80 14.64 -24.80
CA GLY D 133 19.99 15.33 -24.34
C GLY D 133 20.19 16.62 -25.15
N LEU D 134 19.57 16.67 -26.33
CA LEU D 134 19.64 17.87 -27.14
C LEU D 134 18.34 18.62 -26.97
N LEU D 135 17.28 17.86 -26.82
CA LEU D 135 15.97 18.43 -26.67
C LEU D 135 15.87 19.24 -25.37
N GLU D 136 16.52 18.74 -24.32
CA GLU D 136 16.53 19.37 -23.00
C GLU D 136 17.32 20.66 -23.04
N GLU D 137 18.42 20.62 -23.76
CA GLU D 137 19.29 21.77 -23.84
C GLU D 137 18.62 22.85 -24.64
N SER D 138 17.95 22.46 -25.70
CA SER D 138 17.31 23.45 -26.52
C SER D 138 16.25 24.18 -25.71
N GLN D 139 15.44 23.42 -24.94
CA GLN D 139 14.42 24.07 -24.13
C GLN D 139 15.01 24.92 -23.03
N ASN D 140 16.10 24.47 -22.43
CA ASN D 140 16.68 25.24 -21.35
C ASN D 140 17.28 26.53 -21.87
N GLN D 141 17.90 26.48 -23.03
CA GLN D 141 18.45 27.69 -23.58
C GLN D 141 17.32 28.64 -23.92
N GLN D 142 16.22 28.10 -24.44
CA GLN D 142 15.11 28.95 -24.80
C GLN D 142 14.58 29.69 -23.59
N GLU D 143 14.41 28.99 -22.46
CA GLU D 143 13.87 29.68 -21.30
C GLU D 143 14.84 30.73 -20.78
N LYS D 144 16.14 30.44 -20.82
CA LYS D 144 17.07 31.43 -20.36
C LYS D 144 17.01 32.69 -21.25
N ASN D 145 16.90 32.52 -22.62
CA ASN D 145 16.81 33.63 -23.57
C ASN D 145 15.58 34.51 -23.29
N GLU D 146 14.42 33.86 -22.96
CA GLU D 146 13.13 34.50 -22.66
C GLU D 146 13.17 35.43 -21.47
N THR D 147 14.00 35.13 -20.46
CA THR D 147 14.06 35.98 -19.28
C THR D 147 15.33 36.84 -19.21
N ASP D 148 16.10 36.92 -20.30
CA ASP D 148 17.34 37.69 -20.31
C ASP D 148 17.09 39.19 -20.05
N ASN D 149 18.02 39.81 -19.33
CA ASN D 149 17.87 41.23 -19.01
C ASN D 149 17.82 42.14 -20.22
N LEU D 150 18.47 41.76 -21.33
CA LEU D 150 18.48 42.63 -22.49
C LEU D 150 17.27 42.47 -23.40
N THR D 151 16.63 41.29 -23.38
CA THR D 151 15.48 41.06 -24.26
C THR D 151 14.10 41.01 -23.55
N CYS D 152 14.09 40.66 -22.23
CA CYS D 152 12.90 40.57 -21.39
C CYS D 152 12.75 41.93 -20.74
N ASP D 153 13.86 42.35 -20.11
CA ASP D 153 13.93 43.64 -19.42
C ASP D 153 12.56 43.90 -18.79
N GLU E 37 -24.53 23.94 -31.70
CA GLU E 37 -24.37 25.20 -32.43
C GLU E 37 -24.13 26.36 -31.46
N ASN E 38 -25.06 26.54 -30.50
CA ASN E 38 -25.07 27.58 -29.49
C ASN E 38 -24.97 27.07 -28.07
N LEU E 39 -24.70 25.79 -27.93
CA LEU E 39 -24.47 25.18 -26.63
C LEU E 39 -23.28 24.28 -26.77
N TRP E 40 -22.30 24.52 -25.94
CA TRP E 40 -21.01 23.87 -25.98
C TRP E 40 -20.63 23.26 -24.65
N VAL E 41 -19.82 22.22 -24.67
CA VAL E 41 -19.39 21.59 -23.42
C VAL E 41 -18.35 22.41 -22.68
N THR E 42 -18.57 22.61 -21.37
CA THR E 42 -17.59 23.28 -20.53
C THR E 42 -17.10 22.29 -19.51
N VAL E 43 -15.80 22.22 -19.35
CA VAL E 43 -15.21 21.35 -18.37
C VAL E 43 -14.87 22.15 -17.14
N TYR E 44 -15.36 21.70 -16.00
CA TYR E 44 -15.10 22.39 -14.75
C TYR E 44 -14.29 21.55 -13.81
N TYR E 45 -13.46 22.20 -13.01
CA TYR E 45 -12.74 21.48 -12.00
C TYR E 45 -12.82 22.22 -10.69
N GLY E 46 -13.12 21.49 -9.62
CA GLY E 46 -13.30 22.07 -8.30
C GLY E 46 -14.79 22.08 -7.96
N VAL E 47 -15.54 21.30 -8.70
CA VAL E 47 -16.97 21.19 -8.55
C VAL E 47 -17.33 20.55 -7.20
N PRO E 48 -18.16 21.16 -6.37
CA PRO E 48 -18.50 20.72 -5.03
C PRO E 48 -19.47 19.56 -4.94
N VAL E 49 -19.07 18.40 -5.43
CA VAL E 49 -19.90 17.20 -5.38
C VAL E 49 -19.16 16.02 -4.79
N TRP E 50 -19.91 15.02 -4.36
CA TRP E 50 -19.34 13.82 -3.76
C TRP E 50 -20.20 12.61 -3.97
N LYS E 51 -19.61 11.44 -3.73
CA LYS E 51 -20.30 10.17 -3.82
C LYS E 51 -20.03 9.32 -2.58
N ASP E 52 -20.96 8.44 -2.23
CA ASP E 52 -20.74 7.57 -1.07
C ASP E 52 -19.50 6.75 -1.32
N ALA E 53 -18.65 6.57 -0.31
CA ALA E 53 -17.46 5.78 -0.56
C ALA E 53 -16.92 5.10 0.67
N GLU E 54 -16.17 4.03 0.46
CA GLU E 54 -15.53 3.36 1.57
C GLU E 54 -14.02 3.38 1.36
N THR E 55 -13.31 3.90 2.33
CA THR E 55 -11.87 3.98 2.27
C THR E 55 -11.23 3.66 3.59
N THR E 56 -9.93 3.83 3.64
CA THR E 56 -9.17 3.59 4.84
C THR E 56 -8.99 4.88 5.59
N LEU E 57 -9.42 4.91 6.84
CA LEU E 57 -9.27 6.09 7.65
C LEU E 57 -8.05 5.89 8.50
N PHE E 58 -7.40 6.96 8.90
CA PHE E 58 -6.25 6.76 9.75
C PHE E 58 -6.55 7.24 11.16
N CYS E 59 -5.80 6.69 12.15
CA CYS E 59 -5.90 7.06 13.56
C CYS E 59 -5.02 8.26 13.86
N ALA E 60 -5.55 9.18 14.62
CA ALA E 60 -4.82 10.34 15.06
C ALA E 60 -5.30 10.74 16.46
N SER E 61 -4.44 11.46 17.21
CA SER E 61 -4.66 12.00 18.55
C SER E 61 -3.46 12.87 18.92
N HIS E 71 3.60 1.98 29.03
CA HIS E 71 3.16 2.66 27.81
C HIS E 71 1.73 2.22 27.45
N ASN E 72 0.87 3.19 27.06
CA ASN E 72 -0.52 2.99 26.64
C ASN E 72 -0.61 2.60 25.17
N VAL E 73 -1.17 1.43 24.91
CA VAL E 73 -1.24 0.83 23.59
C VAL E 73 -1.99 1.69 22.60
N TRP E 74 -2.89 2.52 23.07
CA TRP E 74 -3.71 3.31 22.19
C TRP E 74 -2.96 4.43 21.56
N ALA E 75 -1.74 4.67 22.02
CA ALA E 75 -0.89 5.68 21.45
C ALA E 75 -0.09 5.07 20.30
N THR E 76 -0.09 3.75 20.20
CA THR E 76 0.75 3.09 19.24
C THR E 76 0.09 3.16 17.89
N HIS E 77 0.86 3.65 16.94
CA HIS E 77 0.40 3.93 15.57
C HIS E 77 -0.69 5.04 15.49
N CYS E 78 -0.87 5.86 16.56
CA CYS E 78 -1.81 6.99 16.66
C CYS E 78 -0.98 8.19 17.04
N CYS E 79 0.21 8.21 16.48
CA CYS E 79 1.23 9.23 16.71
C CYS E 79 0.94 10.52 15.97
N VAL E 80 0.00 10.45 15.05
CA VAL E 80 -0.39 11.56 14.23
C VAL E 80 -1.26 12.50 15.06
N PRO E 81 -0.95 13.80 15.16
CA PRO E 81 -1.70 14.80 15.88
C PRO E 81 -2.96 15.17 15.12
N THR E 82 -3.94 15.73 15.81
CA THR E 82 -5.15 16.24 15.14
C THR E 82 -5.30 17.78 15.08
N ASP E 83 -4.53 18.54 15.89
CA ASP E 83 -4.56 20.00 16.03
C ASP E 83 -3.43 20.37 16.97
N GLN E 87 -12.26 24.89 10.74
CA GLN E 87 -12.09 23.44 10.75
C GLN E 87 -13.37 22.75 10.22
N GLU E 88 -14.54 23.06 10.83
CA GLU E 88 -15.86 22.51 10.49
C GLU E 88 -16.61 23.42 9.52
N ILE E 89 -16.99 22.86 8.38
CA ILE E 89 -17.68 23.64 7.37
C ILE E 89 -19.15 23.30 7.27
N VAL E 90 -20.00 24.25 7.57
CA VAL E 90 -21.42 23.94 7.55
C VAL E 90 -21.93 24.05 6.14
N LEU E 91 -22.66 23.05 5.67
CA LEU E 91 -23.14 23.12 4.31
C LEU E 91 -24.47 23.85 4.30
N GLU E 92 -24.66 24.67 3.28
CA GLU E 92 -25.89 25.42 3.10
C GLU E 92 -26.88 24.67 2.22
N ASN E 93 -28.13 24.49 2.69
CA ASN E 93 -29.23 23.84 1.97
C ASN E 93 -28.89 22.42 1.45
N VAL E 94 -28.21 21.60 2.28
CA VAL E 94 -27.85 20.21 1.95
C VAL E 94 -28.53 19.23 2.84
N THR E 95 -29.23 18.32 2.20
CA THR E 95 -29.88 17.22 2.89
C THR E 95 -29.20 16.00 2.37
N GLU E 96 -28.79 15.13 3.28
CA GLU E 96 -28.08 13.92 2.90
C GLU E 96 -28.60 12.73 3.67
N ASN E 97 -28.45 11.55 3.10
CA ASN E 97 -28.85 10.29 3.73
C ASN E 97 -27.77 9.58 4.50
N PHE E 98 -28.04 9.41 5.78
CA PHE E 98 -27.15 8.78 6.72
C PHE E 98 -27.70 7.44 7.16
N ASN E 99 -26.82 6.53 7.52
CA ASN E 99 -27.26 5.24 8.04
C ASN E 99 -26.24 4.71 9.02
N MET E 100 -26.59 4.65 10.29
CA MET E 100 -25.66 4.15 11.28
C MET E 100 -25.46 2.65 11.14
N TRP E 101 -26.42 1.93 10.54
CA TRP E 101 -26.23 0.52 10.37
C TRP E 101 -25.63 0.36 9.00
N LYS E 102 -24.76 -0.63 8.83
CA LYS E 102 -24.06 -0.85 7.57
C LYS E 102 -23.14 0.34 7.30
N ASN E 103 -22.57 0.86 8.37
CA ASN E 103 -21.65 1.98 8.34
C ASN E 103 -20.24 1.43 8.38
N ASN E 104 -19.51 1.62 7.31
CA ASN E 104 -18.18 1.05 7.17
C ASN E 104 -17.19 1.61 8.17
N MET E 105 -17.50 2.75 8.78
CA MET E 105 -16.59 3.30 9.76
C MET E 105 -16.57 2.42 10.98
N VAL E 106 -17.72 1.81 11.29
CA VAL E 106 -17.85 0.98 12.45
C VAL E 106 -17.13 -0.30 12.19
N GLU E 107 -17.31 -0.83 11.01
CA GLU E 107 -16.65 -2.08 10.72
C GLU E 107 -15.15 -1.88 10.70
N GLN E 108 -14.69 -0.76 10.16
CA GLN E 108 -13.27 -0.53 10.12
C GLN E 108 -12.72 -0.35 11.51
N MET E 109 -13.44 0.34 12.39
CA MET E 109 -12.94 0.50 13.74
C MET E 109 -12.84 -0.86 14.39
N HIS E 110 -13.82 -1.72 14.18
CA HIS E 110 -13.75 -3.02 14.80
C HIS E 110 -12.46 -3.72 14.41
N GLU E 111 -12.14 -3.74 13.12
CA GLU E 111 -10.92 -4.40 12.70
C GLU E 111 -9.68 -3.76 13.33
N ASP E 112 -9.63 -2.43 13.41
CA ASP E 112 -8.46 -1.78 14.01
C ASP E 112 -8.28 -2.15 15.46
N ILE E 113 -9.38 -2.30 16.18
CA ILE E 113 -9.28 -2.63 17.59
C ILE E 113 -8.68 -3.99 17.75
N ILE E 114 -9.13 -4.94 16.93
CA ILE E 114 -8.62 -6.29 17.04
C ILE E 114 -7.16 -6.35 16.64
N SER E 115 -6.81 -5.69 15.56
CA SER E 115 -5.44 -5.72 15.09
C SER E 115 -4.49 -5.13 16.10
N LEU E 116 -4.86 -3.99 16.70
CA LEU E 116 -3.96 -3.39 17.65
C LEU E 116 -3.82 -4.28 18.86
N TRP E 117 -4.93 -4.84 19.31
CA TRP E 117 -4.93 -5.68 20.49
C TRP E 117 -3.99 -6.83 20.28
N ASP E 118 -4.10 -7.49 19.13
CA ASP E 118 -3.25 -8.62 18.84
C ASP E 118 -1.80 -8.22 18.77
N GLN E 119 -1.48 -7.10 18.13
CA GLN E 119 -0.08 -6.75 18.07
C GLN E 119 0.49 -6.51 19.46
N SER E 120 -0.28 -5.88 20.32
CA SER E 120 0.21 -5.61 21.65
C SER E 120 0.45 -6.86 22.47
N LEU E 121 -0.50 -7.79 22.39
CA LEU E 121 -0.41 -9.04 23.14
C LEU E 121 0.62 -10.00 22.58
N LYS E 122 0.76 -10.07 21.27
CA LYS E 122 1.68 -11.00 20.65
C LYS E 122 3.08 -11.13 21.29
N PRO E 123 3.92 -10.08 21.44
CA PRO E 123 5.27 -10.17 22.00
C PRO E 123 5.30 -10.22 23.53
N CYS E 124 4.69 -11.28 24.11
CA CYS E 124 4.54 -11.51 25.54
C CYS E 124 4.65 -12.99 25.86
N VAL E 125 4.70 -13.30 27.16
CA VAL E 125 4.87 -14.66 27.63
C VAL E 125 3.71 -15.57 27.38
N LYS E 126 4.05 -16.71 26.82
CA LYS E 126 3.07 -17.73 26.52
C LYS E 126 2.88 -18.54 27.76
N LEU E 127 1.65 -18.91 28.03
CA LEU E 127 1.33 -19.72 29.18
C LEU E 127 1.06 -21.14 28.80
N THR E 128 1.50 -21.53 27.61
CA THR E 128 1.27 -22.87 27.14
C THR E 128 1.61 -23.95 28.17
N PRO E 129 2.82 -24.01 28.80
CA PRO E 129 3.16 -25.10 29.68
C PRO E 129 2.59 -24.98 31.10
N LEU E 130 1.29 -24.73 31.18
CA LEU E 130 0.55 -24.71 32.45
C LEU E 130 -0.75 -25.53 32.42
N CYS E 131 -0.88 -26.50 31.47
CA CYS E 131 -2.06 -27.34 31.27
C CYS E 131 -1.96 -28.57 32.15
N VAL E 132 -0.85 -28.64 32.85
CA VAL E 132 -0.55 -29.72 33.73
C VAL E 132 -1.68 -29.86 34.68
N THR E 133 -2.07 -31.10 34.93
CA THR E 133 -3.18 -31.34 35.79
C THR E 133 -2.90 -30.66 37.10
N LEU E 134 -3.85 -29.87 37.57
CA LEU E 134 -3.70 -29.15 38.81
C LEU E 134 -4.27 -29.96 39.98
N ASN E 135 -3.63 -29.85 41.16
CA ASN E 135 -4.08 -30.41 42.43
C ASN E 135 -4.63 -29.25 43.28
N CYS E 136 -5.97 -29.02 43.23
CA CYS E 136 -6.63 -27.87 43.85
C CYS E 136 -7.37 -28.25 45.13
N THR E 137 -7.09 -27.45 46.15
CA THR E 137 -7.66 -27.48 47.48
C THR E 137 -8.40 -26.17 47.75
N ASN E 138 -8.82 -25.93 49.01
CA ASN E 138 -9.62 -24.78 49.42
C ASN E 138 -8.81 -23.47 49.41
N ALA E 139 -9.51 -22.35 49.66
CA ALA E 139 -8.99 -20.98 49.70
C ALA E 139 -8.11 -20.77 50.92
N THR E 140 -7.17 -19.85 50.83
CA THR E 140 -6.31 -19.55 51.95
C THR E 140 -6.29 -18.07 52.26
N ALA E 141 -7.19 -17.64 53.12
CA ALA E 141 -7.30 -16.23 53.44
C ALA E 141 -7.93 -16.04 54.81
N SER E 142 -7.55 -14.94 55.47
CA SER E 142 -8.11 -14.57 56.75
C SER E 142 -8.08 -15.75 57.68
N ASN E 143 -9.13 -15.92 58.47
CA ASN E 143 -9.21 -17.07 59.36
C ASN E 143 -10.26 -18.08 58.92
N SER E 144 -11.00 -17.77 57.86
CA SER E 144 -12.04 -18.66 57.41
C SER E 144 -11.58 -19.63 56.33
N SER E 145 -10.60 -19.22 55.52
CA SER E 145 -10.06 -20.04 54.42
C SER E 145 -11.11 -20.62 53.48
N ILE E 146 -12.15 -19.84 53.19
CA ILE E 146 -13.24 -20.28 52.33
C ILE E 146 -13.74 -19.21 51.36
N ILE E 147 -12.86 -18.61 50.60
CA ILE E 147 -13.35 -17.65 49.64
C ILE E 147 -14.01 -18.53 48.59
N GLU E 148 -15.27 -18.30 48.32
CA GLU E 148 -16.01 -19.18 47.42
C GLU E 148 -15.48 -19.20 46.02
N GLY E 149 -14.99 -18.07 45.56
CA GLY E 149 -14.52 -17.95 44.21
C GLY E 149 -13.04 -18.31 44.03
N MET E 150 -12.35 -18.74 45.08
CA MET E 150 -10.92 -19.01 44.90
C MET E 150 -10.52 -20.43 45.24
N LYS E 151 -9.53 -20.93 44.52
CA LYS E 151 -8.93 -22.23 44.83
C LYS E 151 -7.40 -22.11 44.91
N ASN E 152 -6.78 -22.93 45.80
CA ASN E 152 -5.32 -23.03 45.98
C ASN E 152 -4.84 -24.26 45.22
N CYS E 153 -4.21 -24.05 44.05
CA CYS E 153 -3.82 -25.12 43.15
C CYS E 153 -2.32 -25.29 43.13
N SER E 154 -1.91 -26.54 43.30
CA SER E 154 -0.53 -26.93 43.22
C SER E 154 -0.30 -27.59 41.88
N PHE E 155 0.85 -27.35 41.30
CA PHE E 155 1.13 -27.94 40.02
C PHE E 155 2.60 -28.24 39.77
N ASN E 156 2.86 -29.18 38.86
CA ASN E 156 4.20 -29.59 38.41
C ASN E 156 4.64 -28.76 37.21
N ILE E 157 5.63 -27.89 37.43
CA ILE E 157 6.21 -26.97 36.46
C ILE E 157 7.67 -27.33 36.30
N THR E 158 8.14 -27.40 35.08
CA THR E 158 9.52 -27.77 34.88
C THR E 158 10.31 -26.50 34.71
N THR E 159 11.45 -26.39 35.38
CA THR E 159 12.26 -25.19 35.31
C THR E 159 13.01 -25.17 34.01
N GLU E 160 13.71 -24.08 33.78
CA GLU E 160 14.48 -23.78 32.58
C GLU E 160 15.55 -24.82 32.26
N LEU E 161 15.87 -25.71 33.20
CA LEU E 161 16.86 -26.73 32.94
C LEU E 161 16.25 -27.94 32.25
N ARG E 162 14.93 -28.00 32.13
CA ARG E 162 14.24 -29.11 31.47
C ARG E 162 14.57 -30.48 32.05
N ASP E 163 14.71 -30.54 33.36
CA ASP E 163 15.01 -31.75 34.10
C ASP E 163 14.57 -31.61 35.55
N LYS E 164 14.94 -30.50 36.16
CA LYS E 164 14.59 -30.26 37.55
C LYS E 164 13.15 -29.81 37.69
N ARG E 165 12.27 -30.77 37.68
CA ARG E 165 10.84 -30.49 37.82
C ARG E 165 10.56 -30.19 39.28
N GLU E 166 9.70 -29.21 39.53
CA GLU E 166 9.35 -28.83 40.89
C GLU E 166 7.88 -28.46 41.01
N LYS E 167 7.36 -28.45 42.23
CA LYS E 167 5.98 -28.02 42.34
C LYS E 167 5.89 -26.61 42.86
N LYS E 168 4.88 -25.90 42.38
CA LYS E 168 4.55 -24.54 42.76
C LYS E 168 3.06 -24.42 42.97
N ASN E 169 2.63 -23.33 43.58
CA ASN E 169 1.20 -23.15 43.72
C ASN E 169 0.82 -21.69 43.59
N ALA E 170 -0.46 -21.47 43.34
CA ALA E 170 -1.03 -20.15 43.20
C ALA E 170 -2.52 -20.18 43.44
N LEU E 171 -3.10 -19.02 43.71
CA LEU E 171 -4.54 -19.01 43.80
C LEU E 171 -5.11 -18.69 42.44
N PHE E 172 -6.23 -19.30 42.15
CA PHE E 172 -6.96 -19.08 40.91
C PHE E 172 -8.42 -18.82 41.15
N TYR E 173 -9.03 -18.08 40.25
CA TYR E 173 -10.45 -17.89 40.33
C TYR E 173 -11.13 -19.13 39.84
N LYS E 174 -12.24 -19.46 40.46
CA LYS E 174 -13.05 -20.60 40.11
C LYS E 174 -13.49 -20.57 38.65
N LEU E 175 -13.76 -19.40 38.12
CA LEU E 175 -14.26 -19.25 36.76
C LEU E 175 -13.24 -19.63 35.69
N ASP E 176 -11.96 -19.70 36.05
CA ASP E 176 -10.93 -20.03 35.09
C ASP E 176 -10.56 -21.50 35.13
N ILE E 177 -11.22 -22.29 35.99
CA ILE E 177 -10.88 -23.70 36.16
C ILE E 177 -12.01 -24.68 35.89
N VAL E 178 -11.68 -25.72 35.14
CA VAL E 178 -12.65 -26.76 34.83
C VAL E 178 -12.30 -28.12 35.42
N GLN E 179 -13.30 -28.75 36.01
CA GLN E 179 -13.18 -30.09 36.59
C GLN E 179 -12.91 -31.09 35.49
N LEU E 180 -11.84 -31.88 35.58
CA LEU E 180 -11.62 -32.81 34.50
C LEU E 180 -12.60 -33.96 34.47
N ASP E 181 -12.84 -34.54 35.62
CA ASP E 181 -13.78 -35.64 35.78
C ASP E 181 -13.84 -36.01 37.23
N GLY E 182 -14.78 -36.85 37.59
CA GLY E 182 -14.79 -37.49 38.89
C GLY E 182 -14.81 -36.55 40.07
N ASN E 183 -13.86 -36.78 40.97
CA ASN E 183 -13.69 -36.07 42.22
C ASN E 183 -12.73 -34.89 42.09
N SER E 184 -12.53 -34.19 43.19
CA SER E 184 -11.66 -33.03 43.28
C SER E 184 -10.19 -33.41 43.14
N SER E 185 -9.35 -32.39 43.09
CA SER E 185 -7.90 -32.45 42.92
C SER E 185 -7.41 -32.85 41.55
N GLN E 186 -8.27 -32.78 40.53
CA GLN E 186 -7.93 -33.00 39.13
C GLN E 186 -8.49 -31.91 38.24
N TYR E 187 -7.74 -30.82 38.11
CA TYR E 187 -8.24 -29.68 37.36
C TYR E 187 -7.42 -29.20 36.20
N ARG E 188 -8.09 -28.65 35.22
CA ARG E 188 -7.46 -28.06 34.07
C ARG E 188 -7.85 -26.60 33.94
N LEU E 189 -7.01 -25.80 33.33
CA LEU E 189 -7.42 -24.43 33.05
C LEU E 189 -8.39 -24.49 31.90
N ILE E 190 -9.38 -23.62 31.91
CA ILE E 190 -10.39 -23.67 30.85
C ILE E 190 -9.91 -23.47 29.43
N ASN E 191 -8.80 -22.78 29.24
CA ASN E 191 -8.34 -22.58 27.89
C ASN E 191 -7.65 -23.75 27.17
N CYS E 192 -7.11 -24.77 27.89
CA CYS E 192 -6.26 -25.85 27.31
C CYS E 192 -7.04 -26.76 26.39
N ASN E 193 -8.34 -26.67 26.51
CA ASN E 193 -9.32 -27.37 25.70
C ASN E 193 -9.43 -26.77 24.28
N THR E 194 -9.10 -25.45 24.10
CA THR E 194 -9.22 -24.67 22.86
C THR E 194 -7.91 -24.14 22.32
N SER E 195 -7.13 -23.47 23.17
CA SER E 195 -5.89 -22.86 22.71
C SER E 195 -4.94 -22.49 23.84
N ALA E 196 -3.70 -22.25 23.48
CA ALA E 196 -2.75 -21.71 24.43
C ALA E 196 -3.09 -20.26 24.57
N ILE E 197 -2.80 -19.68 25.71
CA ILE E 197 -3.12 -18.27 25.88
C ILE E 197 -1.88 -17.49 26.24
N THR E 198 -1.96 -16.18 26.08
CA THR E 198 -0.81 -15.32 26.34
C THR E 198 -1.12 -14.36 27.47
N GLN E 199 -0.20 -14.19 28.42
CA GLN E 199 -0.51 -13.22 29.45
C GLN E 199 -0.18 -11.88 28.92
N ALA E 200 -0.90 -10.88 29.38
CA ALA E 200 -0.54 -9.54 28.96
C ALA E 200 0.76 -9.14 29.63
N CYS E 201 1.62 -8.39 28.92
CA CYS E 201 2.83 -7.82 29.46
C CYS E 201 2.45 -6.67 30.41
N PRO E 202 2.90 -6.64 31.67
CA PRO E 202 2.62 -5.60 32.66
C PRO E 202 3.02 -4.20 32.22
N LYS E 203 3.93 -4.13 31.26
CA LYS E 203 4.44 -2.87 30.74
C LYS E 203 3.44 -2.12 29.87
N VAL E 204 2.40 -2.81 29.39
CA VAL E 204 1.47 -2.14 28.49
C VAL E 204 0.08 -2.01 29.04
N SER E 205 -0.42 -0.79 28.92
CA SER E 205 -1.74 -0.46 29.35
C SER E 205 -2.71 -0.50 28.21
N PHE E 206 -3.89 -1.02 28.48
CA PHE E 206 -4.94 -1.07 27.47
C PHE E 206 -6.05 -0.08 27.77
N GLU E 207 -5.79 0.83 28.71
CA GLU E 207 -6.78 1.81 29.12
C GLU E 207 -7.11 2.79 28.00
N PRO E 208 -8.38 2.95 27.62
CA PRO E 208 -8.81 3.74 26.48
C PRO E 208 -8.51 5.21 26.65
N ILE E 209 -8.18 5.84 25.53
CA ILE E 209 -7.94 7.26 25.44
C ILE E 209 -8.82 7.60 24.27
N PRO E 210 -9.23 8.83 24.04
CA PRO E 210 -9.98 9.15 22.87
C PRO E 210 -9.08 9.07 21.68
N ILE E 211 -9.61 8.62 20.56
CA ILE E 211 -8.88 8.63 19.32
C ILE E 211 -9.74 9.28 18.26
N HIS E 212 -9.16 9.74 17.20
CA HIS E 212 -9.96 10.34 16.16
C HIS E 212 -9.72 9.59 14.87
N TYR E 213 -10.78 9.40 14.10
CA TYR E 213 -10.57 8.85 12.77
C TYR E 213 -10.55 10.01 11.82
N CYS E 214 -9.60 10.00 10.87
CA CYS E 214 -9.42 11.06 9.89
C CYS E 214 -9.44 10.52 8.47
N ALA E 215 -10.12 11.24 7.60
CA ALA E 215 -10.17 10.86 6.21
C ALA E 215 -8.85 11.20 5.53
N PRO E 216 -8.42 10.43 4.54
CA PRO E 216 -7.29 10.67 3.68
C PRO E 216 -7.64 11.76 2.69
N ALA E 217 -6.63 12.35 2.07
CA ALA E 217 -6.93 13.36 1.08
C ALA E 217 -7.78 12.79 -0.03
N GLY E 218 -8.74 13.58 -0.48
CA GLY E 218 -9.66 13.20 -1.54
C GLY E 218 -10.99 12.74 -0.96
N PHE E 219 -11.02 12.55 0.34
CA PHE E 219 -12.19 12.12 1.08
C PHE E 219 -12.56 13.09 2.16
N ALA E 220 -13.80 13.01 2.59
CA ALA E 220 -14.27 13.87 3.66
C ALA E 220 -15.29 13.14 4.49
N ILE E 221 -15.48 13.59 5.72
CA ILE E 221 -16.48 12.97 6.54
C ILE E 221 -17.63 13.93 6.74
N LEU E 222 -18.82 13.47 6.43
CA LEU E 222 -19.96 14.33 6.62
C LEU E 222 -20.55 13.99 7.97
N LYS E 223 -20.90 15.01 8.71
CA LYS E 223 -21.44 14.83 10.03
C LYS E 223 -22.88 15.34 10.12
N CYS E 224 -23.80 14.49 10.65
CA CYS E 224 -25.20 14.83 10.83
C CYS E 224 -25.37 15.57 12.16
N ASN E 225 -25.88 16.79 12.07
CA ASN E 225 -26.05 17.64 13.23
C ASN E 225 -27.50 17.82 13.70
N ASN E 226 -28.42 16.92 13.30
CA ASN E 226 -29.82 16.92 13.72
C ASN E 226 -29.90 16.24 15.09
N LYS E 227 -30.32 17.02 16.10
CA LYS E 227 -30.38 16.69 17.53
C LYS E 227 -31.30 15.51 17.84
N THR E 228 -32.20 15.21 16.92
CA THR E 228 -33.14 14.15 17.08
C THR E 228 -32.95 13.05 16.05
N PHE E 229 -31.82 13.03 15.37
CA PHE E 229 -31.59 12.01 14.35
C PHE E 229 -31.60 10.61 14.97
N THR E 230 -32.35 9.72 14.32
CA THR E 230 -32.58 8.36 14.79
C THR E 230 -31.72 7.27 14.18
N GLY E 231 -30.74 7.64 13.41
CA GLY E 231 -29.82 6.68 12.84
C GLY E 231 -30.01 6.38 11.36
N THR E 232 -31.16 6.68 10.79
CA THR E 232 -31.31 6.44 9.36
C THR E 232 -32.03 7.57 8.66
N GLY E 233 -31.76 7.68 7.38
CA GLY E 233 -32.51 8.56 6.53
C GLY E 233 -31.93 9.96 6.43
N PRO E 234 -32.68 10.87 5.84
CA PRO E 234 -32.31 12.23 5.56
C PRO E 234 -31.96 12.98 6.82
N CYS E 235 -30.95 13.84 6.73
CA CYS E 235 -30.47 14.73 7.77
C CYS E 235 -30.30 16.06 7.04
N ASN E 236 -31.02 17.07 7.52
CA ASN E 236 -31.01 18.37 6.84
C ASN E 236 -30.14 19.49 7.46
N ASN E 237 -29.19 19.12 8.32
CA ASN E 237 -28.20 19.99 8.93
C ASN E 237 -26.89 19.20 8.96
N VAL E 238 -26.05 19.40 7.93
CA VAL E 238 -24.83 18.62 7.68
C VAL E 238 -23.61 19.49 7.60
N SER E 239 -22.58 19.11 8.33
CA SER E 239 -21.32 19.83 8.28
C SER E 239 -20.23 18.90 7.81
N THR E 240 -19.17 19.45 7.26
CA THR E 240 -18.06 18.65 6.79
C THR E 240 -16.85 18.81 7.68
N VAL E 241 -16.29 17.67 8.07
CA VAL E 241 -15.12 17.66 8.90
C VAL E 241 -14.07 16.74 8.29
N GLN E 242 -12.82 16.89 8.72
CA GLN E 242 -11.80 15.95 8.26
C GLN E 242 -11.60 14.77 9.22
N CYS E 243 -11.77 15.00 10.55
CA CYS E 243 -11.57 14.07 11.64
C CYS E 243 -12.81 14.03 12.53
N THR E 244 -13.03 12.88 13.18
CA THR E 244 -14.12 12.71 14.13
C THR E 244 -13.77 13.41 15.44
N HIS E 245 -14.75 13.51 16.35
CA HIS E 245 -14.63 14.25 17.61
C HIS E 245 -13.78 13.69 18.72
N GLY E 246 -13.47 12.41 18.69
CA GLY E 246 -12.70 11.78 19.74
C GLY E 246 -13.56 10.75 20.42
N ILE E 247 -13.34 9.51 20.04
CA ILE E 247 -14.11 8.38 20.50
C ILE E 247 -13.27 7.50 21.37
N LYS E 248 -13.78 7.09 22.51
CA LYS E 248 -13.00 6.22 23.38
C LYS E 248 -13.37 4.78 23.11
N PRO E 249 -12.41 3.89 22.85
CA PRO E 249 -12.62 2.48 22.57
C PRO E 249 -12.88 1.72 23.86
N VAL E 250 -14.01 2.01 24.48
CA VAL E 250 -14.41 1.40 25.74
C VAL E 250 -15.16 0.11 25.47
N VAL E 251 -14.79 -0.94 26.16
CA VAL E 251 -15.41 -2.23 26.01
C VAL E 251 -16.45 -2.48 27.09
N SER E 252 -17.64 -2.87 26.67
CA SER E 252 -18.75 -3.18 27.58
C SER E 252 -19.79 -4.06 26.90
N THR E 253 -20.77 -4.53 27.67
CA THR E 253 -21.81 -5.42 27.15
C THR E 253 -23.21 -4.84 27.27
N GLN E 254 -23.83 -5.05 28.41
CA GLN E 254 -25.21 -4.60 28.63
C GLN E 254 -25.39 -3.09 28.72
N LEU E 255 -24.40 -2.41 29.28
CA LEU E 255 -24.48 -0.97 29.41
C LEU E 255 -23.33 -0.35 28.68
N LEU E 256 -23.56 0.82 28.11
CA LEU E 256 -22.54 1.58 27.42
C LEU E 256 -21.95 2.59 28.36
N LEU E 257 -20.66 2.50 28.56
CA LEU E 257 -19.98 3.40 29.46
C LEU E 257 -19.11 4.41 28.70
N ASN E 258 -18.97 5.61 29.28
CA ASN E 258 -18.09 6.72 28.91
C ASN E 258 -18.22 7.19 27.44
N GLY E 259 -19.44 7.22 26.88
CA GLY E 259 -19.69 7.70 25.52
C GLY E 259 -20.17 9.14 25.61
N SER E 260 -20.65 9.66 24.50
CA SER E 260 -21.18 10.99 24.49
C SER E 260 -22.61 10.95 24.97
N LEU E 261 -23.17 12.07 25.37
CA LEU E 261 -24.59 12.10 25.73
C LEU E 261 -25.40 12.71 24.63
N ALA E 262 -26.64 12.31 24.54
CA ALA E 262 -27.52 12.92 23.55
C ALA E 262 -27.68 14.38 23.93
N GLU E 263 -27.65 15.27 22.95
CA GLU E 263 -27.82 16.70 23.24
C GLU E 263 -29.29 17.11 23.31
N GLY E 264 -30.15 16.20 22.95
CA GLY E 264 -31.59 16.37 22.92
C GLY E 264 -32.16 15.52 24.03
N GLU E 265 -33.25 14.85 23.73
CA GLU E 265 -33.97 13.95 24.62
C GLU E 265 -33.36 12.57 24.56
N ILE E 266 -33.89 11.61 25.31
CA ILE E 266 -33.36 10.26 25.21
C ILE E 266 -33.81 9.72 23.87
N ILE E 267 -32.88 9.18 23.10
CA ILE E 267 -33.23 8.69 21.78
C ILE E 267 -33.13 7.19 21.68
N ILE E 268 -34.19 6.58 21.18
CA ILE E 268 -34.22 5.15 21.00
C ILE E 268 -33.86 4.86 19.57
N ARG E 269 -32.76 4.16 19.33
CA ARG E 269 -32.35 3.91 17.96
C ARG E 269 -32.29 2.43 17.65
N SER E 270 -32.91 2.03 16.55
CA SER E 270 -32.89 0.65 16.14
C SER E 270 -33.01 0.57 14.64
N GLU E 271 -32.46 -0.48 14.03
CA GLU E 271 -32.59 -0.61 12.57
C GLU E 271 -34.07 -0.71 12.11
N ASN E 272 -34.88 -1.49 12.85
CA ASN E 272 -36.31 -1.72 12.65
C ASN E 272 -36.93 -1.98 14.03
N ILE E 273 -37.54 -0.96 14.67
CA ILE E 273 -38.05 -1.06 16.07
C ILE E 273 -39.16 -2.10 16.20
N THR E 274 -39.87 -2.30 15.10
CA THR E 274 -40.92 -3.29 14.94
C THR E 274 -40.38 -4.70 15.12
N ASP E 275 -39.18 -4.97 14.62
CA ASP E 275 -38.58 -6.28 14.71
C ASP E 275 -37.91 -6.45 16.06
N ASN E 276 -38.43 -7.34 16.89
CA ASN E 276 -37.91 -7.46 18.24
C ASN E 276 -36.50 -8.08 18.23
N GLY E 277 -36.12 -8.65 17.09
CA GLY E 277 -34.84 -9.28 16.89
C GLY E 277 -33.70 -8.29 16.67
N LYS E 278 -34.01 -7.01 16.52
CA LYS E 278 -32.97 -6.01 16.34
C LYS E 278 -32.51 -5.47 17.67
N THR E 279 -31.26 -5.05 17.72
CA THR E 279 -30.72 -4.42 18.91
C THR E 279 -31.24 -3.00 19.04
N ILE E 280 -31.68 -2.64 20.23
CA ILE E 280 -32.14 -1.31 20.51
C ILE E 280 -31.11 -0.57 21.33
N LEU E 281 -30.65 0.55 20.81
CA LEU E 281 -29.66 1.33 21.51
C LEU E 281 -30.35 2.51 22.16
N VAL E 282 -30.24 2.61 23.46
CA VAL E 282 -30.89 3.71 24.15
C VAL E 282 -29.82 4.69 24.48
N HIS E 283 -29.92 5.87 23.92
CA HIS E 283 -28.89 6.86 24.14
C HIS E 283 -29.41 7.93 25.08
N LEU E 284 -28.81 8.01 26.26
CA LEU E 284 -29.29 8.91 27.30
C LEU E 284 -28.76 10.31 27.06
N ASN E 285 -29.53 11.34 27.51
CA ASN E 285 -29.13 12.76 27.50
C ASN E 285 -28.54 13.25 28.85
N GLU E 286 -28.49 12.37 29.88
CA GLU E 286 -27.98 12.59 31.22
C GLU E 286 -27.21 11.34 31.58
N SER E 287 -26.09 11.47 32.24
CA SER E 287 -25.35 10.31 32.64
C SER E 287 -25.80 9.75 33.97
N VAL E 288 -25.49 8.48 34.20
CA VAL E 288 -25.73 7.87 35.50
C VAL E 288 -24.40 7.40 36.09
N LYS E 289 -24.10 7.82 37.30
CA LYS E 289 -22.84 7.43 37.90
C LYS E 289 -22.84 6.00 38.39
N ILE E 290 -21.81 5.25 38.01
CA ILE E 290 -21.64 3.88 38.48
C ILE E 290 -20.25 3.71 39.09
N GLU E 291 -20.19 3.36 40.37
CA GLU E 291 -18.89 3.21 41.04
C GLU E 291 -18.63 1.75 41.43
N CYS E 292 -17.56 1.15 40.89
CA CYS E 292 -17.25 -0.27 41.06
C CYS E 292 -15.94 -0.48 41.83
N THR E 293 -15.91 -1.59 42.57
CA THR E 293 -14.73 -1.89 43.33
C THR E 293 -14.52 -3.34 43.76
N ARG E 294 -13.25 -3.59 44.05
CA ARG E 294 -12.71 -4.80 44.65
C ARG E 294 -11.93 -4.40 45.90
N PRO E 295 -12.59 -4.30 47.05
CA PRO E 295 -12.06 -3.76 48.30
C PRO E 295 -11.19 -4.73 49.06
N ASN E 296 -10.14 -5.20 48.44
CA ASN E 296 -9.23 -6.12 49.10
C ASN E 296 -7.86 -5.96 48.47
N ASN E 297 -6.78 -6.35 49.18
CA ASN E 297 -5.40 -6.26 48.73
C ASN E 297 -4.89 -7.59 48.20
N LYS E 298 -4.66 -7.67 46.88
CA LYS E 298 -4.16 -8.88 46.23
C LYS E 298 -2.64 -8.86 46.26
N THR E 299 -2.06 -9.97 46.71
CA THR E 299 -0.63 -10.13 46.77
C THR E 299 -0.17 -10.83 45.52
N ARG E 300 0.93 -10.37 44.95
CA ARG E 300 1.43 -10.99 43.74
C ARG E 300 2.64 -11.85 43.95
N THR E 301 2.76 -12.89 43.16
CA THR E 301 3.96 -13.69 43.14
C THR E 301 4.42 -13.85 41.71
N SER E 302 5.55 -14.51 41.53
CA SER E 302 6.00 -14.73 40.16
C SER E 302 6.68 -16.07 40.03
N ILE E 303 6.53 -16.61 38.85
CA ILE E 303 7.07 -17.90 38.49
C ILE E 303 7.98 -17.88 37.27
N ARG E 304 9.15 -18.50 37.40
CA ARG E 304 9.99 -18.54 36.23
C ARG E 304 9.50 -19.68 35.39
N ILE E 305 8.69 -19.32 34.40
CA ILE E 305 8.05 -20.27 33.51
C ILE E 305 9.06 -20.73 32.50
N GLY E 306 9.99 -19.85 32.15
CA GLY E 306 11.02 -20.21 31.21
C GLY E 306 12.23 -19.30 31.26
N PRO E 307 13.22 -19.52 30.41
CA PRO E 307 14.47 -18.80 30.34
C PRO E 307 14.27 -17.40 29.82
N GLY E 308 13.91 -16.51 30.75
CA GLY E 308 13.61 -15.12 30.46
C GLY E 308 12.11 -14.82 30.49
N GLN E 309 11.31 -15.79 30.92
CA GLN E 309 9.86 -15.59 30.96
C GLN E 309 9.27 -15.75 32.34
N ALA E 310 8.60 -14.70 32.79
CA ALA E 310 7.96 -14.76 34.10
C ALA E 310 6.47 -14.82 33.97
N PHE E 311 5.88 -15.78 34.64
CA PHE E 311 4.46 -15.99 34.75
C PHE E 311 3.98 -15.29 35.99
N TYR E 312 2.95 -14.49 35.86
CA TYR E 312 2.49 -13.83 37.07
C TYR E 312 1.28 -14.53 37.63
N ALA E 313 1.25 -14.66 38.94
CA ALA E 313 0.16 -15.37 39.56
C ALA E 313 -0.22 -14.80 40.90
N THR E 314 -1.45 -15.06 41.31
CA THR E 314 -2.00 -14.61 42.57
C THR E 314 -1.40 -15.32 43.78
N GLY E 315 -1.06 -14.54 44.79
CA GLY E 315 -0.54 -15.00 46.07
C GLY E 315 -1.69 -14.98 47.06
N GLN E 316 -1.54 -14.24 48.15
CA GLN E 316 -2.56 -14.16 49.19
C GLN E 316 -3.59 -13.04 48.99
N VAL E 317 -4.75 -13.19 49.64
CA VAL E 317 -5.79 -12.15 49.63
C VAL E 317 -5.95 -11.53 51.01
N ILE E 318 -5.72 -10.23 51.09
CA ILE E 318 -5.75 -9.48 52.33
C ILE E 318 -6.91 -8.50 52.48
N GLY E 319 -7.72 -8.65 53.53
CA GLY E 319 -8.83 -7.73 53.73
C GLY E 319 -10.16 -8.44 53.85
N ASP E 320 -11.24 -7.68 53.66
CA ASP E 320 -12.58 -8.22 53.75
C ASP E 320 -12.80 -9.06 52.51
N ILE E 321 -13.75 -9.98 52.58
CA ILE E 321 -13.99 -10.81 51.43
C ILE E 321 -15.33 -10.63 50.74
N ARG E 322 -15.19 -10.29 49.47
CA ARG E 322 -16.22 -10.15 48.47
C ARG E 322 -15.41 -9.95 47.23
N GLU E 323 -15.70 -10.63 46.14
CA GLU E 323 -14.83 -10.43 45.00
C GLU E 323 -15.00 -9.05 44.37
N ALA E 324 -16.24 -8.62 44.19
CA ALA E 324 -16.53 -7.33 43.63
C ALA E 324 -17.98 -6.95 43.85
N TYR E 325 -18.26 -5.66 43.74
CA TYR E 325 -19.63 -5.17 43.72
C TYR E 325 -19.61 -3.77 43.10
N CYS E 326 -20.80 -3.22 42.70
CA CYS E 326 -20.93 -1.84 42.17
C CYS E 326 -22.07 -1.03 42.83
N ASN E 327 -21.76 0.23 43.11
CA ASN E 327 -22.62 1.26 43.68
C ASN E 327 -23.38 2.06 42.61
N ILE E 328 -24.71 1.89 42.47
CA ILE E 328 -25.52 2.71 41.52
C ILE E 328 -26.68 3.32 42.30
N SER E 329 -26.90 4.62 42.18
CA SER E 329 -27.97 5.25 42.96
C SER E 329 -29.35 4.75 42.55
N GLU E 330 -30.20 4.52 43.54
CA GLU E 330 -31.56 4.02 43.32
C GLU E 330 -32.45 5.07 42.70
N SER E 331 -32.34 6.30 43.17
CA SER E 331 -33.22 7.31 42.65
C SER E 331 -32.87 7.67 41.25
N THR E 332 -31.58 7.65 40.94
CA THR E 332 -31.16 8.02 39.62
C THR E 332 -31.60 6.96 38.65
N TRP E 333 -31.39 5.70 39.04
CA TRP E 333 -31.75 4.63 38.17
C TRP E 333 -33.25 4.60 37.90
N ASN E 334 -34.08 4.79 38.93
CA ASN E 334 -35.50 4.74 38.68
C ASN E 334 -35.96 5.89 37.81
N GLU E 335 -35.40 7.08 37.98
CA GLU E 335 -35.82 8.16 37.12
C GLU E 335 -35.40 7.88 35.71
N THR E 336 -34.20 7.31 35.54
CA THR E 336 -33.69 7.05 34.23
C THR E 336 -34.58 6.06 33.52
N LEU E 337 -34.99 4.98 34.18
CA LEU E 337 -35.83 4.06 33.47
C LEU E 337 -37.18 4.65 33.16
N GLY E 338 -37.74 5.43 34.07
CA GLY E 338 -39.05 5.95 33.75
C GLY E 338 -38.99 6.79 32.48
N LYS E 339 -37.92 7.59 32.34
CA LYS E 339 -37.78 8.40 31.16
C LYS E 339 -37.59 7.53 29.93
N VAL E 340 -36.83 6.45 30.05
CA VAL E 340 -36.63 5.56 28.91
C VAL E 340 -37.94 4.94 28.48
N VAL E 341 -38.73 4.49 29.43
CA VAL E 341 -39.99 3.86 29.09
C VAL E 341 -40.91 4.85 28.41
N LYS E 342 -40.97 6.07 28.89
CA LYS E 342 -41.83 7.02 28.24
C LYS E 342 -41.46 7.19 26.78
N GLN E 343 -40.17 7.09 26.45
CA GLN E 343 -39.80 7.20 25.05
C GLN E 343 -40.08 5.88 24.31
N LEU E 344 -39.93 4.74 24.98
CA LEU E 344 -40.22 3.47 24.32
C LEU E 344 -41.70 3.38 23.94
N ARG E 345 -42.56 3.98 24.75
CA ARG E 345 -44.00 3.98 24.51
C ARG E 345 -44.39 4.73 23.25
N LYS E 346 -43.46 5.48 22.66
CA LYS E 346 -43.77 6.16 21.42
C LYS E 346 -43.77 5.15 20.29
N HIS E 347 -43.11 4.01 20.49
CA HIS E 347 -43.02 2.99 19.48
C HIS E 347 -43.95 1.86 19.85
N PHE E 348 -44.25 1.77 21.15
CA PHE E 348 -45.12 0.74 21.66
C PHE E 348 -46.22 1.37 22.52
N PRO E 349 -47.13 2.17 21.94
CA PRO E 349 -48.18 2.89 22.61
C PRO E 349 -49.27 1.96 23.06
N HIS E 350 -49.97 2.33 24.12
CA HIS E 350 -51.14 1.63 24.64
C HIS E 350 -50.85 0.17 24.97
N LYS E 351 -49.63 -0.06 25.42
CA LYS E 351 -49.14 -1.36 25.82
C LYS E 351 -48.26 -1.08 27.01
N ASN E 352 -48.07 -2.07 27.91
CA ASN E 352 -47.18 -1.92 29.07
C ASN E 352 -45.78 -2.43 28.70
N ILE E 353 -44.77 -1.98 29.47
CA ILE E 353 -43.36 -2.37 29.35
C ILE E 353 -42.79 -2.96 30.61
N THR E 354 -42.09 -4.09 30.47
CA THR E 354 -41.41 -4.69 31.62
C THR E 354 -39.98 -4.98 31.29
N PHE E 355 -39.15 -4.92 32.30
CA PHE E 355 -37.76 -5.23 32.17
C PHE E 355 -37.44 -6.48 32.93
N GLN E 356 -36.80 -7.39 32.22
CA GLN E 356 -36.40 -8.66 32.77
C GLN E 356 -34.89 -8.81 32.59
N PRO E 357 -34.21 -9.62 33.42
CA PRO E 357 -32.82 -9.97 33.28
C PRO E 357 -32.60 -10.70 31.98
N SER E 358 -31.39 -10.60 31.46
CA SER E 358 -31.05 -11.29 30.24
C SER E 358 -30.84 -12.76 30.47
N SER E 359 -30.74 -13.51 29.39
CA SER E 359 -30.50 -14.94 29.45
C SER E 359 -29.57 -15.35 28.33
N GLY E 360 -28.60 -16.17 28.67
CA GLY E 360 -27.58 -16.63 27.73
C GLY E 360 -26.60 -17.55 28.43
N GLY E 361 -25.53 -17.91 27.72
CA GLY E 361 -24.52 -18.84 28.23
C GLY E 361 -23.35 -18.16 28.95
N ASP E 362 -22.37 -17.68 28.20
CA ASP E 362 -21.19 -17.10 28.83
C ASP E 362 -21.51 -15.79 29.53
N LEU E 363 -20.66 -15.42 30.46
CA LEU E 363 -20.86 -14.22 31.26
C LEU E 363 -20.87 -12.99 30.39
N GLU E 364 -20.19 -13.03 29.27
CA GLU E 364 -20.10 -11.89 28.37
C GLU E 364 -21.50 -11.43 27.90
N VAL E 365 -22.50 -12.31 27.92
CA VAL E 365 -23.83 -11.94 27.49
C VAL E 365 -24.87 -12.01 28.60
N THR E 366 -24.47 -12.32 29.83
CA THR E 366 -25.44 -12.40 30.92
C THR E 366 -25.13 -11.34 31.96
N THR E 367 -23.90 -10.84 31.93
CA THR E 367 -23.42 -9.85 32.88
C THR E 367 -22.97 -8.57 32.22
N HIS E 368 -22.73 -7.59 33.07
CA HIS E 368 -22.16 -6.33 32.64
C HIS E 368 -20.67 -6.44 32.75
N SER E 369 -20.02 -6.53 31.59
CA SER E 369 -18.59 -6.70 31.57
C SER E 369 -17.87 -5.40 31.36
N PHE E 370 -16.81 -5.21 32.09
CA PHE E 370 -15.96 -4.04 31.93
C PHE E 370 -14.58 -4.31 32.45
N ASN E 371 -13.65 -3.45 32.09
CA ASN E 371 -12.28 -3.62 32.56
C ASN E 371 -11.71 -2.36 33.19
N CYS E 372 -11.44 -2.40 34.52
CA CYS E 372 -10.87 -1.31 35.30
C CYS E 372 -9.45 -1.69 35.66
N GLY E 373 -8.52 -0.80 35.36
CA GLY E 373 -7.15 -1.17 35.63
C GLY E 373 -6.90 -2.43 34.80
N GLY E 374 -6.43 -3.48 35.46
CA GLY E 374 -6.17 -4.74 34.80
C GLY E 374 -7.18 -5.84 35.16
N GLU E 375 -8.24 -5.48 35.87
CA GLU E 375 -9.22 -6.46 36.31
C GLU E 375 -10.49 -6.48 35.47
N PHE E 376 -10.88 -7.68 35.07
CA PHE E 376 -12.05 -7.90 34.26
C PHE E 376 -13.22 -8.34 35.10
N PHE E 377 -14.22 -7.47 35.15
CA PHE E 377 -15.39 -7.62 35.98
C PHE E 377 -16.57 -8.10 35.18
N TYR E 378 -17.37 -8.97 35.80
CA TYR E 378 -18.60 -9.54 35.27
C TYR E 378 -19.74 -9.39 36.28
N CYS E 379 -20.48 -8.24 36.23
CA CYS E 379 -21.45 -7.86 37.27
C CYS E 379 -22.88 -8.29 36.95
N ASN E 380 -23.62 -8.62 38.01
CA ASN E 380 -25.01 -9.04 37.93
C ASN E 380 -25.96 -7.82 37.93
N THR E 381 -26.67 -7.62 36.80
CA THR E 381 -27.57 -6.51 36.52
C THR E 381 -29.03 -6.85 36.77
N SER E 382 -29.32 -7.99 37.38
CA SER E 382 -30.72 -8.34 37.61
C SER E 382 -31.38 -7.35 38.56
N GLY E 383 -30.59 -6.62 39.33
CA GLY E 383 -31.11 -5.63 40.24
C GLY E 383 -31.49 -4.35 39.52
N LEU E 384 -31.09 -4.23 38.25
CA LEU E 384 -31.38 -3.04 37.47
C LEU E 384 -32.56 -3.24 36.55
N PHE E 385 -32.73 -4.47 36.07
CA PHE E 385 -33.76 -4.76 35.07
C PHE E 385 -34.80 -5.78 35.53
N ASN E 386 -35.52 -5.44 36.61
CA ASN E 386 -36.59 -6.23 37.21
C ASN E 386 -37.72 -5.27 37.65
N SER E 387 -38.56 -4.85 36.67
CA SER E 387 -39.65 -3.86 36.91
C SER E 387 -40.77 -3.93 35.89
N THR E 388 -41.93 -3.38 36.26
CA THR E 388 -43.04 -3.25 35.32
C THR E 388 -43.46 -1.78 35.28
N TRP E 389 -43.64 -1.23 34.07
CA TRP E 389 -44.00 0.13 33.77
C TRP E 389 -45.19 0.06 32.82
N ASP E 405 -30.91 3.56 49.42
CA ASP E 405 -30.66 4.65 48.47
C ASP E 405 -29.83 4.24 47.22
N SER E 406 -29.21 3.04 47.21
CA SER E 406 -28.39 2.50 46.11
C SER E 406 -28.44 0.98 46.01
N ILE E 407 -28.08 0.47 44.84
CA ILE E 407 -28.06 -0.95 44.48
C ILE E 407 -26.63 -1.47 44.49
N THR E 408 -26.42 -2.65 45.11
CA THR E 408 -25.09 -3.27 45.26
C THR E 408 -24.52 -3.99 44.04
N LEU E 409 -25.36 -4.48 43.15
CA LEU E 409 -24.88 -5.18 41.97
C LEU E 409 -23.69 -6.11 42.24
N PRO E 410 -23.90 -7.30 42.82
CA PRO E 410 -22.87 -8.26 43.16
C PRO E 410 -22.11 -8.51 41.89
N CYS E 411 -20.77 -8.68 41.97
CA CYS E 411 -19.93 -8.81 40.77
C CYS E 411 -18.77 -9.80 40.92
N ARG E 412 -18.48 -10.55 39.85
CA ARG E 412 -17.36 -11.50 39.85
C ARG E 412 -16.20 -11.09 38.96
N ILE E 413 -15.04 -11.70 39.22
CA ILE E 413 -13.81 -11.44 38.47
C ILE E 413 -13.23 -12.70 37.83
N LYS E 414 -12.78 -12.58 36.58
CA LYS E 414 -12.21 -13.72 35.85
C LYS E 414 -10.87 -13.32 35.23
N GLN E 415 -9.85 -14.22 35.21
CA GLN E 415 -8.57 -13.87 34.60
C GLN E 415 -8.37 -14.36 33.16
N ILE E 416 -9.12 -15.32 32.67
CA ILE E 416 -8.90 -15.74 31.29
C ILE E 416 -10.02 -15.17 30.44
N ILE E 417 -9.68 -14.28 29.52
CA ILE E 417 -10.72 -13.62 28.80
C ILE E 417 -10.69 -13.87 27.30
N ASN E 418 -11.77 -14.45 26.80
CA ASN E 418 -11.88 -14.76 25.38
C ASN E 418 -12.51 -13.56 24.68
N MET E 419 -11.76 -12.49 24.57
CA MET E 419 -12.37 -11.28 24.08
C MET E 419 -12.84 -11.42 22.66
N TRP E 420 -13.97 -10.77 22.39
CA TRP E 420 -14.63 -10.70 21.10
C TRP E 420 -15.00 -12.05 20.53
N GLN E 421 -15.01 -13.08 21.36
CA GLN E 421 -15.39 -14.40 20.94
C GLN E 421 -14.58 -14.88 19.73
N GLU E 422 -13.27 -14.58 19.73
CA GLU E 422 -12.40 -15.02 18.65
C GLU E 422 -11.96 -16.46 18.84
N VAL E 423 -12.25 -16.99 20.01
CA VAL E 423 -12.02 -18.36 20.45
C VAL E 423 -10.56 -18.78 20.57
N GLY E 424 -9.81 -18.71 19.47
CA GLY E 424 -8.41 -19.10 19.49
C GLY E 424 -7.56 -18.15 20.33
N ARG E 425 -7.85 -16.87 20.24
CA ARG E 425 -7.08 -15.89 20.97
C ARG E 425 -7.69 -15.64 22.34
N ALA E 426 -6.85 -15.58 23.36
CA ALA E 426 -7.33 -15.22 24.69
C ALA E 426 -6.20 -14.61 25.48
N MET E 427 -6.58 -13.70 26.36
CA MET E 427 -5.63 -13.03 27.22
C MET E 427 -5.71 -13.49 28.65
N TYR E 428 -4.55 -13.60 29.28
CA TYR E 428 -4.53 -13.86 30.71
C TYR E 428 -4.26 -12.55 31.43
N ALA E 429 -5.16 -12.20 32.31
CA ALA E 429 -5.02 -10.98 33.06
C ALA E 429 -4.15 -11.24 34.27
N PRO E 430 -2.98 -10.62 34.41
CA PRO E 430 -2.09 -10.85 35.50
C PRO E 430 -2.81 -10.22 36.65
N PRO E 431 -2.55 -10.62 37.87
CA PRO E 431 -3.12 -10.07 39.05
C PRO E 431 -2.64 -8.66 39.24
N ILE E 432 -3.48 -7.81 39.78
CA ILE E 432 -3.07 -6.46 40.11
C ILE E 432 -3.00 -6.29 41.61
N GLN E 433 -1.84 -5.85 42.06
CA GLN E 433 -1.56 -5.74 43.47
C GLN E 433 -2.36 -4.66 44.15
N GLY E 434 -2.72 -4.94 45.39
CA GLY E 434 -3.45 -3.97 46.18
C GLY E 434 -4.92 -4.05 45.80
N ASN E 435 -5.70 -2.97 46.11
CA ASN E 435 -7.14 -2.89 45.87
C ASN E 435 -7.43 -1.95 44.70
N ILE E 436 -8.63 -2.08 44.09
CA ILE E 436 -9.08 -1.22 42.98
C ILE E 436 -10.47 -0.65 43.10
N THR E 437 -10.56 0.62 42.76
CA THR E 437 -11.82 1.34 42.67
C THR E 437 -11.83 2.05 41.32
N CYS E 438 -13.03 2.22 40.71
CA CYS E 438 -13.24 2.95 39.45
C CYS E 438 -14.64 3.56 39.34
N VAL E 439 -14.69 4.73 38.71
CA VAL E 439 -15.95 5.40 38.49
C VAL E 439 -16.20 5.62 37.03
N SER E 440 -17.31 5.11 36.56
CA SER E 440 -17.65 5.26 35.16
C SER E 440 -18.99 5.96 34.99
N ASN E 441 -19.23 6.50 33.78
CA ASN E 441 -20.46 7.18 33.39
C ASN E 441 -21.29 6.30 32.47
N ILE E 442 -22.55 5.96 32.85
CA ILE E 442 -23.46 5.20 31.99
C ILE E 442 -24.06 6.22 31.05
N THR E 443 -23.83 6.01 29.77
CA THR E 443 -24.29 6.94 28.75
C THR E 443 -25.37 6.33 27.90
N GLY E 444 -25.50 5.01 27.96
CA GLY E 444 -26.54 4.37 27.20
C GLY E 444 -26.71 2.94 27.58
N LEU E 445 -27.81 2.36 27.11
CA LEU E 445 -28.16 0.98 27.43
C LEU E 445 -28.36 0.16 26.17
N ILE E 446 -28.09 -1.14 26.23
CA ILE E 446 -28.43 -1.95 25.08
C ILE E 446 -29.52 -2.94 25.44
N LEU E 447 -30.63 -2.86 24.72
CA LEU E 447 -31.80 -3.72 24.95
C LEU E 447 -32.23 -4.54 23.75
N THR E 448 -32.84 -5.68 24.01
CA THR E 448 -33.47 -6.47 22.95
C THR E 448 -34.91 -6.63 23.37
N ARG E 449 -35.80 -7.04 22.46
CA ARG E 449 -37.20 -7.16 22.85
C ARG E 449 -37.74 -8.59 22.61
N ASP E 450 -38.75 -9.00 23.41
CA ASP E 450 -39.48 -10.27 23.30
C ASP E 450 -40.75 -10.18 24.14
N ASN E 455 -51.32 -6.03 25.98
CA ASN E 455 -50.26 -6.92 26.38
C ASN E 455 -49.12 -6.07 27.01
N THR E 456 -48.04 -6.75 27.48
CA THR E 456 -46.83 -6.15 28.05
C THR E 456 -45.62 -6.60 27.25
N GLU E 457 -44.83 -5.66 26.77
CA GLU E 457 -43.60 -5.95 26.02
C GLU E 457 -42.48 -6.21 26.97
N THR E 458 -41.62 -7.17 26.66
CA THR E 458 -40.49 -7.44 27.52
C THR E 458 -39.20 -7.01 26.90
N PHE E 459 -38.44 -6.24 27.66
CA PHE E 459 -37.14 -5.81 27.24
C PHE E 459 -36.13 -6.47 28.14
N ARG E 460 -35.02 -6.86 27.55
CA ARG E 460 -33.97 -7.48 28.33
C ARG E 460 -32.68 -6.83 27.96
N PRO E 461 -31.71 -6.75 28.84
CA PRO E 461 -30.39 -6.31 28.53
C PRO E 461 -29.86 -7.18 27.44
N GLY E 462 -29.23 -6.56 26.49
CA GLY E 462 -28.65 -7.21 25.36
C GLY E 462 -27.16 -7.09 25.43
N GLY E 463 -26.61 -6.79 24.29
CA GLY E 463 -25.19 -6.62 24.10
C GLY E 463 -24.89 -7.21 22.76
N GLY E 464 -23.90 -6.68 22.08
CA GLY E 464 -23.54 -7.16 20.77
C GLY E 464 -22.18 -7.79 20.75
N ASP E 465 -21.56 -7.69 19.59
CA ASP E 465 -20.27 -8.23 19.25
C ASP E 465 -19.22 -7.15 19.23
N MET E 466 -19.54 -6.07 19.93
CA MET E 466 -18.81 -4.82 20.06
C MET E 466 -19.01 -3.85 18.93
N ARG E 467 -19.71 -4.23 17.89
CA ARG E 467 -19.92 -3.26 16.84
C ARG E 467 -20.95 -2.27 17.34
N ASP E 468 -21.87 -2.75 18.15
CA ASP E 468 -22.95 -1.93 18.68
C ASP E 468 -22.41 -0.79 19.52
N ASN E 469 -21.28 -0.99 20.17
CA ASN E 469 -20.77 0.04 21.05
C ASN E 469 -20.11 1.15 20.28
N TRP E 470 -19.91 0.96 19.00
CA TRP E 470 -19.30 1.97 18.19
C TRP E 470 -20.36 2.56 17.29
N ARG E 471 -21.36 1.76 16.90
CA ARG E 471 -22.41 2.33 16.07
C ARG E 471 -23.07 3.43 16.85
N SER E 472 -23.18 3.24 18.16
CA SER E 472 -23.80 4.19 19.04
C SER E 472 -23.06 5.52 19.17
N GLU E 473 -21.79 5.58 18.79
CA GLU E 473 -21.03 6.82 18.88
C GLU E 473 -20.74 7.42 17.52
N LEU E 474 -20.62 6.58 16.50
CA LEU E 474 -20.28 7.00 15.14
C LEU E 474 -21.49 7.12 14.25
N TYR E 475 -22.66 7.09 14.84
CA TYR E 475 -23.92 7.13 14.12
C TYR E 475 -24.12 8.36 13.29
N LYS E 476 -23.44 9.43 13.63
CA LYS E 476 -23.61 10.68 12.93
C LYS E 476 -22.59 10.88 11.82
N TYR E 477 -21.70 9.91 11.57
CA TYR E 477 -20.70 10.16 10.54
C TYR E 477 -20.84 9.30 9.29
N LYS E 478 -20.55 9.91 8.16
CA LYS E 478 -20.53 9.23 6.87
C LYS E 478 -19.28 9.57 6.06
N VAL E 479 -18.71 8.60 5.36
CA VAL E 479 -17.55 8.88 4.53
C VAL E 479 -17.91 9.02 3.06
N VAL E 480 -17.45 10.11 2.45
CA VAL E 480 -17.72 10.31 1.04
C VAL E 480 -16.44 10.64 0.29
N LYS E 481 -16.46 10.36 -1.01
CA LYS E 481 -15.36 10.68 -1.90
C LYS E 481 -15.67 11.95 -2.63
N ILE E 482 -14.70 12.82 -2.75
CA ILE E 482 -14.93 14.07 -3.44
C ILE E 482 -14.65 13.89 -4.92
N GLU E 483 -15.55 14.37 -5.76
CA GLU E 483 -15.41 14.23 -7.20
C GLU E 483 -15.42 15.59 -7.91
N PRO E 484 -14.30 16.33 -7.92
CA PRO E 484 -14.18 17.70 -8.38
C PRO E 484 -14.28 17.93 -9.88
N LEU E 485 -14.22 16.87 -10.69
CA LEU E 485 -14.23 17.05 -12.12
C LEU E 485 -15.62 16.80 -12.70
N GLY E 486 -16.07 17.65 -13.62
CA GLY E 486 -17.37 17.42 -14.25
C GLY E 486 -17.66 18.39 -15.39
N VAL E 487 -18.79 18.21 -16.05
CA VAL E 487 -19.12 19.06 -17.18
C VAL E 487 -20.53 19.63 -17.11
N ALA E 488 -20.76 20.71 -17.85
CA ALA E 488 -22.07 21.36 -18.00
C ALA E 488 -22.03 22.15 -19.31
N PRO E 489 -23.14 22.45 -19.97
CA PRO E 489 -23.19 23.29 -21.15
C PRO E 489 -23.00 24.77 -20.87
N THR E 490 -22.42 25.45 -21.85
CA THR E 490 -22.23 26.90 -21.93
C THR E 490 -22.55 27.48 -23.26
N ALA E 491 -22.52 28.79 -23.33
CA ALA E 491 -22.68 29.50 -24.59
C ALA E 491 -21.38 29.59 -25.45
N CYS E 492 -20.20 29.52 -24.79
CA CYS E 492 -18.87 29.65 -25.39
C CYS E 492 -18.35 28.39 -26.07
N LYS E 493 -17.74 28.63 -27.22
CA LYS E 493 -17.00 27.64 -27.97
C LYS E 493 -15.53 27.97 -27.78
N ARG E 494 -14.68 26.96 -27.71
CA ARG E 494 -13.27 27.22 -27.51
C ARG E 494 -12.70 28.10 -28.57
N ARG E 495 -11.92 29.10 -28.14
CA ARG E 495 -11.25 29.95 -29.08
C ARG E 495 -10.04 29.19 -29.54
N VAL E 496 -9.88 29.07 -30.84
CA VAL E 496 -8.73 28.35 -31.37
C VAL E 496 -7.59 29.27 -31.86
N VAL E 497 -7.94 30.36 -32.58
CA VAL E 497 -7.00 31.32 -33.17
C VAL E 497 -6.38 32.18 -32.04
N GLY F 10 -12.60 25.85 3.03
CA GLY F 10 -13.87 26.02 2.33
C GLY F 10 -14.18 24.87 1.35
N PHE F 11 -13.87 23.62 1.75
CA PHE F 11 -14.06 22.41 0.96
C PHE F 11 -15.52 22.05 1.05
N LEU F 12 -16.16 22.01 -0.11
CA LEU F 12 -17.59 21.83 -0.23
C LEU F 12 -18.34 23.00 0.36
N GLY F 13 -17.67 24.14 0.49
CA GLY F 13 -18.40 25.27 0.94
C GLY F 13 -19.30 25.52 -0.24
N ALA F 14 -20.50 25.99 0.01
CA ALA F 14 -21.47 26.25 -1.03
C ALA F 14 -21.88 24.99 -1.79
N ALA F 15 -21.56 23.81 -1.28
CA ALA F 15 -22.11 22.65 -1.93
C ALA F 15 -23.57 22.79 -1.68
N GLY F 16 -24.40 22.42 -2.61
CA GLY F 16 -25.84 22.52 -2.36
C GLY F 16 -26.37 23.84 -2.85
N SER F 17 -25.49 24.77 -3.17
CA SER F 17 -25.93 26.03 -3.67
C SER F 17 -26.15 25.88 -5.14
N THR F 18 -26.81 26.86 -5.71
CA THR F 18 -27.12 26.93 -7.10
C THR F 18 -25.83 26.97 -7.92
N MET F 19 -25.79 26.20 -9.02
CA MET F 19 -24.62 26.07 -9.87
C MET F 19 -24.03 27.40 -10.30
N GLY F 20 -24.85 28.39 -10.58
CA GLY F 20 -24.29 29.67 -11.03
C GLY F 20 -23.32 30.17 -9.97
N ALA F 21 -23.82 30.40 -8.77
CA ALA F 21 -22.99 30.88 -7.68
C ALA F 21 -21.90 29.90 -7.30
N ALA F 22 -22.21 28.63 -7.38
CA ALA F 22 -21.26 27.60 -6.99
C ALA F 22 -20.03 27.63 -7.87
N SER F 23 -20.19 28.02 -9.13
CA SER F 23 -19.07 28.04 -10.06
C SER F 23 -18.04 29.11 -9.69
N MET F 24 -18.41 30.03 -8.81
CA MET F 24 -17.49 31.07 -8.44
C MET F 24 -16.60 30.71 -7.24
N THR F 25 -16.78 29.51 -6.69
CA THR F 25 -16.00 29.06 -5.53
C THR F 25 -15.01 27.94 -5.87
N LEU F 26 -14.83 27.68 -7.17
CA LEU F 26 -14.03 26.55 -7.69
C LEU F 26 -12.59 26.55 -7.24
N THR F 27 -12.04 27.70 -6.89
CA THR F 27 -10.67 27.78 -6.44
C THR F 27 -10.34 26.71 -5.36
N VAL F 28 -11.28 26.46 -4.39
CA VAL F 28 -11.09 25.49 -3.30
C VAL F 28 -11.97 24.28 -3.62
N ASP F 57 3.95 -4.06 12.93
CA ASP F 57 4.21 -2.81 12.24
C ASP F 57 3.82 -2.88 10.76
N THR F 58 3.92 -4.08 10.13
CA THR F 58 3.63 -4.34 8.71
C THR F 58 2.15 -4.21 8.41
N HIS F 59 1.31 -4.46 9.39
CA HIS F 59 -0.12 -4.28 9.17
C HIS F 59 -0.41 -2.82 8.84
N TRP F 60 0.12 -1.93 9.68
CA TRP F 60 -0.11 -0.52 9.51
C TRP F 60 0.73 0.00 8.37
N GLY F 61 1.87 -0.63 8.13
CA GLY F 61 2.74 -0.23 7.04
C GLY F 61 1.97 -0.34 5.74
N ILE F 62 1.34 -1.49 5.51
CA ILE F 62 0.58 -1.66 4.30
C ILE F 62 -0.59 -0.72 4.23
N LYS F 63 -1.36 -0.56 5.31
CA LYS F 63 -2.49 0.35 5.19
C LYS F 63 -2.06 1.76 4.85
N GLN F 64 -0.96 2.23 5.46
CA GLN F 64 -0.47 3.57 5.21
C GLN F 64 0.04 3.71 3.79
N LEU F 65 0.74 2.68 3.29
CA LEU F 65 1.23 2.76 1.94
C LEU F 65 0.08 2.73 0.96
N GLN F 66 -0.95 1.95 1.22
CA GLN F 66 -2.04 1.93 0.28
C GLN F 66 -2.71 3.27 0.23
N ALA F 67 -2.88 3.92 1.37
CA ALA F 67 -3.51 5.21 1.36
C ALA F 67 -2.69 6.23 0.59
N ARG F 68 -1.37 6.19 0.76
CA ARG F 68 -0.52 7.14 0.08
C ARG F 68 -0.51 6.92 -1.41
N VAL F 69 -0.43 5.65 -1.81
CA VAL F 69 -0.38 5.36 -3.22
C VAL F 69 -1.68 5.71 -3.87
N LEU F 70 -2.79 5.40 -3.23
CA LEU F 70 -4.06 5.70 -3.83
C LEU F 70 -4.25 7.20 -3.99
N ALA F 71 -3.84 7.98 -2.98
CA ALA F 71 -3.98 9.42 -3.09
C ALA F 71 -3.20 9.94 -4.29
N VAL F 72 -2.02 9.38 -4.52
CA VAL F 72 -1.24 9.80 -5.66
C VAL F 72 -1.92 9.44 -6.94
N GLU F 73 -2.47 8.22 -7.02
CA GLU F 73 -3.14 7.84 -8.24
C GLU F 73 -4.32 8.75 -8.54
N HIS F 74 -5.08 9.15 -7.51
CA HIS F 74 -6.22 10.01 -7.79
C HIS F 74 -5.78 11.36 -8.28
N TYR F 75 -4.72 11.89 -7.68
CA TYR F 75 -4.23 13.17 -8.13
C TYR F 75 -3.83 13.13 -9.58
N LEU F 76 -3.04 12.13 -9.92
CA LEU F 76 -2.55 12.04 -11.26
C LEU F 76 -3.64 11.78 -12.26
N ARG F 77 -4.67 11.02 -11.88
CA ARG F 77 -5.72 10.74 -12.83
C ARG F 77 -6.45 12.02 -13.21
N ASP F 78 -6.73 12.90 -12.24
CA ASP F 78 -7.41 14.13 -12.64
C ASP F 78 -6.52 14.97 -13.53
N GLN F 79 -5.22 14.99 -13.24
CA GLN F 79 -4.35 15.80 -14.07
C GLN F 79 -4.26 15.24 -15.47
N GLN F 80 -4.25 13.91 -15.60
CA GLN F 80 -4.17 13.32 -16.91
C GLN F 80 -5.40 13.65 -17.72
N LEU F 81 -6.58 13.56 -17.11
CA LEU F 81 -7.78 13.84 -17.87
C LEU F 81 -7.84 15.29 -18.28
N LEU F 82 -7.43 16.20 -17.43
CA LEU F 82 -7.49 17.55 -17.92
C LEU F 82 -6.48 17.77 -19.03
N GLY F 83 -5.29 17.22 -18.88
CA GLY F 83 -4.28 17.46 -19.89
C GLY F 83 -4.64 16.88 -21.25
N ILE F 84 -5.20 15.69 -21.25
CA ILE F 84 -5.53 15.00 -22.49
C ILE F 84 -6.63 15.69 -23.27
N TRP F 85 -7.39 16.59 -22.63
CA TRP F 85 -8.48 17.33 -23.26
C TRP F 85 -8.06 18.74 -23.57
N GLY F 86 -6.80 19.07 -23.29
CA GLY F 86 -6.29 20.43 -23.47
C GLY F 86 -6.74 21.44 -22.38
N CYS F 87 -7.08 20.97 -21.15
CA CYS F 87 -7.58 21.76 -20.04
C CYS F 87 -6.58 21.85 -18.90
N SER F 88 -5.33 21.55 -19.20
CA SER F 88 -4.34 21.60 -18.14
C SER F 88 -4.23 23.00 -17.61
N GLY F 89 -4.21 23.13 -16.30
CA GLY F 89 -4.04 24.44 -15.68
C GLY F 89 -5.31 25.27 -15.57
N LYS F 90 -6.46 24.76 -15.98
CA LYS F 90 -7.63 25.60 -15.92
C LYS F 90 -8.70 25.10 -14.97
N LEU F 91 -9.39 26.02 -14.29
CA LEU F 91 -10.52 25.61 -13.47
C LEU F 91 -11.77 25.57 -14.32
N ILE F 92 -11.81 26.44 -15.32
CA ILE F 92 -12.90 26.46 -16.27
C ILE F 92 -12.24 26.34 -17.64
N CYS F 93 -12.63 25.33 -18.43
CA CYS F 93 -12.08 25.04 -19.74
C CYS F 93 -13.18 24.90 -20.78
N THR F 94 -13.02 25.62 -21.87
CA THR F 94 -14.00 25.58 -22.92
C THR F 94 -13.46 24.69 -24.02
N THR F 95 -14.29 23.81 -24.55
CA THR F 95 -13.88 22.93 -25.65
C THR F 95 -14.65 23.16 -26.95
N ASN F 96 -14.33 22.33 -27.95
CA ASN F 96 -14.94 22.37 -29.28
C ASN F 96 -16.01 21.31 -29.49
N VAL F 97 -16.39 20.64 -28.42
CA VAL F 97 -17.42 19.64 -28.48
C VAL F 97 -18.75 20.31 -28.20
N PRO F 98 -19.75 20.22 -29.09
CA PRO F 98 -21.06 20.79 -28.95
C PRO F 98 -21.85 20.00 -27.96
N TRP F 99 -22.84 20.62 -27.35
CA TRP F 99 -23.73 19.90 -26.47
C TRP F 99 -24.75 19.20 -27.39
N ASN F 100 -24.98 17.89 -27.18
CA ASN F 100 -25.89 17.06 -27.99
C ASN F 100 -27.39 17.38 -27.75
N SER F 101 -27.77 17.77 -26.51
CA SER F 101 -29.16 18.05 -26.02
C SER F 101 -29.91 16.77 -25.67
N THR F 102 -29.40 15.64 -26.11
CA THR F 102 -30.01 14.37 -25.77
C THR F 102 -29.58 14.00 -24.37
N TRP F 103 -28.37 14.40 -24.00
CA TRP F 103 -27.81 14.11 -22.69
C TRP F 103 -28.70 14.77 -21.65
N SER F 104 -29.08 15.98 -21.98
CA SER F 104 -30.01 16.82 -21.23
C SER F 104 -30.50 17.94 -22.13
N ASN F 105 -31.84 18.12 -22.19
CA ASN F 105 -32.52 19.12 -23.04
C ASN F 105 -32.92 20.40 -22.28
N LYS F 106 -32.37 20.64 -21.05
CA LYS F 106 -32.62 21.86 -20.25
C LYS F 106 -31.77 22.99 -20.79
N THR F 107 -32.28 24.20 -20.67
CA THR F 107 -31.62 25.37 -21.19
C THR F 107 -30.80 26.12 -20.18
N LEU F 108 -30.11 27.13 -20.65
CA LEU F 108 -29.39 27.96 -19.75
C LEU F 108 -30.52 28.59 -18.96
N SER F 109 -30.28 28.89 -17.70
CA SER F 109 -31.27 29.42 -16.75
C SER F 109 -32.25 28.34 -16.26
N GLU F 110 -32.09 27.09 -16.71
CA GLU F 110 -32.80 25.93 -16.17
C GLU F 110 -31.77 25.08 -15.49
N ILE F 111 -30.55 25.19 -15.99
CA ILE F 111 -29.41 24.49 -15.40
C ILE F 111 -28.68 25.46 -14.50
N TRP F 112 -28.13 26.50 -15.11
CA TRP F 112 -27.43 27.53 -14.39
C TRP F 112 -28.48 28.38 -13.72
N ASP F 113 -28.18 28.89 -12.55
CA ASP F 113 -29.12 29.69 -11.78
C ASP F 113 -30.45 28.98 -11.50
N ASN F 114 -30.39 27.67 -11.26
CA ASN F 114 -31.55 26.87 -10.93
C ASN F 114 -31.19 25.59 -10.17
N MET F 115 -30.38 24.73 -10.79
CA MET F 115 -29.97 23.45 -10.21
C MET F 115 -28.75 23.58 -9.33
N THR F 116 -28.54 22.58 -8.46
CA THR F 116 -27.31 22.52 -7.67
C THR F 116 -26.35 21.59 -8.40
N TRP F 117 -25.07 21.58 -8.04
CA TRP F 117 -24.18 20.68 -8.75
C TRP F 117 -24.45 19.23 -8.47
N LEU F 118 -24.96 18.90 -7.28
CA LEU F 118 -25.22 17.50 -7.00
C LEU F 118 -26.35 17.01 -7.90
N GLN F 119 -27.36 17.84 -8.11
CA GLN F 119 -28.46 17.41 -8.96
C GLN F 119 -28.01 17.24 -10.37
N TRP F 120 -27.16 18.15 -10.83
CA TRP F 120 -26.68 18.09 -12.19
C TRP F 120 -25.87 16.85 -12.39
N ASP F 121 -25.00 16.53 -11.44
CA ASP F 121 -24.20 15.35 -11.60
C ASP F 121 -25.07 14.13 -11.77
N LYS F 122 -26.17 14.04 -11.02
CA LYS F 122 -27.03 12.90 -11.22
C LYS F 122 -27.72 12.92 -12.57
N GLU F 123 -28.20 14.09 -12.98
CA GLU F 123 -28.97 14.22 -14.22
C GLU F 123 -28.26 13.73 -15.45
N ILE F 124 -26.97 13.95 -15.57
CA ILE F 124 -26.28 13.50 -16.75
C ILE F 124 -25.23 12.43 -16.48
N SER F 125 -25.31 11.73 -15.36
CA SER F 125 -24.22 10.80 -15.07
C SER F 125 -23.97 9.68 -16.10
N ASN F 126 -25.01 9.22 -16.84
CA ASN F 126 -24.91 8.12 -17.81
C ASN F 126 -24.19 8.52 -19.10
N TYR F 127 -23.89 9.82 -19.30
CA TYR F 127 -23.25 10.35 -20.49
C TYR F 127 -21.83 10.77 -20.18
N THR F 128 -21.36 10.47 -18.98
CA THR F 128 -20.03 10.94 -18.59
C THR F 128 -18.95 10.40 -19.49
N GLN F 129 -19.03 9.12 -19.80
CA GLN F 129 -17.98 8.52 -20.59
C GLN F 129 -18.10 8.93 -22.04
N ILE F 130 -19.31 9.19 -22.49
CA ILE F 130 -19.50 9.60 -23.86
C ILE F 130 -18.87 10.96 -24.04
N ILE F 131 -19.13 11.85 -23.10
CA ILE F 131 -18.59 13.18 -23.22
C ILE F 131 -17.10 13.12 -23.14
N TYR F 132 -16.55 12.35 -22.21
CA TYR F 132 -15.11 12.31 -22.13
C TYR F 132 -14.49 11.77 -23.39
N GLY F 133 -15.10 10.75 -24.01
CA GLY F 133 -14.54 10.22 -25.24
C GLY F 133 -14.54 11.30 -26.33
N LEU F 134 -15.60 12.08 -26.41
CA LEU F 134 -15.67 13.14 -27.41
C LEU F 134 -14.62 14.20 -27.16
N LEU F 135 -14.36 14.51 -25.90
CA LEU F 135 -13.38 15.53 -25.60
C LEU F 135 -12.01 15.06 -26.07
N GLU F 136 -11.71 13.78 -25.87
CA GLU F 136 -10.41 13.28 -26.32
C GLU F 136 -10.28 13.31 -27.84
N GLU F 137 -11.36 12.97 -28.55
CA GLU F 137 -11.27 12.98 -30.01
C GLU F 137 -11.06 14.38 -30.52
N SER F 138 -11.73 15.34 -29.91
CA SER F 138 -11.60 16.71 -30.34
C SER F 138 -10.18 17.18 -30.13
N GLN F 139 -9.58 16.85 -29.00
CA GLN F 139 -8.22 17.30 -28.77
C GLN F 139 -7.26 16.66 -29.75
N ASN F 140 -7.47 15.39 -30.11
CA ASN F 140 -6.56 14.78 -31.06
C ASN F 140 -6.64 15.46 -32.38
N GLN F 141 -7.85 15.83 -32.80
CA GLN F 141 -7.94 16.46 -34.09
C GLN F 141 -7.32 17.83 -34.04
N GLN F 142 -7.52 18.56 -32.94
CA GLN F 142 -6.98 19.89 -32.89
C GLN F 142 -5.47 19.88 -32.94
N GLU F 143 -4.82 18.94 -32.27
CA GLU F 143 -3.38 18.93 -32.35
C GLU F 143 -2.91 18.40 -33.69
N LYS F 144 -3.57 17.38 -34.23
CA LYS F 144 -3.14 16.87 -35.54
C LYS F 144 -3.16 17.95 -36.63
N ASN F 145 -4.16 18.86 -36.58
CA ASN F 145 -4.36 19.95 -37.53
C ASN F 145 -3.17 20.93 -37.56
N GLU F 146 -2.33 20.99 -36.48
CA GLU F 146 -1.18 21.88 -36.34
C GLU F 146 0.12 21.24 -36.78
N THR F 147 0.08 19.97 -37.19
CA THR F 147 1.29 19.29 -37.63
C THR F 147 1.19 18.97 -39.11
N ASP F 148 0.19 19.56 -39.72
CA ASP F 148 -0.15 19.39 -41.12
C ASP F 148 1.01 19.81 -42.03
N ASN F 149 1.19 19.07 -43.13
CA ASN F 149 2.31 19.36 -44.01
C ASN F 149 2.02 20.39 -45.10
N LEU F 150 0.81 20.91 -45.18
CA LEU F 150 0.51 21.92 -46.19
C LEU F 150 0.46 23.27 -45.52
N THR F 151 -0.14 23.31 -44.34
CA THR F 151 -0.24 24.56 -43.59
C THR F 151 0.18 24.32 -42.14
N CYS F 152 0.61 25.39 -41.41
CA CYS F 152 0.98 25.33 -40.00
C CYS F 152 0.93 26.75 -39.46
N GLU G 37 14.65 48.40 -6.53
CA GLU G 37 13.35 49.07 -6.61
C GLU G 37 12.43 48.50 -7.72
N ASN G 38 13.02 47.90 -8.78
CA ASN G 38 12.34 47.29 -9.94
C ASN G 38 12.76 45.86 -10.16
N LEU G 39 12.97 45.13 -9.10
CA LEU G 39 13.30 43.73 -9.27
C LEU G 39 12.06 42.95 -8.95
N TRP G 40 11.92 41.82 -9.60
CA TRP G 40 10.78 40.94 -9.49
C TRP G 40 11.17 39.58 -8.98
N VAL G 41 10.26 38.91 -8.31
CA VAL G 41 10.58 37.58 -7.81
C VAL G 41 10.61 36.58 -8.96
N THR G 42 11.66 35.78 -9.05
CA THR G 42 11.74 34.75 -10.07
C THR G 42 11.83 33.40 -9.38
N VAL G 43 11.07 32.47 -9.88
CA VAL G 43 11.05 31.13 -9.36
C VAL G 43 11.91 30.21 -10.20
N TYR G 44 12.79 29.46 -9.54
CA TYR G 44 13.63 28.53 -10.23
C TYR G 44 13.42 27.11 -9.76
N TYR G 45 13.49 26.18 -10.70
CA TYR G 45 13.43 24.77 -10.41
C TYR G 45 14.60 24.06 -11.02
N GLY G 46 15.27 23.26 -10.21
CA GLY G 46 16.45 22.55 -10.66
C GLY G 46 17.68 23.22 -10.06
N VAL G 47 17.48 23.91 -8.97
CA VAL G 47 18.52 24.59 -8.27
C VAL G 47 19.42 23.61 -7.49
N PRO G 48 20.75 23.61 -7.68
CA PRO G 48 21.70 22.70 -7.07
C PRO G 48 22.05 23.02 -5.62
N VAL G 49 21.06 22.91 -4.74
CA VAL G 49 21.25 23.13 -3.30
C VAL G 49 20.73 21.97 -2.48
N TRP G 50 21.14 21.91 -1.23
CA TRP G 50 20.73 20.83 -0.35
C TRP G 50 20.66 21.19 1.12
N LYS G 51 20.01 20.32 1.88
CA LYS G 51 19.86 20.45 3.32
C LYS G 51 20.34 19.21 4.06
N ASP G 52 20.76 19.36 5.31
CA ASP G 52 21.13 18.18 6.08
C ASP G 52 19.89 17.31 6.14
N ALA G 53 20.02 16.01 5.97
CA ALA G 53 18.82 15.19 6.05
C ALA G 53 19.10 13.78 6.46
N GLU G 54 18.08 13.11 6.96
CA GLU G 54 18.21 11.71 7.31
C GLU G 54 17.25 10.86 6.54
N THR G 55 17.78 9.88 5.83
CA THR G 55 16.97 8.95 5.05
C THR G 55 17.51 7.56 5.19
N THR G 56 16.88 6.65 4.47
CA THR G 56 17.32 5.27 4.50
C THR G 56 18.17 4.99 3.28
N LEU G 57 19.38 4.53 3.50
CA LEU G 57 20.26 4.23 2.40
C LEU G 57 20.09 2.78 2.05
N PHE G 58 20.38 2.42 0.82
CA PHE G 58 20.26 1.01 0.48
C PHE G 58 21.65 0.43 0.36
N CYS G 59 21.76 -0.90 0.57
CA CYS G 59 23.03 -1.63 0.51
C CYS G 59 23.22 -2.30 -0.85
N ALA G 60 24.35 -2.00 -1.45
CA ALA G 60 24.73 -2.60 -2.72
C ALA G 60 25.94 -3.52 -2.50
N SER G 61 25.98 -4.65 -3.26
CA SER G 61 27.02 -5.69 -3.26
C SER G 61 28.45 -5.16 -3.04
N HIS G 71 27.10 -19.59 1.76
CA HIS G 71 26.09 -18.55 1.58
C HIS G 71 26.45 -17.33 2.45
N ASN G 72 27.15 -16.34 1.86
CA ASN G 72 27.53 -15.09 2.53
C ASN G 72 26.33 -14.21 2.83
N VAL G 73 26.29 -13.74 4.06
CA VAL G 73 25.22 -12.96 4.61
C VAL G 73 24.95 -11.65 3.94
N TRP G 74 26.00 -10.92 3.64
CA TRP G 74 25.79 -9.64 3.05
C TRP G 74 25.65 -9.79 1.58
N ALA G 75 26.29 -10.81 1.03
CA ALA G 75 26.15 -11.01 -0.41
C ALA G 75 24.70 -11.34 -0.73
N THR G 76 24.08 -12.11 0.17
CA THR G 76 22.70 -12.50 0.01
C THR G 76 21.76 -11.35 0.22
N HIS G 77 21.96 -10.58 1.28
CA HIS G 77 21.06 -9.47 1.54
C HIS G 77 21.19 -8.30 0.55
N CYS G 78 22.44 -7.85 0.28
CA CYS G 78 22.76 -6.69 -0.53
C CYS G 78 22.74 -7.12 -2.01
N CYS G 79 21.53 -7.42 -2.47
CA CYS G 79 21.28 -7.93 -3.81
C CYS G 79 21.43 -6.89 -4.91
N VAL G 80 21.47 -5.63 -4.53
CA VAL G 80 21.60 -4.57 -5.50
C VAL G 80 23.04 -4.55 -5.97
N PRO G 81 23.32 -4.60 -7.27
CA PRO G 81 24.66 -4.59 -7.79
C PRO G 81 25.28 -3.23 -7.60
N THR G 82 26.59 -3.20 -7.52
CA THR G 82 27.30 -1.95 -7.43
C THR G 82 27.52 -1.38 -8.81
N ASP G 83 27.91 -0.12 -8.84
CA ASP G 83 28.25 0.58 -10.06
C ASP G 83 29.64 0.12 -10.53
N PRO G 84 29.81 -0.54 -11.69
CA PRO G 84 31.09 -1.00 -12.19
C PRO G 84 32.09 0.15 -12.40
N ASN G 85 31.59 1.38 -12.54
CA ASN G 85 32.44 2.54 -12.75
C ASN G 85 31.95 3.71 -11.92
N PRO G 86 32.10 3.70 -10.58
CA PRO G 86 31.55 4.67 -9.68
C PRO G 86 32.02 6.05 -10.06
N GLN G 87 31.12 7.00 -9.97
CA GLN G 87 31.46 8.37 -10.29
C GLN G 87 31.71 9.20 -9.07
N GLU G 88 32.51 10.22 -9.24
CA GLU G 88 32.76 11.17 -8.19
C GLU G 88 32.83 12.54 -8.80
N ILE G 89 32.06 13.47 -8.28
CA ILE G 89 32.07 14.80 -8.81
C ILE G 89 32.64 15.79 -7.85
N VAL G 90 33.76 16.35 -8.19
CA VAL G 90 34.36 17.27 -7.26
C VAL G 90 33.59 18.54 -7.33
N LEU G 91 33.20 19.08 -6.19
CA LEU G 91 32.47 20.30 -6.23
C LEU G 91 33.46 21.39 -5.97
N GLU G 92 33.76 22.16 -6.98
CA GLU G 92 34.74 23.18 -6.79
C GLU G 92 34.09 24.25 -5.93
N ASN G 93 34.89 24.88 -5.03
CA ASN G 93 34.49 25.97 -4.13
C ASN G 93 33.33 25.59 -3.18
N VAL G 94 33.28 24.33 -2.68
CA VAL G 94 32.27 23.88 -1.72
C VAL G 94 32.85 23.44 -0.41
N THR G 95 32.36 24.11 0.62
CA THR G 95 32.68 23.88 2.01
C THR G 95 31.45 23.30 2.65
N GLU G 96 31.62 22.24 3.40
CA GLU G 96 30.51 21.57 4.06
C GLU G 96 30.90 21.20 5.47
N ASN G 97 30.02 21.42 6.43
CA ASN G 97 30.32 21.07 7.81
C ASN G 97 29.90 19.62 8.11
N PHE G 98 30.91 18.77 8.33
CA PHE G 98 30.74 17.34 8.56
C PHE G 98 30.81 17.09 10.05
N ASN G 99 30.11 16.07 10.56
CA ASN G 99 30.17 15.91 12.00
C ASN G 99 30.12 14.47 12.50
N MET G 100 31.27 13.92 12.89
CA MET G 100 31.28 12.57 13.38
C MET G 100 30.59 12.56 14.69
N TRP G 101 30.04 11.42 15.04
CA TRP G 101 29.34 11.22 16.30
C TRP G 101 27.91 11.77 16.25
N LYS G 102 27.58 12.59 15.25
CA LYS G 102 26.24 13.10 15.05
C LYS G 102 25.69 12.56 13.75
N ASN G 103 26.49 11.73 13.09
CA ASN G 103 26.22 11.17 11.79
C ASN G 103 25.35 9.95 11.91
N ASN G 104 24.11 10.03 11.46
CA ASN G 104 23.16 8.95 11.68
C ASN G 104 23.40 7.75 10.80
N MET G 105 24.35 7.82 9.87
CA MET G 105 24.63 6.66 9.05
C MET G 105 25.27 5.61 9.88
N VAL G 106 25.90 6.01 10.95
CA VAL G 106 26.60 5.07 11.77
C VAL G 106 25.57 4.23 12.46
N GLU G 107 24.55 4.89 12.97
CA GLU G 107 23.47 4.24 13.64
C GLU G 107 22.69 3.40 12.66
N GLN G 108 22.51 3.89 11.44
CA GLN G 108 21.76 3.11 10.48
C GLN G 108 22.50 1.86 10.11
N MET G 109 23.82 1.95 9.94
CA MET G 109 24.58 0.77 9.60
C MET G 109 24.44 -0.23 10.72
N HIS G 110 24.52 0.22 11.96
CA HIS G 110 24.40 -0.66 13.09
C HIS G 110 23.07 -1.38 13.09
N GLU G 111 21.99 -0.64 12.91
CA GLU G 111 20.69 -1.30 13.00
C GLU G 111 20.48 -2.30 11.88
N ASP G 112 20.96 -2.00 10.68
CA ASP G 112 20.78 -2.97 9.62
C ASP G 112 21.63 -4.19 9.85
N ILE G 113 22.83 -4.02 10.40
CA ILE G 113 23.65 -5.18 10.68
C ILE G 113 23.00 -6.06 11.70
N ILE G 114 22.43 -5.48 12.75
CA ILE G 114 21.82 -6.33 13.75
C ILE G 114 20.65 -7.07 13.14
N SER G 115 19.81 -6.39 12.38
CA SER G 115 18.67 -7.06 11.83
C SER G 115 19.09 -8.18 10.92
N LEU G 116 20.07 -7.94 10.07
CA LEU G 116 20.50 -8.96 9.15
C LEU G 116 21.13 -10.12 9.87
N TRP G 117 21.92 -9.85 10.89
CA TRP G 117 22.55 -10.90 11.64
C TRP G 117 21.47 -11.86 12.14
N ASP G 118 20.41 -11.31 12.72
CA ASP G 118 19.33 -12.12 13.24
C ASP G 118 18.52 -12.78 12.15
N GLN G 119 18.34 -12.13 11.00
CA GLN G 119 17.58 -12.79 9.95
C GLN G 119 18.31 -14.05 9.49
N SER G 120 19.65 -13.98 9.41
CA SER G 120 20.45 -15.11 8.99
C SER G 120 20.52 -16.20 10.04
N LEU G 121 20.57 -15.84 11.32
CA LEU G 121 20.63 -16.83 12.37
C LEU G 121 19.29 -17.47 12.69
N LYS G 122 18.20 -16.71 12.63
CA LYS G 122 16.90 -17.22 12.97
C LYS G 122 16.54 -18.63 12.43
N PRO G 123 16.58 -18.94 11.11
CA PRO G 123 16.18 -20.24 10.55
C PRO G 123 17.27 -21.31 10.70
N CYS G 124 17.63 -21.64 11.95
CA CYS G 124 18.68 -22.57 12.35
C CYS G 124 18.26 -23.36 13.59
N VAL G 125 19.13 -24.26 14.02
CA VAL G 125 18.85 -25.17 15.12
C VAL G 125 18.84 -24.53 16.50
N LYS G 126 17.78 -24.78 17.26
CA LYS G 126 17.69 -24.25 18.60
C LYS G 126 18.37 -25.22 19.52
N LEU G 127 19.05 -24.73 20.54
CA LEU G 127 19.72 -25.63 21.45
C LEU G 127 19.03 -25.87 22.78
N THR G 128 17.79 -25.44 22.90
CA THR G 128 17.01 -25.59 24.11
C THR G 128 17.15 -26.95 24.86
N PRO G 129 17.00 -28.13 24.23
CA PRO G 129 17.05 -29.43 24.89
C PRO G 129 18.41 -29.77 25.52
N LEU G 130 19.44 -28.99 25.20
CA LEU G 130 20.77 -29.16 25.75
C LEU G 130 21.05 -28.46 27.10
N CYS G 131 20.03 -27.76 27.68
CA CYS G 131 20.11 -27.01 28.93
C CYS G 131 20.08 -27.91 30.16
N VAL G 132 19.87 -29.18 29.96
CA VAL G 132 19.80 -30.13 31.05
C VAL G 132 21.10 -30.16 31.79
N THR G 133 21.04 -30.53 33.05
CA THR G 133 22.22 -30.54 33.87
C THR G 133 23.27 -31.46 33.28
N LEU G 134 24.48 -30.94 33.17
CA LEU G 134 25.58 -31.70 32.62
C LEU G 134 26.40 -32.33 33.74
N ASN G 135 26.89 -33.57 33.52
CA ASN G 135 27.82 -34.28 34.40
C ASN G 135 29.22 -34.12 33.80
N CYS G 136 30.08 -33.25 34.41
CA CYS G 136 31.37 -32.85 33.80
C CYS G 136 32.60 -33.26 34.60
N THR G 137 33.61 -33.66 33.84
CA THR G 137 34.94 -33.98 34.34
C THR G 137 36.01 -33.21 33.53
N ASN G 138 37.30 -33.43 33.85
CA ASN G 138 38.45 -32.81 33.20
C ASN G 138 38.72 -33.47 31.85
N ALA G 139 38.64 -32.69 30.71
CA ALA G 139 38.89 -33.25 29.36
C ALA G 139 40.34 -33.70 29.29
N THR G 140 40.59 -34.86 28.68
CA THR G 140 41.94 -35.39 28.66
C THR G 140 42.83 -34.85 27.57
N ALA G 141 43.95 -34.28 28.00
CA ALA G 141 44.94 -33.70 27.11
C ALA G 141 45.92 -34.75 26.68
N SER G 142 45.44 -35.76 26.00
CA SER G 142 46.32 -36.81 25.54
C SER G 142 47.26 -37.28 26.65
N ASN G 143 48.55 -37.21 26.34
CA ASN G 143 49.62 -37.59 27.25
C ASN G 143 49.85 -36.65 28.43
N SER G 144 49.45 -35.37 28.31
CA SER G 144 49.63 -34.40 29.40
C SER G 144 48.56 -34.67 30.44
N SER G 145 47.46 -35.18 29.92
CA SER G 145 46.24 -35.65 30.59
C SER G 145 45.19 -34.62 31.04
N ILE G 146 45.51 -33.33 31.20
CA ILE G 146 44.45 -32.37 31.54
C ILE G 146 44.37 -31.16 30.62
N ILE G 147 43.22 -30.96 29.98
CA ILE G 147 43.14 -29.79 29.13
C ILE G 147 42.67 -28.65 29.93
N GLU G 148 43.59 -27.87 30.43
CA GLU G 148 43.17 -26.73 31.21
C GLU G 148 42.28 -25.91 30.31
N GLY G 149 41.10 -25.54 30.78
CA GLY G 149 40.18 -24.75 29.99
C GLY G 149 39.04 -25.54 29.34
N MET G 150 39.10 -26.88 29.33
CA MET G 150 38.00 -27.63 28.75
C MET G 150 37.48 -28.75 29.62
N LYS G 151 36.16 -28.90 29.57
CA LYS G 151 35.50 -29.95 30.31
C LYS G 151 34.90 -30.98 29.38
N ASN G 152 34.89 -32.25 29.84
CA ASN G 152 34.28 -33.39 29.18
C ASN G 152 32.95 -33.70 29.89
N CYS G 153 31.82 -33.30 29.25
CA CYS G 153 30.50 -33.33 29.85
C CYS G 153 29.60 -34.36 29.19
N SER G 154 28.75 -34.94 30.01
CA SER G 154 27.75 -35.87 29.52
C SER G 154 26.37 -35.41 29.92
N PHE G 155 25.40 -35.76 29.10
CA PHE G 155 24.03 -35.37 29.34
C PHE G 155 23.00 -36.30 28.73
N ASN G 156 21.77 -36.34 29.31
CA ASN G 156 20.64 -37.15 28.83
C ASN G 156 19.67 -36.27 28.01
N ILE G 157 19.73 -36.39 26.67
CA ILE G 157 19.00 -35.57 25.70
C ILE G 157 18.17 -36.40 24.73
N THR G 158 17.02 -35.86 24.33
CA THR G 158 16.20 -36.59 23.40
C THR G 158 16.77 -36.52 22.02
N THR G 159 16.32 -37.42 21.17
CA THR G 159 16.84 -37.49 19.80
C THR G 159 15.78 -37.02 18.82
N GLU G 160 15.72 -37.66 17.64
CA GLU G 160 14.77 -37.25 16.63
C GLU G 160 13.38 -37.75 17.00
N LEU G 161 13.33 -38.71 17.92
CA LEU G 161 12.04 -39.22 18.34
C LEU G 161 11.75 -38.70 19.73
N ARG G 162 10.47 -38.42 19.97
CA ARG G 162 9.99 -37.83 21.20
C ARG G 162 10.15 -38.77 22.39
N ASP G 163 10.08 -40.07 22.12
CA ASP G 163 10.17 -41.08 23.14
C ASP G 163 11.57 -41.66 23.34
N LYS G 164 12.59 -41.05 22.74
CA LYS G 164 13.94 -41.57 22.92
C LYS G 164 14.87 -40.56 23.54
N ARG G 165 15.51 -40.97 24.63
CA ARG G 165 16.47 -40.14 25.34
C ARG G 165 17.74 -40.93 25.52
N GLU G 166 18.86 -40.31 25.18
CA GLU G 166 20.14 -40.99 25.23
C GLU G 166 21.22 -40.18 25.93
N LYS G 167 22.18 -40.88 26.52
CA LYS G 167 23.31 -40.21 27.12
C LYS G 167 24.35 -39.92 26.04
N LYS G 168 24.69 -38.65 25.91
CA LYS G 168 25.66 -38.20 24.92
C LYS G 168 26.79 -37.45 25.56
N ASN G 169 27.96 -37.45 24.92
CA ASN G 169 29.11 -36.71 25.42
C ASN G 169 29.48 -35.55 24.49
N ALA G 170 30.07 -34.50 25.05
CA ALA G 170 30.61 -33.39 24.27
C ALA G 170 31.68 -32.65 25.04
N LEU G 171 32.60 -31.99 24.34
CA LEU G 171 33.56 -31.18 25.07
C LEU G 171 33.11 -29.74 25.00
N PHE G 172 33.29 -29.03 26.12
CA PHE G 172 32.92 -27.62 26.23
C PHE G 172 34.02 -26.76 26.82
N TYR G 173 34.02 -25.48 26.46
CA TYR G 173 34.99 -24.58 27.06
C TYR G 173 34.51 -24.15 28.41
N LYS G 174 35.45 -24.05 29.32
CA LYS G 174 35.22 -23.65 30.68
C LYS G 174 34.51 -22.32 30.78
N LEU G 175 34.80 -21.41 29.86
CA LEU G 175 34.21 -20.08 29.89
C LEU G 175 32.70 -20.08 29.76
N ASP G 176 32.13 -21.09 29.11
CA ASP G 176 30.69 -21.13 28.88
C ASP G 176 29.95 -22.07 29.83
N ILE G 177 30.66 -22.64 30.80
CA ILE G 177 30.05 -23.62 31.68
C ILE G 177 30.05 -23.16 33.15
N VAL G 178 28.89 -23.21 33.80
CA VAL G 178 28.84 -22.79 35.21
C VAL G 178 28.25 -23.85 36.13
N GLN G 179 28.70 -23.86 37.38
CA GLN G 179 28.20 -24.84 38.34
C GLN G 179 26.83 -24.50 38.79
N LEU G 180 26.02 -25.51 39.10
CA LEU G 180 24.73 -25.19 39.69
C LEU G 180 24.90 -24.91 41.18
N ASP G 181 25.63 -25.77 41.90
CA ASP G 181 25.86 -25.59 43.34
C ASP G 181 26.77 -26.65 43.94
N GLY G 182 27.27 -26.35 45.14
CA GLY G 182 27.91 -27.30 46.06
C GLY G 182 29.30 -27.74 45.63
N ASN G 183 29.79 -27.10 44.58
CA ASN G 183 31.03 -27.48 43.93
C ASN G 183 30.92 -28.92 43.44
N SER G 184 29.70 -29.34 43.09
CA SER G 184 29.49 -30.67 42.55
C SER G 184 29.69 -30.58 41.07
N SER G 185 29.88 -31.71 40.39
CA SER G 185 30.07 -31.63 38.96
C SER G 185 28.77 -31.61 38.17
N GLN G 186 27.93 -30.64 38.51
CA GLN G 186 26.64 -30.41 37.91
C GLN G 186 26.67 -29.07 37.25
N TYR G 187 26.67 -29.05 35.94
CA TYR G 187 26.83 -27.81 35.25
C TYR G 187 25.72 -27.41 34.30
N ARG G 188 25.59 -26.12 34.17
CA ARG G 188 24.64 -25.47 33.29
C ARG G 188 25.37 -24.73 32.17
N LEU G 189 24.72 -24.62 31.01
CA LEU G 189 25.30 -23.81 29.96
C LEU G 189 25.10 -22.38 30.43
N ILE G 190 26.07 -21.52 30.20
CA ILE G 190 25.99 -20.16 30.73
C ILE G 190 24.73 -19.36 30.42
N ASN G 191 24.16 -19.51 29.24
CA ASN G 191 22.98 -18.70 28.96
C ASN G 191 21.58 -19.34 29.11
N CYS G 192 21.46 -20.60 29.62
CA CYS G 192 20.16 -21.30 29.75
C CYS G 192 19.38 -20.75 30.94
N ASN G 193 20.08 -19.95 31.70
CA ASN G 193 19.56 -19.27 32.87
C ASN G 193 18.65 -18.08 32.46
N THR G 194 18.94 -17.40 31.30
CA THR G 194 18.19 -16.21 30.85
C THR G 194 17.65 -16.18 29.43
N SER G 195 18.19 -16.95 28.49
CA SER G 195 17.74 -16.76 27.11
C SER G 195 17.92 -17.94 26.15
N ALA G 196 17.29 -17.84 24.98
CA ALA G 196 17.44 -18.87 23.96
C ALA G 196 18.83 -18.85 23.34
N ILE G 197 19.34 -20.03 23.04
CA ILE G 197 20.61 -20.16 22.37
C ILE G 197 20.36 -20.83 21.02
N THR G 198 20.84 -20.21 19.94
CA THR G 198 20.63 -20.77 18.60
C THR G 198 21.98 -21.11 17.97
N GLN G 199 22.11 -22.30 17.41
CA GLN G 199 23.36 -22.68 16.78
C GLN G 199 23.36 -22.16 15.38
N ALA G 200 24.47 -21.56 14.99
CA ALA G 200 24.56 -21.05 13.64
C ALA G 200 24.54 -22.19 12.64
N CYS G 201 23.89 -21.98 11.48
CA CYS G 201 23.84 -22.91 10.36
C CYS G 201 25.25 -22.95 9.73
N PRO G 202 25.89 -24.13 9.58
CA PRO G 202 27.23 -24.32 9.01
C PRO G 202 27.42 -23.76 7.62
N LYS G 203 26.31 -23.58 6.89
CA LYS G 203 26.33 -23.06 5.54
C LYS G 203 26.57 -21.54 5.49
N VAL G 204 26.40 -20.86 6.63
CA VAL G 204 26.52 -19.41 6.65
C VAL G 204 27.82 -19.01 7.33
N SER G 205 28.71 -18.35 6.58
CA SER G 205 30.00 -18.00 7.13
C SER G 205 30.02 -16.70 7.92
N PHE G 206 29.09 -15.81 7.60
CA PHE G 206 29.04 -14.47 8.20
C PHE G 206 30.34 -13.70 7.94
N GLU G 207 31.04 -14.00 6.85
CA GLU G 207 32.29 -13.31 6.55
C GLU G 207 32.03 -11.89 6.02
N PRO G 208 32.65 -10.84 6.57
CA PRO G 208 32.51 -9.50 6.07
C PRO G 208 32.99 -9.38 4.63
N ILE G 209 32.22 -8.67 3.82
CA ILE G 209 32.57 -8.40 2.44
C ILE G 209 32.39 -6.92 2.43
N PRO G 210 33.00 -6.14 1.57
CA PRO G 210 32.76 -4.73 1.58
C PRO G 210 31.36 -4.52 1.13
N ILE G 211 30.67 -3.58 1.71
CA ILE G 211 29.36 -3.24 1.21
C ILE G 211 29.28 -1.76 0.95
N HIS G 212 28.38 -1.35 0.09
CA HIS G 212 28.31 0.05 -0.23
C HIS G 212 26.98 0.63 0.15
N TYR G 213 26.99 1.78 0.81
CA TYR G 213 25.72 2.41 1.12
C TYR G 213 25.46 3.46 0.07
N CYS G 214 24.26 3.42 -0.54
CA CYS G 214 23.87 4.26 -1.67
C CYS G 214 22.65 5.11 -1.37
N ALA G 215 22.69 6.35 -1.87
CA ALA G 215 21.58 7.27 -1.69
C ALA G 215 20.39 6.93 -2.58
N PRO G 216 19.15 7.12 -2.10
CA PRO G 216 17.93 7.03 -2.84
C PRO G 216 17.78 8.26 -3.72
N ALA G 217 16.93 8.19 -4.73
CA ALA G 217 16.73 9.38 -5.55
C ALA G 217 16.24 10.51 -4.69
N GLY G 218 16.73 11.71 -4.98
CA GLY G 218 16.38 12.91 -4.24
C GLY G 218 17.43 13.25 -3.20
N PHE G 219 18.37 12.34 -3.00
CA PHE G 219 19.46 12.46 -2.04
C PHE G 219 20.83 12.27 -2.65
N ALA G 220 21.82 12.80 -1.96
CA ALA G 220 23.20 12.65 -2.39
C ALA G 220 24.12 12.47 -1.21
N ILE G 221 25.25 11.81 -1.43
CA ILE G 221 26.21 11.65 -0.36
C ILE G 221 27.40 12.51 -0.61
N LEU G 222 27.71 13.33 0.36
CA LEU G 222 28.86 14.20 0.20
C LEU G 222 30.03 13.55 0.88
N LYS G 223 31.18 13.64 0.26
CA LYS G 223 32.38 13.05 0.82
C LYS G 223 33.43 14.14 1.14
N CYS G 224 34.02 14.06 2.35
CA CYS G 224 35.06 14.95 2.85
C CYS G 224 36.44 14.49 2.38
N ASN G 225 37.25 15.44 1.96
CA ASN G 225 38.61 15.23 1.50
C ASN G 225 39.55 15.97 2.49
N ASN G 226 40.66 16.64 2.04
CA ASN G 226 41.68 17.31 2.87
C ASN G 226 42.62 16.28 3.57
N LYS G 227 42.02 15.25 4.23
CA LYS G 227 42.63 14.15 4.99
C LYS G 227 43.24 14.60 6.31
N THR G 228 42.82 15.77 6.77
CA THR G 228 43.22 16.32 8.06
C THR G 228 41.96 16.67 8.81
N PHE G 229 40.83 16.17 8.34
CA PHE G 229 39.51 16.54 8.87
C PHE G 229 39.39 16.43 10.39
N THR G 230 39.86 15.34 10.91
CA THR G 230 39.94 15.10 12.34
C THR G 230 38.65 15.32 13.15
N GLY G 231 37.54 14.71 12.76
CA GLY G 231 36.36 14.79 13.60
C GLY G 231 35.16 15.59 13.12
N THR G 232 35.16 16.87 13.42
CA THR G 232 34.03 17.71 13.06
C THR G 232 34.42 19.04 12.48
N GLY G 233 33.47 19.66 11.81
CA GLY G 233 33.62 21.02 11.34
C GLY G 233 33.70 21.11 9.83
N PRO G 234 33.87 22.32 9.30
CA PRO G 234 33.95 22.63 7.90
C PRO G 234 35.06 21.82 7.25
N CYS G 235 34.76 21.26 6.07
CA CYS G 235 35.63 20.48 5.23
C CYS G 235 35.58 21.16 3.90
N ASN G 236 36.75 21.50 3.38
CA ASN G 236 36.77 22.15 2.10
C ASN G 236 36.98 21.05 1.08
N ASN G 237 36.98 21.38 -0.24
CA ASN G 237 37.23 20.42 -1.32
C ASN G 237 36.31 19.17 -1.24
N VAL G 238 34.99 19.38 -1.03
CA VAL G 238 33.96 18.33 -0.92
C VAL G 238 33.54 17.75 -2.26
N SER G 239 33.44 16.42 -2.36
CA SER G 239 33.00 15.81 -3.61
C SER G 239 31.66 15.09 -3.43
N THR G 240 30.93 14.90 -4.52
CA THR G 240 29.66 14.19 -4.44
C THR G 240 29.72 12.81 -5.05
N VAL G 241 29.19 11.84 -4.31
CA VAL G 241 29.14 10.47 -4.78
C VAL G 241 27.75 9.90 -4.63
N GLN G 242 27.49 8.81 -5.32
CA GLN G 242 26.22 8.12 -5.15
C GLN G 242 26.24 7.01 -4.07
N CYS G 243 27.41 6.38 -3.84
CA CYS G 243 27.61 5.26 -2.92
C CYS G 243 28.93 5.43 -2.20
N THR G 244 29.04 4.78 -1.04
CA THR G 244 30.30 4.76 -0.31
C THR G 244 31.26 3.81 -1.00
N HIS G 245 32.54 3.83 -0.59
CA HIS G 245 33.62 3.06 -1.22
C HIS G 245 33.66 1.57 -0.98
N GLY G 246 32.91 1.10 -0.02
CA GLY G 246 32.90 -0.31 0.31
C GLY G 246 33.55 -0.54 1.65
N ILE G 247 32.72 -0.76 2.66
CA ILE G 247 33.19 -0.94 4.01
C ILE G 247 32.89 -2.33 4.49
N LYS G 248 33.89 -3.07 4.94
CA LYS G 248 33.61 -4.38 5.48
C LYS G 248 33.06 -4.25 6.89
N PRO G 249 31.96 -4.90 7.25
CA PRO G 249 31.37 -4.89 8.56
C PRO G 249 32.14 -5.80 9.51
N VAL G 250 33.37 -5.39 9.78
CA VAL G 250 34.27 -6.14 10.65
C VAL G 250 33.95 -5.80 12.09
N VAL G 251 33.87 -6.81 12.92
CA VAL G 251 33.59 -6.63 14.32
C VAL G 251 34.78 -6.98 15.18
N SER G 252 35.25 -6.01 15.94
CA SER G 252 36.40 -6.17 16.82
C SER G 252 36.25 -5.26 18.04
N THR G 253 37.09 -5.49 19.01
CA THR G 253 37.17 -4.67 20.20
C THR G 253 38.60 -4.23 20.41
N GLN G 254 38.79 -3.13 21.11
CA GLN G 254 40.09 -2.56 21.49
C GLN G 254 40.94 -2.08 20.31
N LEU G 255 41.22 -2.94 19.36
CA LEU G 255 41.93 -2.54 18.17
C LEU G 255 40.97 -2.58 17.00
N LEU G 256 41.18 -1.71 16.04
CA LEU G 256 40.38 -1.67 14.83
C LEU G 256 41.09 -2.43 13.73
N LEU G 257 40.44 -3.47 13.23
CA LEU G 257 41.04 -4.30 12.19
C LEU G 257 40.41 -4.08 10.80
N ASN G 258 41.24 -4.25 9.74
CA ASN G 258 40.93 -4.28 8.31
C ASN G 258 40.15 -3.04 7.81
N GLY G 259 40.48 -1.83 8.31
CA GLY G 259 39.88 -0.57 7.89
C GLY G 259 40.80 0.10 6.89
N SER G 260 40.52 1.34 6.61
CA SER G 260 41.31 2.11 5.70
C SER G 260 42.46 2.71 6.49
N LEU G 261 43.56 3.02 5.85
CA LEU G 261 44.62 3.72 6.56
C LEU G 261 44.54 5.19 6.28
N ALA G 262 45.01 5.98 7.22
CA ALA G 262 45.06 7.42 7.04
C ALA G 262 46.05 7.73 5.94
N GLU G 263 45.73 8.70 5.10
CA GLU G 263 46.63 9.11 4.02
C GLU G 263 47.79 9.97 4.50
N GLY G 264 47.51 10.77 5.53
CA GLY G 264 48.46 11.69 6.11
C GLY G 264 49.01 11.08 7.37
N GLU G 265 49.32 11.89 8.34
CA GLU G 265 49.90 11.40 9.57
C GLU G 265 48.82 10.79 10.44
N ILE G 266 49.18 10.29 11.60
CA ILE G 266 48.19 9.64 12.43
C ILE G 266 47.16 10.66 12.89
N ILE G 267 45.90 10.30 12.75
CA ILE G 267 44.82 11.21 13.09
C ILE G 267 44.14 10.79 14.36
N ILE G 268 44.07 11.69 15.34
CA ILE G 268 43.41 11.30 16.57
C ILE G 268 42.08 11.99 16.68
N ARG G 269 41.01 11.21 16.65
CA ARG G 269 39.69 11.80 16.59
C ARG G 269 38.88 11.58 17.85
N SER G 270 38.28 12.64 18.34
CA SER G 270 37.39 12.58 19.50
C SER G 270 36.38 13.66 19.43
N GLU G 271 35.18 13.40 19.92
CA GLU G 271 34.15 14.41 19.94
C GLU G 271 34.65 15.62 20.72
N ASN G 272 35.39 15.34 21.80
CA ASN G 272 35.99 16.38 22.60
C ASN G 272 37.25 15.75 23.20
N ILE G 273 38.38 16.01 22.58
CA ILE G 273 39.61 15.37 22.98
C ILE G 273 40.09 15.77 24.36
N THR G 274 39.55 16.86 24.91
CA THR G 274 40.01 17.29 26.22
C THR G 274 39.11 16.78 27.33
N ASP G 275 38.03 16.10 27.00
CA ASP G 275 37.12 15.59 28.02
C ASP G 275 37.29 14.10 28.18
N ASN G 276 37.01 13.60 29.36
CA ASN G 276 37.03 12.16 29.50
C ASN G 276 35.63 11.67 29.19
N GLY G 277 35.41 10.37 29.20
CA GLY G 277 34.08 9.86 28.92
C GLY G 277 33.80 9.76 27.43
N LYS G 278 34.82 9.97 26.62
CA LYS G 278 34.69 9.93 25.18
C LYS G 278 35.64 8.92 24.62
N THR G 279 35.22 8.28 23.55
CA THR G 279 36.09 7.34 22.87
C THR G 279 37.07 8.09 22.00
N ILE G 280 38.33 7.74 22.06
CA ILE G 280 39.31 8.34 21.19
C ILE G 280 39.66 7.35 20.11
N LEU G 281 39.47 7.71 18.87
CA LEU G 281 39.79 6.79 17.80
C LEU G 281 41.08 7.20 17.15
N VAL G 282 42.05 6.32 17.20
CA VAL G 282 43.32 6.65 16.63
C VAL G 282 43.41 5.96 15.31
N HIS G 283 43.56 6.73 14.25
CA HIS G 283 43.58 6.18 12.92
C HIS G 283 45.00 6.22 12.38
N LEU G 284 45.56 5.04 12.17
CA LEU G 284 46.95 4.91 11.79
C LEU G 284 47.09 5.08 10.28
N ASN G 285 48.26 5.59 9.80
CA ASN G 285 48.61 5.71 8.38
C ASN G 285 49.43 4.50 7.85
N GLU G 286 49.81 3.56 8.74
CA GLU G 286 50.55 2.34 8.47
C GLU G 286 49.88 1.25 9.27
N SER G 287 49.75 0.08 8.70
CA SER G 287 49.14 -1.01 9.40
C SER G 287 50.14 -1.81 10.20
N VAL G 288 49.62 -2.54 11.18
CA VAL G 288 50.45 -3.47 11.92
C VAL G 288 49.92 -4.86 11.65
N LYS G 289 50.78 -5.74 11.18
CA LYS G 289 50.30 -7.07 10.85
C LYS G 289 50.17 -7.91 12.09
N ILE G 290 49.01 -8.52 12.28
CA ILE G 290 48.80 -9.40 13.40
C ILE G 290 48.40 -10.78 12.92
N GLU G 291 49.17 -11.79 13.32
CA GLU G 291 48.85 -13.15 12.90
C GLU G 291 48.37 -13.98 14.08
N CYS G 292 47.12 -14.48 14.01
CA CYS G 292 46.47 -15.22 15.09
C CYS G 292 46.19 -16.65 14.67
N THR G 293 46.46 -17.55 15.59
CA THR G 293 46.26 -18.94 15.28
C THR G 293 45.72 -19.77 16.41
N ARG G 294 45.12 -20.87 16.01
CA ARG G 294 44.65 -21.94 16.85
C ARG G 294 45.50 -23.15 16.48
N PRO G 295 46.59 -23.45 17.22
CA PRO G 295 47.62 -24.44 16.92
C PRO G 295 47.23 -25.86 17.27
N ASN G 296 46.05 -26.23 16.85
CA ASN G 296 45.50 -27.56 17.08
C ASN G 296 44.32 -27.67 16.18
N ASN G 297 43.66 -28.85 16.15
CA ASN G 297 42.41 -28.97 15.41
C ASN G 297 41.45 -29.94 16.07
N LYS G 298 40.17 -29.79 15.70
CA LYS G 298 39.08 -30.56 16.18
C LYS G 298 38.56 -31.55 15.21
N THR G 299 37.96 -32.55 15.82
CA THR G 299 37.16 -33.56 15.21
C THR G 299 35.78 -33.25 15.71
N ARG G 300 34.86 -33.06 14.80
CA ARG G 300 33.49 -32.70 15.13
C ARG G 300 32.60 -33.90 15.27
N THR G 301 31.67 -33.81 16.18
CA THR G 301 30.67 -34.84 16.31
C THR G 301 29.31 -34.18 16.27
N SER G 302 28.25 -34.98 16.20
CA SER G 302 26.95 -34.37 16.20
C SER G 302 25.88 -35.23 16.82
N ILE G 303 24.86 -34.55 17.31
CA ILE G 303 23.71 -35.19 17.91
C ILE G 303 22.43 -34.77 17.23
N ARG G 304 21.61 -35.72 16.77
CA ARG G 304 20.34 -35.24 16.25
C ARG G 304 19.53 -34.88 17.46
N ILE G 305 18.96 -33.69 17.49
CA ILE G 305 18.14 -33.27 18.62
C ILE G 305 16.77 -32.89 18.11
N GLY G 306 16.46 -33.37 16.93
CA GLY G 306 15.22 -33.08 16.26
C GLY G 306 15.19 -33.80 14.93
N PRO G 307 14.24 -33.48 14.06
CA PRO G 307 14.05 -34.06 12.75
C PRO G 307 15.11 -33.46 11.87
N GLY G 308 16.29 -34.03 12.01
CA GLY G 308 17.46 -33.44 11.43
C GLY G 308 17.89 -32.48 12.51
N GLN G 309 18.19 -31.26 12.15
CA GLN G 309 18.58 -30.27 13.15
C GLN G 309 19.68 -30.78 14.05
N ALA G 310 20.74 -31.30 13.47
CA ALA G 310 21.78 -31.80 14.31
C ALA G 310 22.48 -30.70 15.05
N PHE G 311 22.84 -31.01 16.26
CA PHE G 311 23.67 -30.19 17.09
C PHE G 311 25.10 -30.54 16.88
N TYR G 312 25.90 -29.57 16.56
CA TYR G 312 27.30 -29.85 16.36
C TYR G 312 28.06 -29.51 17.60
N ALA G 313 28.96 -30.41 17.98
CA ALA G 313 29.73 -30.26 19.19
C ALA G 313 31.14 -30.76 19.05
N THR G 314 32.04 -30.25 19.89
CA THR G 314 33.40 -30.75 19.81
C THR G 314 33.45 -32.20 20.25
N GLY G 315 34.07 -33.02 19.40
CA GLY G 315 34.26 -34.43 19.63
C GLY G 315 35.58 -34.64 20.37
N GLN G 316 36.65 -34.29 19.68
CA GLN G 316 38.00 -34.43 20.26
C GLN G 316 38.94 -33.32 19.80
N VAL G 317 39.94 -33.01 20.63
CA VAL G 317 40.94 -32.01 20.29
C VAL G 317 42.35 -32.58 20.21
N ILE G 318 42.99 -32.43 19.06
CA ILE G 318 44.35 -32.94 18.85
C ILE G 318 45.30 -31.79 18.51
N GLY G 319 46.46 -31.69 19.19
CA GLY G 319 47.40 -30.62 18.87
C GLY G 319 48.00 -29.99 20.12
N ASP G 320 48.46 -28.74 19.99
CA ASP G 320 49.09 -28.05 21.08
C ASP G 320 48.06 -27.78 22.16
N ILE G 321 48.56 -27.61 23.37
CA ILE G 321 47.75 -27.37 24.53
C ILE G 321 47.25 -25.94 24.53
N ARG G 322 48.06 -25.01 24.01
CA ARG G 322 47.64 -23.63 24.01
C ARG G 322 46.36 -23.53 23.20
N GLU G 323 45.34 -22.85 23.71
CA GLU G 323 44.13 -22.79 22.91
C GLU G 323 44.33 -21.96 21.67
N ALA G 324 45.02 -20.85 21.84
CA ALA G 324 45.27 -19.90 20.78
C ALA G 324 46.29 -18.87 21.20
N TYR G 325 46.85 -18.19 20.21
CA TYR G 325 47.74 -17.04 20.46
C TYR G 325 47.84 -16.11 19.23
N CYS G 326 48.31 -14.85 19.43
CA CYS G 326 48.58 -13.87 18.35
C CYS G 326 50.01 -13.31 18.38
N ASN G 327 50.59 -13.21 17.18
CA ASN G 327 51.93 -12.70 16.89
C ASN G 327 51.90 -11.24 16.39
N ILE G 328 52.46 -10.30 17.18
CA ILE G 328 52.60 -8.86 16.85
C ILE G 328 54.09 -8.51 16.79
N SER G 329 54.59 -8.03 15.65
CA SER G 329 56.03 -7.76 15.58
C SER G 329 56.38 -6.72 16.63
N GLU G 330 57.49 -6.92 17.35
CA GLU G 330 57.79 -6.00 18.42
C GLU G 330 58.21 -4.64 17.96
N SER G 331 59.09 -4.57 16.98
CA SER G 331 59.56 -3.26 16.58
C SER G 331 58.46 -2.47 15.93
N THR G 332 57.57 -3.17 15.24
CA THR G 332 56.50 -2.47 14.56
C THR G 332 55.60 -1.87 15.59
N TRP G 333 55.27 -2.65 16.63
CA TRP G 333 54.38 -2.14 17.64
C TRP G 333 54.99 -0.94 18.33
N ASN G 334 56.26 -1.02 18.72
CA ASN G 334 56.83 0.10 19.43
C ASN G 334 56.95 1.34 18.57
N GLU G 335 57.25 1.19 17.29
CA GLU G 335 57.33 2.38 16.48
C GLU G 335 55.95 2.99 16.34
N THR G 336 54.96 2.14 16.17
CA THR G 336 53.61 2.62 15.96
C THR G 336 53.12 3.35 17.18
N LEU G 337 53.36 2.78 18.35
CA LEU G 337 52.87 3.41 19.55
C LEU G 337 53.61 4.72 19.78
N GLY G 338 54.92 4.75 19.52
CA GLY G 338 55.65 5.99 19.73
C GLY G 338 55.09 7.11 18.84
N LYS G 339 54.76 6.78 17.59
CA LYS G 339 54.19 7.78 16.69
C LYS G 339 52.83 8.27 17.19
N VAL G 340 52.03 7.37 17.76
CA VAL G 340 50.74 7.77 18.30
C VAL G 340 50.95 8.74 19.43
N VAL G 341 51.93 8.47 20.28
CA VAL G 341 52.19 9.37 21.38
C VAL G 341 52.62 10.72 20.89
N LYS G 342 53.47 10.79 19.88
CA LYS G 342 53.87 12.10 19.41
C LYS G 342 52.65 12.91 19.01
N GLN G 343 51.66 12.26 18.40
CA GLN G 343 50.46 13.00 18.05
C GLN G 343 49.63 13.30 19.29
N LEU G 344 49.59 12.40 20.27
CA LEU G 344 48.83 12.69 21.49
C LEU G 344 49.42 13.92 22.16
N ARG G 345 50.73 14.09 22.10
CA ARG G 345 51.39 15.21 22.77
C ARG G 345 50.97 16.57 22.23
N LYS G 346 50.28 16.61 21.08
CA LYS G 346 49.83 17.86 20.52
C LYS G 346 48.51 18.28 21.15
N HIS G 347 47.90 17.37 21.91
CA HIS G 347 46.64 17.61 22.55
C HIS G 347 46.86 17.50 24.03
N PHE G 348 47.92 16.77 24.35
CA PHE G 348 48.31 16.46 25.71
C PHE G 348 49.79 16.81 25.97
N PRO G 349 50.12 18.09 26.24
CA PRO G 349 51.46 18.64 26.45
C PRO G 349 52.24 18.03 27.61
N HIS G 350 51.55 17.32 28.49
CA HIS G 350 52.14 16.68 29.67
C HIS G 350 53.09 15.56 29.20
N LYS G 351 54.23 15.46 29.84
CA LYS G 351 55.22 14.44 29.48
C LYS G 351 54.90 13.11 30.15
N ASN G 352 55.45 12.03 29.60
CA ASN G 352 55.28 10.70 30.16
C ASN G 352 53.84 10.18 30.10
N ILE G 353 53.33 10.05 28.88
CA ILE G 353 52.01 9.49 28.72
C ILE G 353 52.09 8.01 29.00
N THR G 354 51.18 7.52 29.82
CA THR G 354 51.16 6.14 30.23
C THR G 354 50.05 5.34 29.58
N PHE G 355 50.42 4.18 29.08
CA PHE G 355 49.46 3.25 28.54
C PHE G 355 49.36 2.09 29.47
N GLN G 356 48.14 1.74 29.81
CA GLN G 356 47.89 0.63 30.72
C GLN G 356 46.88 -0.32 30.11
N PRO G 357 46.82 -1.59 30.54
CA PRO G 357 45.82 -2.59 30.20
C PRO G 357 44.44 -2.13 30.61
N SER G 358 43.43 -2.74 30.04
CA SER G 358 42.06 -2.35 30.35
C SER G 358 41.76 -2.61 31.81
N SER G 359 40.77 -1.86 32.34
CA SER G 359 40.42 -1.91 33.75
C SER G 359 39.47 -2.98 34.27
N GLY G 360 38.68 -3.62 33.42
CA GLY G 360 37.74 -4.60 33.97
C GLY G 360 36.52 -4.82 33.10
N GLY G 361 35.57 -5.61 33.62
CA GLY G 361 34.37 -5.98 32.87
C GLY G 361 34.57 -7.38 32.30
N ASP G 362 33.66 -7.84 31.47
CA ASP G 362 33.77 -9.19 30.93
C ASP G 362 34.61 -9.20 29.65
N LEU G 363 34.71 -10.36 29.01
CA LEU G 363 35.59 -10.48 27.86
C LEU G 363 35.22 -9.58 26.69
N GLU G 364 33.95 -9.22 26.52
CA GLU G 364 33.57 -8.38 25.41
C GLU G 364 34.22 -7.00 25.48
N VAL G 365 34.66 -6.60 26.67
CA VAL G 365 35.32 -5.32 26.81
C VAL G 365 36.79 -5.44 27.21
N THR G 366 37.16 -6.50 27.95
CA THR G 366 38.52 -6.61 28.43
C THR G 366 39.49 -7.22 27.46
N THR G 367 39.00 -7.97 26.49
CA THR G 367 39.90 -8.59 25.53
C THR G 367 39.56 -8.22 24.11
N HIS G 368 40.51 -8.47 23.24
CA HIS G 368 40.32 -8.22 21.83
C HIS G 368 39.46 -9.31 21.24
N SER G 369 38.40 -8.95 20.54
CA SER G 369 37.55 -9.93 19.86
C SER G 369 37.84 -10.13 18.38
N PHE G 370 38.06 -11.38 17.96
CA PHE G 370 38.29 -11.71 16.55
C PHE G 370 37.31 -12.76 16.09
N ASN G 371 36.95 -12.73 14.83
CA ASN G 371 36.15 -13.79 14.23
C ASN G 371 36.94 -14.35 13.03
N CYS G 372 37.62 -15.50 13.21
CA CYS G 372 38.53 -16.13 12.24
C CYS G 372 38.04 -17.51 11.81
N GLY G 373 37.44 -17.55 10.64
CA GLY G 373 36.90 -18.80 10.09
C GLY G 373 35.56 -19.13 10.71
N GLY G 374 35.09 -18.26 11.57
CA GLY G 374 33.89 -18.44 12.32
C GLY G 374 34.20 -18.74 13.78
N GLU G 375 35.50 -18.86 14.12
CA GLU G 375 35.86 -19.11 15.51
C GLU G 375 35.99 -17.79 16.25
N PHE G 376 35.66 -17.79 17.52
CA PHE G 376 35.73 -16.56 18.31
C PHE G 376 36.82 -16.53 19.34
N PHE G 377 37.74 -15.61 19.11
CA PHE G 377 38.92 -15.46 19.93
C PHE G 377 38.79 -14.25 20.81
N TYR G 378 39.21 -14.41 22.04
CA TYR G 378 39.28 -13.35 23.03
C TYR G 378 40.72 -13.23 23.52
N CYS G 379 41.49 -12.27 22.95
CA CYS G 379 42.93 -12.15 23.15
C CYS G 379 43.30 -11.11 24.20
N ASN G 380 44.27 -11.49 25.01
CA ASN G 380 44.76 -10.65 26.09
C ASN G 380 45.81 -9.68 25.59
N THR G 381 45.47 -8.38 25.62
CA THR G 381 46.25 -7.27 25.11
C THR G 381 47.04 -6.61 26.21
N SER G 382 47.10 -7.22 27.40
CA SER G 382 47.89 -6.60 28.47
C SER G 382 49.39 -6.62 28.13
N GLY G 383 49.76 -7.42 27.14
CA GLY G 383 51.14 -7.51 26.68
C GLY G 383 51.50 -6.34 25.75
N LEU G 384 50.50 -5.56 25.40
CA LEU G 384 50.61 -4.38 24.57
C LEU G 384 50.40 -3.22 25.49
N PHE G 385 50.57 -2.02 25.01
CA PHE G 385 50.38 -0.86 25.87
C PHE G 385 51.33 -1.13 27.06
N ASN G 386 50.88 -0.97 28.35
CA ASN G 386 51.69 -1.28 29.54
C ASN G 386 53.11 -0.66 29.51
N SER G 387 53.20 0.65 29.17
CA SER G 387 54.46 1.41 29.05
C SER G 387 54.26 2.90 29.17
N THR G 388 55.36 3.64 29.31
CA THR G 388 55.29 5.09 29.37
C THR G 388 56.14 5.68 28.26
N TRP G 389 55.76 6.89 27.76
CA TRP G 389 56.44 7.61 26.68
C TRP G 389 56.63 9.10 27.01
N ASP G 405 61.83 -11.49 18.31
CA ASP G 405 61.42 -10.46 17.36
C ASP G 405 59.94 -10.04 17.42
N SER G 406 59.09 -10.78 18.19
CA SER G 406 57.64 -10.54 18.32
C SER G 406 57.10 -10.74 19.71
N ILE G 407 55.92 -10.16 19.88
CA ILE G 407 55.10 -10.17 21.06
C ILE G 407 54.01 -11.21 20.91
N THR G 408 53.84 -12.07 21.90
CA THR G 408 52.77 -13.04 21.78
C THR G 408 51.67 -12.79 22.78
N LEU G 409 50.45 -12.71 22.28
CA LEU G 409 49.31 -12.53 23.13
C LEU G 409 48.65 -13.89 23.30
N PRO G 410 48.35 -14.35 24.52
CA PRO G 410 47.62 -15.57 24.75
C PRO G 410 46.20 -15.25 24.35
N CYS G 411 45.43 -16.23 23.84
CA CYS G 411 44.03 -16.03 23.45
C CYS G 411 43.12 -17.15 23.96
N ARG G 412 41.90 -16.79 24.34
CA ARG G 412 40.91 -17.77 24.76
C ARG G 412 39.86 -18.01 23.72
N ILE G 413 39.30 -19.21 23.72
CA ILE G 413 38.20 -19.54 22.81
C ILE G 413 36.87 -19.66 23.53
N LYS G 414 35.85 -19.01 22.98
CA LYS G 414 34.50 -19.03 23.56
C LYS G 414 33.49 -19.45 22.49
N GLN G 415 32.41 -20.18 22.86
CA GLN G 415 31.44 -20.57 21.84
C GLN G 415 30.03 -20.01 22.00
N ILE G 416 29.56 -19.77 23.22
CA ILE G 416 28.20 -19.24 23.34
C ILE G 416 28.33 -17.74 23.52
N ILE G 417 27.96 -17.00 22.50
CA ILE G 417 28.22 -15.57 22.49
C ILE G 417 27.02 -14.66 22.32
N ASN G 418 26.87 -13.75 23.27
CA ASN G 418 25.80 -12.77 23.21
C ASN G 418 26.32 -11.58 22.43
N MET G 419 26.48 -11.82 21.15
CA MET G 419 27.12 -10.88 20.29
C MET G 419 26.31 -9.62 20.28
N TRP G 420 27.01 -8.50 20.13
CA TRP G 420 26.44 -7.16 20.10
C TRP G 420 26.11 -6.66 21.49
N GLN G 421 26.54 -7.41 22.51
CA GLN G 421 26.34 -7.08 23.92
C GLN G 421 24.85 -6.97 24.21
N GLU G 422 24.14 -7.91 23.63
CA GLU G 422 22.72 -8.09 23.75
C GLU G 422 22.46 -8.96 24.97
N VAL G 423 21.27 -8.86 25.54
CA VAL G 423 20.97 -9.69 26.68
C VAL G 423 19.84 -10.70 26.49
N GLY G 424 19.09 -10.60 25.40
CA GLY G 424 17.94 -11.49 25.19
C GLY G 424 18.20 -12.75 24.36
N ARG G 425 19.42 -12.98 23.90
CA ARG G 425 19.71 -14.15 23.07
C ARG G 425 21.20 -14.36 22.89
N ALA G 426 21.59 -15.56 22.48
CA ALA G 426 22.98 -15.80 22.14
C ALA G 426 23.11 -16.80 21.01
N MET G 427 24.23 -16.71 20.32
CA MET G 427 24.53 -17.62 19.23
C MET G 427 25.52 -18.65 19.67
N TYR G 428 25.35 -19.87 19.23
CA TYR G 428 26.35 -20.86 19.52
C TYR G 428 27.18 -21.12 18.29
N ALA G 429 28.47 -20.93 18.44
CA ALA G 429 29.39 -21.14 17.37
C ALA G 429 29.71 -22.62 17.27
N PRO G 430 29.40 -23.29 16.16
CA PRO G 430 29.63 -24.70 15.99
C PRO G 430 31.11 -24.82 15.90
N PRO G 431 31.68 -25.96 16.21
CA PRO G 431 33.08 -26.22 16.09
C PRO G 431 33.50 -26.27 14.64
N ILE G 432 34.72 -25.84 14.42
CA ILE G 432 35.37 -25.85 13.14
C ILE G 432 36.46 -26.89 13.13
N GLN G 433 36.38 -27.78 12.16
CA GLN G 433 37.35 -28.83 12.05
C GLN G 433 38.56 -28.28 11.35
N GLY G 434 39.73 -28.81 11.68
CA GLY G 434 40.95 -28.33 11.03
C GLY G 434 41.54 -27.20 11.89
N ASN G 435 42.78 -26.76 11.58
CA ASN G 435 43.49 -25.72 12.35
C ASN G 435 43.14 -24.36 11.75
N ILE G 436 43.22 -23.29 12.58
CA ILE G 436 42.86 -21.91 12.14
C ILE G 436 43.99 -20.94 12.21
N THR G 437 44.29 -20.35 11.08
CA THR G 437 45.28 -19.31 11.03
C THR G 437 44.69 -18.16 10.21
N CYS G 438 44.76 -16.92 10.74
CA CYS G 438 44.26 -15.71 10.11
C CYS G 438 45.26 -14.57 10.30
N VAL G 439 45.37 -13.75 9.28
CA VAL G 439 46.22 -12.58 9.33
C VAL G 439 45.39 -11.36 9.11
N SER G 440 45.43 -10.45 10.06
CA SER G 440 44.65 -9.23 9.97
C SER G 440 45.55 -8.01 10.00
N ASN G 441 45.02 -6.88 9.51
CA ASN G 441 45.67 -5.57 9.49
C ASN G 441 45.13 -4.67 10.59
N ILE G 442 45.96 -4.25 11.57
CA ILE G 442 45.52 -3.32 12.63
C ILE G 442 45.65 -1.96 12.01
N THR G 443 44.52 -1.28 11.88
CA THR G 443 44.46 0.00 11.21
C THR G 443 44.18 1.13 12.18
N GLY G 444 43.83 0.76 13.40
CA GLY G 444 43.56 1.80 14.39
C GLY G 444 43.41 1.26 15.80
N LEU G 445 43.31 2.18 16.73
CA LEU G 445 43.20 1.85 18.14
C LEU G 445 41.98 2.50 18.77
N ILE G 446 41.38 1.87 19.77
CA ILE G 446 40.33 2.53 20.52
C ILE G 446 40.84 2.86 21.91
N LEU G 447 40.95 4.13 22.24
CA LEU G 447 41.46 4.47 23.55
C LEU G 447 40.49 5.23 24.42
N THR G 448 40.60 4.98 25.70
CA THR G 448 39.87 5.70 26.73
C THR G 448 40.87 6.47 27.57
N ARG G 449 40.61 7.74 27.82
CA ARG G 449 41.50 8.55 28.63
C ARG G 449 41.05 8.57 30.08
N ASP G 450 42.02 8.38 31.02
CA ASP G 450 41.85 8.42 32.49
C ASP G 450 40.69 7.51 32.94
N ASN G 455 46.10 12.66 37.65
CA ASN G 455 47.25 13.54 37.88
C ASN G 455 48.13 13.71 36.62
N THR G 456 48.38 12.59 35.90
CA THR G 456 49.19 12.49 34.68
C THR G 456 48.33 11.87 33.59
N GLU G 457 48.83 11.87 32.37
CA GLU G 457 48.06 11.31 31.26
C GLU G 457 48.13 9.80 31.13
N THR G 458 46.97 9.16 31.22
CA THR G 458 46.85 7.70 31.11
C THR G 458 45.79 7.30 30.10
N PHE G 459 46.13 6.35 29.24
CA PHE G 459 45.20 5.82 28.25
C PHE G 459 45.10 4.32 28.37
N ARG G 460 43.91 3.78 28.09
CA ARG G 460 43.75 2.34 28.09
C ARG G 460 43.06 1.86 26.83
N PRO G 461 43.36 0.65 26.33
CA PRO G 461 42.77 0.00 25.20
C PRO G 461 41.46 -0.55 25.65
N GLY G 462 40.55 0.35 25.89
CA GLY G 462 39.26 -0.03 26.39
C GLY G 462 38.38 -0.46 25.25
N GLY G 463 37.16 -0.81 25.58
CA GLY G 463 36.21 -1.26 24.59
C GLY G 463 35.38 -0.07 24.19
N GLY G 464 34.19 -0.33 23.70
CA GLY G 464 33.33 0.74 23.24
C GLY G 464 32.13 0.16 22.54
N ASP G 465 31.26 1.03 22.11
CA ASP G 465 30.05 0.65 21.42
C ASP G 465 30.43 0.17 20.03
N MET G 466 29.60 -0.66 19.43
CA MET G 466 29.86 -1.09 18.07
C MET G 466 29.86 0.03 17.07
N ARG G 467 29.13 1.08 17.36
CA ARG G 467 29.08 2.18 16.45
C ARG G 467 30.46 2.79 16.23
N ASP G 468 31.35 2.70 17.22
CA ASP G 468 32.68 3.28 17.12
C ASP G 468 33.51 2.57 16.06
N ASN G 469 33.16 1.33 15.70
CA ASN G 469 33.93 0.63 14.71
C ASN G 469 33.53 1.01 13.32
N TRP G 470 32.45 1.77 13.17
CA TRP G 470 32.00 2.14 11.85
C TRP G 470 32.22 3.62 11.65
N ARG G 471 32.33 4.36 12.75
CA ARG G 471 32.60 5.78 12.63
C ARG G 471 33.92 6.00 11.94
N SER G 472 34.88 5.11 12.18
CA SER G 472 36.20 5.20 11.58
C SER G 472 36.21 5.06 10.06
N GLU G 473 35.14 4.52 9.47
CA GLU G 473 35.06 4.39 8.02
C GLU G 473 34.04 5.38 7.44
N LEU G 474 32.98 5.66 8.20
CA LEU G 474 31.92 6.55 7.74
C LEU G 474 32.10 8.03 8.03
N TYR G 475 33.12 8.41 8.79
CA TYR G 475 33.35 9.80 9.13
C TYR G 475 33.46 10.75 7.94
N LYS G 476 33.86 10.24 6.80
CA LYS G 476 34.03 11.08 5.65
C LYS G 476 32.77 11.26 4.84
N TYR G 477 31.68 10.60 5.20
CA TYR G 477 30.48 10.75 4.39
C TYR G 477 29.33 11.44 5.13
N LYS G 478 28.57 12.24 4.40
CA LYS G 478 27.37 12.91 4.91
C LYS G 478 26.18 12.79 3.96
N VAL G 479 24.97 12.65 4.50
CA VAL G 479 23.79 12.58 3.64
C VAL G 479 23.00 13.86 3.59
N VAL G 480 22.73 14.34 2.37
CA VAL G 480 21.95 15.55 2.25
C VAL G 480 20.79 15.36 1.29
N LYS G 481 19.74 16.13 1.50
CA LYS G 481 18.55 16.13 0.67
C LYS G 481 18.63 17.22 -0.36
N ILE G 482 18.27 16.90 -1.58
CA ILE G 482 18.30 17.87 -2.65
C ILE G 482 17.02 18.68 -2.61
N GLU G 483 17.16 20.00 -2.68
CA GLU G 483 16.02 20.92 -2.67
C GLU G 483 15.96 21.80 -3.92
N PRO G 484 15.36 21.33 -5.02
CA PRO G 484 15.31 21.94 -6.34
C PRO G 484 14.64 23.30 -6.46
N LEU G 485 13.81 23.71 -5.50
CA LEU G 485 13.17 25.01 -5.64
C LEU G 485 13.80 26.11 -4.84
N GLY G 486 13.73 27.30 -5.39
CA GLY G 486 14.16 28.49 -4.70
C GLY G 486 13.78 29.70 -5.49
N VAL G 487 14.02 30.86 -4.92
CA VAL G 487 13.68 32.10 -5.59
C VAL G 487 14.85 33.04 -5.59
N ALA G 488 14.80 34.01 -6.48
CA ALA G 488 15.81 35.05 -6.56
C ALA G 488 15.20 36.24 -7.29
N PRO G 489 15.68 37.47 -7.12
CA PRO G 489 15.24 38.63 -7.85
C PRO G 489 15.71 38.62 -9.29
N THR G 490 14.92 39.24 -10.17
CA THR G 490 15.29 39.49 -11.55
C THR G 490 14.90 40.85 -12.01
N ALA G 491 15.53 41.28 -13.09
CA ALA G 491 15.17 42.55 -13.69
C ALA G 491 13.76 42.58 -14.34
N CYS G 492 13.29 41.43 -14.91
CA CYS G 492 12.05 41.36 -15.70
C CYS G 492 10.81 40.77 -14.97
N LYS G 493 9.73 41.54 -15.03
CA LYS G 493 8.41 41.22 -14.51
C LYS G 493 7.71 40.23 -15.44
N ARG G 494 6.85 39.37 -14.92
CA ARG G 494 6.11 38.50 -15.81
C ARG G 494 5.34 39.30 -16.83
N ARG G 495 5.45 38.92 -18.09
CA ARG G 495 4.69 39.58 -19.12
C ARG G 495 3.34 38.91 -19.15
N VAL G 496 2.29 39.69 -19.22
CA VAL G 496 0.96 39.11 -19.22
C VAL G 496 0.24 39.42 -20.53
N VAL G 497 -0.22 38.35 -21.23
CA VAL G 497 -0.91 38.39 -22.52
C VAL G 497 -2.40 38.71 -22.25
N GLY H 10 27.51 16.45 -13.95
CA GLY H 10 26.74 15.24 -13.79
C GLY H 10 25.51 15.43 -12.88
N PHE H 11 25.75 15.89 -11.64
CA PHE H 11 24.73 16.21 -10.63
C PHE H 11 25.42 17.10 -9.62
N LEU H 12 24.87 18.28 -9.37
CA LEU H 12 25.44 19.29 -8.48
C LEU H 12 26.81 19.78 -8.93
N GLY H 13 27.17 19.56 -10.17
CA GLY H 13 28.48 19.99 -10.65
C GLY H 13 28.70 21.49 -10.52
N ALA H 14 27.65 22.25 -10.68
CA ALA H 14 27.71 23.69 -10.59
C ALA H 14 27.34 24.18 -9.20
N ALA H 15 27.17 23.30 -8.24
CA ALA H 15 26.69 23.74 -6.93
C ALA H 15 27.56 24.79 -6.27
N GLY H 16 28.86 24.75 -6.44
CA GLY H 16 29.71 25.75 -5.81
C GLY H 16 29.99 26.93 -6.73
N SER H 17 29.44 26.91 -7.92
CA SER H 17 29.72 27.97 -8.87
C SER H 17 28.75 29.10 -8.63
N THR H 18 29.02 30.26 -9.18
CA THR H 18 28.06 31.30 -8.97
C THR H 18 26.87 31.06 -9.88
N MET H 19 25.77 31.76 -9.62
CA MET H 19 24.50 31.57 -10.31
C MET H 19 24.43 32.10 -11.73
N GLY H 20 25.37 31.64 -12.51
CA GLY H 20 25.56 31.82 -13.92
C GLY H 20 25.40 30.40 -14.42
N ALA H 21 26.47 29.63 -14.39
CA ALA H 21 26.37 28.23 -14.78
C ALA H 21 25.38 27.49 -13.90
N ALA H 22 25.29 27.86 -12.63
CA ALA H 22 24.40 27.15 -11.73
C ALA H 22 22.95 27.55 -11.98
N SER H 23 22.73 28.54 -12.83
CA SER H 23 21.39 28.96 -13.20
C SER H 23 21.01 28.27 -14.51
N MET H 24 21.96 27.54 -15.11
CA MET H 24 21.73 26.84 -16.36
C MET H 24 21.59 25.34 -16.21
N THR H 25 22.30 24.71 -15.28
CA THR H 25 22.24 23.25 -15.17
C THR H 25 21.00 22.81 -14.39
N LEU H 26 19.85 23.25 -14.85
CA LEU H 26 18.60 23.01 -14.17
C LEU H 26 18.01 21.70 -14.63
N THR H 27 18.34 21.28 -15.85
CA THR H 27 17.83 20.02 -16.38
C THR H 27 18.57 18.90 -15.68
N VAL H 28 19.81 19.21 -15.30
CA VAL H 28 20.68 18.28 -14.63
C VAL H 28 20.13 17.98 -13.26
N GLN H 29 19.74 19.02 -12.53
CA GLN H 29 19.19 18.78 -11.20
C GLN H 29 17.75 18.32 -11.23
N ALA H 30 16.99 18.73 -12.26
CA ALA H 30 15.59 18.32 -12.33
C ALA H 30 15.47 16.82 -12.44
N ARG H 31 16.37 16.20 -13.17
CA ARG H 31 16.34 14.76 -13.33
C ARG H 31 16.95 14.09 -12.11
N ASN H 32 16.75 12.78 -12.00
CA ASN H 32 17.27 11.98 -10.90
C ASN H 32 16.61 12.31 -9.57
N LEU H 33 15.44 12.92 -9.63
CA LEU H 33 14.62 13.13 -8.45
C LEU H 33 13.62 11.98 -8.42
N LEU H 34 13.66 11.23 -9.51
CA LEU H 34 12.89 10.05 -9.79
C LEU H 34 13.93 8.97 -10.11
N SER H 35 13.85 7.83 -9.43
CA SER H 35 14.82 6.76 -9.60
C SER H 35 14.62 5.99 -10.91
N GLY H 36 15.67 5.26 -11.36
CA GLY H 36 15.67 4.41 -12.55
C GLY H 36 15.45 2.96 -12.17
N ASP H 57 11.14 -11.15 3.52
CA ASP H 57 11.19 -9.93 2.73
C ASP H 57 10.18 -8.83 3.16
N THR H 58 9.30 -9.10 4.15
CA THR H 58 8.24 -8.17 4.61
C THR H 58 8.80 -7.03 5.46
N HIS H 59 10.03 -7.17 5.88
CA HIS H 59 10.68 -6.11 6.63
C HIS H 59 11.28 -5.08 5.68
N TRP H 60 12.26 -5.50 4.87
CA TRP H 60 12.90 -4.54 4.00
C TRP H 60 11.96 -4.08 2.90
N GLY H 61 10.95 -4.88 2.55
CA GLY H 61 10.02 -4.51 1.52
C GLY H 61 9.28 -3.24 1.90
N ILE H 62 9.00 -3.04 3.18
CA ILE H 62 8.30 -1.84 3.57
C ILE H 62 9.28 -0.71 3.52
N LYS H 63 10.49 -0.91 4.02
CA LYS H 63 11.42 0.22 3.98
C LYS H 63 11.58 0.75 2.57
N GLN H 64 11.65 -0.15 1.59
CA GLN H 64 11.85 0.30 0.23
C GLN H 64 10.60 0.91 -0.36
N LEU H 65 9.41 0.39 -0.05
CA LEU H 65 8.25 1.04 -0.60
C LEU H 65 8.10 2.41 0.01
N GLN H 66 8.40 2.59 1.28
CA GLN H 66 8.24 3.90 1.85
C GLN H 66 9.19 4.87 1.20
N ALA H 67 10.43 4.45 0.95
CA ALA H 67 11.39 5.33 0.35
C ALA H 67 10.97 5.76 -1.05
N ARG H 68 10.41 4.83 -1.81
CA ARG H 68 10.00 5.12 -3.17
C ARG H 68 8.78 6.02 -3.20
N VAL H 69 7.85 5.77 -2.30
CA VAL H 69 6.66 6.58 -2.27
C VAL H 69 7.02 7.98 -1.89
N LEU H 70 7.89 8.16 -0.91
CA LEU H 70 8.25 9.51 -0.54
C LEU H 70 9.00 10.20 -1.66
N ALA H 71 9.87 9.51 -2.40
CA ALA H 71 10.53 10.23 -3.47
C ALA H 71 9.49 10.79 -4.42
N VAL H 72 8.43 10.01 -4.68
CA VAL H 72 7.36 10.48 -5.53
C VAL H 72 6.61 11.62 -4.89
N GLU H 73 6.29 11.52 -3.60
CA GLU H 73 5.56 12.60 -2.99
C GLU H 73 6.34 13.88 -3.02
N HIS H 74 7.64 13.84 -2.81
CA HIS H 74 8.40 15.07 -2.81
C HIS H 74 8.39 15.68 -4.19
N TYR H 75 8.54 14.83 -5.21
CA TYR H 75 8.51 15.33 -6.57
C TYR H 75 7.20 16.02 -6.83
N LEU H 76 6.11 15.38 -6.47
CA LEU H 76 4.81 15.95 -6.72
C LEU H 76 4.56 17.19 -5.91
N ARG H 77 5.02 17.27 -4.66
CA ARG H 77 4.73 18.49 -3.94
C ARG H 77 5.39 19.67 -4.63
N ASP H 78 6.59 19.49 -5.17
CA ASP H 78 7.20 20.61 -5.86
C ASP H 78 6.39 20.96 -7.11
N GLN H 79 5.87 19.96 -7.80
CA GLN H 79 5.10 20.26 -8.99
C GLN H 79 3.78 20.94 -8.64
N GLN H 80 3.17 20.56 -7.54
CA GLN H 80 1.92 21.16 -7.13
C GLN H 80 2.14 22.61 -6.78
N LEU H 81 3.28 22.90 -6.16
CA LEU H 81 3.59 24.25 -5.77
C LEU H 81 3.85 25.11 -7.01
N LEU H 82 4.55 24.56 -8.00
CA LEU H 82 4.78 25.32 -9.21
C LEU H 82 3.44 25.56 -9.90
N GLY H 83 2.55 24.58 -9.80
CA GLY H 83 1.24 24.71 -10.38
C GLY H 83 0.48 25.89 -9.80
N ILE H 84 0.37 25.95 -8.47
CA ILE H 84 -0.38 27.04 -7.86
C ILE H 84 0.23 28.41 -8.12
N TRP H 85 1.54 28.47 -8.33
CA TRP H 85 2.18 29.74 -8.64
C TRP H 85 2.11 30.12 -10.12
N GLY H 86 1.57 29.23 -10.96
CA GLY H 86 1.52 29.45 -12.40
C GLY H 86 2.84 29.22 -13.16
N CYS H 87 3.75 28.36 -12.61
CA CYS H 87 5.07 28.06 -13.14
C CYS H 87 5.18 26.60 -13.58
N SER H 88 4.05 25.97 -13.83
CA SER H 88 4.06 24.59 -14.22
C SER H 88 4.75 24.41 -15.56
N GLY H 89 5.59 23.40 -15.64
CA GLY H 89 6.27 23.06 -16.88
C GLY H 89 7.51 23.88 -17.17
N LYS H 90 7.89 24.79 -16.27
CA LYS H 90 9.04 25.63 -16.53
C LYS H 90 10.20 25.36 -15.59
N LEU H 91 11.42 25.66 -16.03
CA LEU H 91 12.57 25.59 -15.15
C LEU H 91 12.83 26.99 -14.63
N ILE H 92 12.52 27.98 -15.46
CA ILE H 92 12.67 29.38 -15.09
C ILE H 92 11.31 30.05 -15.26
N CYS H 93 10.77 30.72 -14.21
CA CYS H 93 9.46 31.38 -14.23
C CYS H 93 9.45 32.73 -13.51
N THR H 94 8.89 33.76 -14.16
CA THR H 94 8.77 35.05 -13.51
C THR H 94 7.34 35.24 -13.06
N THR H 95 7.13 36.20 -12.17
CA THR H 95 5.82 36.53 -11.62
C THR H 95 5.55 38.03 -11.52
N ASN H 96 4.43 38.35 -10.88
CA ASN H 96 3.95 39.72 -10.70
C ASN H 96 4.16 40.23 -9.28
N VAL H 97 4.93 39.49 -8.51
CA VAL H 97 5.28 39.84 -7.15
C VAL H 97 6.61 40.56 -7.20
N PRO H 98 6.71 41.81 -6.74
CA PRO H 98 7.90 42.63 -6.73
C PRO H 98 8.82 42.15 -5.66
N TRP H 99 10.08 42.45 -5.81
CA TRP H 99 11.03 42.18 -4.76
C TRP H 99 10.85 43.31 -3.73
N ASN H 100 10.71 42.96 -2.43
CA ASN H 100 10.46 43.88 -1.30
C ASN H 100 11.69 44.73 -0.91
N SER H 101 12.92 44.18 -1.04
CA SER H 101 14.23 44.74 -0.64
C SER H 101 14.53 44.53 0.85
N THR H 102 13.52 44.25 1.68
CA THR H 102 13.82 43.94 3.08
C THR H 102 14.33 42.51 3.15
N TRP H 103 13.86 41.67 2.22
CA TRP H 103 14.25 40.27 2.17
C TRP H 103 15.74 40.20 1.94
N SER H 104 16.18 41.05 1.04
CA SER H 104 17.54 41.29 0.65
C SER H 104 17.63 42.61 -0.09
N ASN H 105 18.52 43.52 0.35
CA ASN H 105 18.73 44.85 -0.25
C ASN H 105 19.96 44.89 -1.20
N LYS H 106 20.51 43.71 -1.58
CA LYS H 106 21.65 43.53 -2.47
C LYS H 106 21.24 43.85 -3.91
N THR H 107 22.17 44.41 -4.66
CA THR H 107 21.91 44.80 -6.02
C THR H 107 21.84 43.60 -6.92
N LEU H 108 21.30 43.78 -8.12
CA LEU H 108 21.21 42.67 -9.05
C LEU H 108 22.61 42.34 -9.55
N SER H 109 23.41 43.37 -9.76
CA SER H 109 24.77 43.11 -10.17
C SER H 109 25.39 42.47 -8.98
N GLU H 110 26.22 41.46 -9.21
CA GLU H 110 26.92 40.72 -8.19
C GLU H 110 26.01 39.91 -7.29
N ILE H 111 24.80 39.61 -7.75
CA ILE H 111 23.96 38.71 -6.97
C ILE H 111 23.95 37.43 -7.76
N TRP H 112 23.75 37.56 -9.08
CA TRP H 112 23.69 36.38 -9.92
C TRP H 112 25.07 35.91 -10.29
N ASP H 113 25.92 36.85 -10.68
CA ASP H 113 27.24 36.49 -11.12
C ASP H 113 28.28 36.25 -10.04
N ASN H 114 28.08 36.82 -8.83
CA ASN H 114 29.10 36.71 -7.79
C ASN H 114 28.66 36.00 -6.52
N MET H 115 27.63 35.18 -6.59
CA MET H 115 27.18 34.43 -5.43
C MET H 115 26.65 33.07 -5.85
N THR H 116 26.83 32.05 -5.00
CA THR H 116 26.36 30.71 -5.27
C THR H 116 24.93 30.52 -4.76
N TRP H 117 24.26 29.44 -5.16
CA TRP H 117 22.91 29.21 -4.68
C TRP H 117 22.87 28.84 -3.21
N LEU H 118 23.92 28.18 -2.71
CA LEU H 118 23.93 27.79 -1.31
C LEU H 118 24.03 29.03 -0.45
N GLN H 119 24.84 29.99 -0.89
CA GLN H 119 25.00 31.22 -0.14
C GLN H 119 23.71 32.00 -0.16
N TRP H 120 23.07 32.02 -1.32
CA TRP H 120 21.82 32.72 -1.47
C TRP H 120 20.74 32.09 -0.63
N ASP H 121 20.66 30.77 -0.62
CA ASP H 121 19.64 30.11 0.16
C ASP H 121 19.79 30.50 1.62
N LYS H 122 21.01 30.60 2.11
CA LYS H 122 21.16 31.03 3.48
C LYS H 122 20.78 32.50 3.64
N GLU H 123 21.19 33.36 2.71
CA GLU H 123 20.92 34.79 2.83
C GLU H 123 19.46 35.09 2.95
N ILE H 124 18.64 34.38 2.19
CA ILE H 124 17.22 34.61 2.26
C ILE H 124 16.45 33.46 2.84
N SER H 125 17.03 32.75 3.79
CA SER H 125 16.24 31.70 4.46
C SER H 125 14.95 32.34 5.09
N ASN H 126 15.12 33.56 5.68
CA ASN H 126 14.08 34.38 6.29
C ASN H 126 13.09 34.80 5.21
N TYR H 127 11.80 34.86 5.57
CA TYR H 127 10.67 35.26 4.71
C TYR H 127 10.33 34.23 3.62
N THR H 128 10.84 33.00 3.69
CA THR H 128 10.47 32.02 2.66
C THR H 128 8.98 31.78 2.57
N GLN H 129 8.33 31.65 3.71
CA GLN H 129 6.91 31.37 3.73
C GLN H 129 6.13 32.55 3.21
N ILE H 130 6.66 33.75 3.43
CA ILE H 130 6.05 34.96 2.96
C ILE H 130 6.10 34.99 1.47
N ILE H 131 7.24 34.64 0.90
CA ILE H 131 7.35 34.66 -0.55
C ILE H 131 6.36 33.70 -1.13
N TYR H 132 6.27 32.52 -0.56
CA TYR H 132 5.38 31.55 -1.13
C TYR H 132 3.94 32.01 -1.03
N GLY H 133 3.55 32.61 0.10
CA GLY H 133 2.20 33.09 0.22
C GLY H 133 1.90 34.18 -0.79
N LEU H 134 2.86 35.07 -1.03
CA LEU H 134 2.66 36.13 -2.00
C LEU H 134 2.51 35.58 -3.40
N LEU H 135 3.28 34.56 -3.72
CA LEU H 135 3.18 33.99 -5.04
C LEU H 135 1.81 33.35 -5.25
N GLU H 136 1.27 32.67 -4.22
CA GLU H 136 -0.04 32.07 -4.37
C GLU H 136 -1.11 33.13 -4.53
N GLU H 137 -1.00 34.23 -3.79
CA GLU H 137 -1.99 35.27 -3.86
C GLU H 137 -1.99 35.94 -5.21
N SER H 138 -0.81 36.16 -5.75
CA SER H 138 -0.72 36.80 -7.04
C SER H 138 -1.38 35.94 -8.08
N GLN H 139 -1.13 34.63 -8.05
CA GLN H 139 -1.73 33.81 -9.06
C GLN H 139 -3.23 33.74 -8.86
N ASN H 140 -3.71 33.74 -7.63
CA ASN H 140 -5.15 33.67 -7.43
C ASN H 140 -5.84 34.88 -8.02
N GLN H 141 -5.23 36.05 -7.90
CA GLN H 141 -5.85 37.21 -8.47
C GLN H 141 -5.83 37.14 -9.98
N GLN H 142 -4.75 36.62 -10.55
CA GLN H 142 -4.68 36.52 -11.99
C GLN H 142 -5.74 35.56 -12.49
N GLU H 143 -5.99 34.49 -11.73
CA GLU H 143 -6.99 33.53 -12.17
C GLU H 143 -8.35 34.17 -12.15
N LYS H 144 -8.63 35.00 -11.14
CA LYS H 144 -9.93 35.64 -11.13
C LYS H 144 -10.12 36.53 -12.37
N ASN H 145 -9.07 37.31 -12.79
CA ASN H 145 -9.14 38.19 -13.95
C ASN H 145 -9.38 37.41 -15.26
N GLU H 146 -8.73 36.22 -15.40
CA GLU H 146 -8.85 35.33 -16.58
C GLU H 146 -10.23 34.66 -16.60
N THR H 147 -10.74 34.38 -15.40
CA THR H 147 -12.04 33.77 -15.21
C THR H 147 -13.16 34.71 -15.62
N ASP H 148 -13.07 35.98 -15.22
CA ASP H 148 -14.11 36.93 -15.57
C ASP H 148 -14.00 37.35 -17.03
N ASN H 149 -12.78 37.53 -17.53
CA ASN H 149 -12.62 37.88 -18.92
C ASN H 149 -12.56 36.62 -19.74
N LEU H 150 -13.69 35.95 -19.85
CA LEU H 150 -13.71 34.64 -20.46
C LEU H 150 -13.77 34.72 -21.96
N THR H 151 -12.66 35.07 -22.57
CA THR H 151 -12.62 35.23 -24.02
C THR H 151 -12.95 33.88 -24.67
N CYS H 152 -13.87 33.86 -25.67
CA CYS H 152 -14.31 32.68 -26.39
C CYS H 152 -14.85 33.09 -27.74
N ASP H 153 -15.18 32.11 -28.56
CA ASP H 153 -15.78 32.38 -29.86
C ASP H 153 -17.29 32.23 -29.72
C1 NAG I . -11.21 -32.21 -13.98
C2 NAG I . -10.72 -32.43 -12.47
C3 NAG I . -11.81 -33.22 -11.69
C4 NAG I . -13.17 -32.44 -11.74
C5 NAG I . -13.58 -32.26 -13.24
C6 NAG I . -14.88 -31.48 -13.45
C7 NAG I . -8.38 -32.96 -11.82
C8 NAG I . -7.15 -33.79 -12.04
N2 NAG I . -9.47 -33.21 -12.54
O3 NAG I . -11.39 -33.37 -10.32
O4 NAG I . -14.22 -33.16 -11.03
O5 NAG I . -12.51 -31.54 -13.97
O6 NAG I . -15.14 -31.26 -14.84
O7 NAG I . -8.34 -32.06 -10.98
C1 NAG I . -14.64 -32.60 -9.69
C2 NAG I . -16.13 -33.04 -9.41
C3 NAG I . -16.57 -32.42 -8.04
C4 NAG I . -15.62 -32.91 -6.88
C5 NAG I . -14.13 -32.49 -7.26
C6 NAG I . -13.07 -32.96 -6.25
C7 NAG I . -17.71 -33.35 -11.31
C8 NAG I . -18.60 -32.76 -12.38
N2 NAG I . -17.03 -32.54 -10.48
O3 NAG I . -17.93 -32.80 -7.81
O4 NAG I . -15.96 -32.18 -5.66
O5 NAG I . -13.77 -33.04 -8.61
O6 NAG I . -12.75 -34.34 -6.35
O7 NAG I . -17.64 -34.58 -11.23
C1 BMA I . -16.78 -32.91 -4.63
C2 BMA I . -16.83 -32.03 -3.32
C3 BMA I . -17.69 -32.78 -2.25
C4 BMA I . -19.12 -33.04 -2.81
C5 BMA I . -19.00 -33.91 -4.12
C6 BMA I . -20.34 -34.13 -4.81
O2 BMA I . -17.35 -30.74 -3.60
O3 BMA I . -17.78 -31.96 -1.07
O4 BMA I . -19.88 -33.74 -1.83
O5 BMA I . -18.14 -33.20 -5.10
O6 BMA I . -21.27 -34.82 -3.96
C1 NAG J . -26.30 22.87 12.31
C2 NAG J . -26.98 23.60 13.53
C3 NAG J . -26.08 24.83 13.94
C4 NAG J . -24.64 24.30 14.31
C5 NAG J . -24.05 23.51 13.11
C6 NAG J . -22.72 22.83 13.44
C7 NAG J . -29.46 23.40 13.50
C8 NAG J . -30.78 23.78 12.92
N2 NAG J . -28.34 24.04 13.11
O3 NAG J . -26.65 25.51 15.05
O4 NAG J . -23.77 25.46 14.51
O5 NAG J . -24.97 22.42 12.71
O6 NAG J . -22.15 22.21 12.29
O7 NAG J . -29.41 22.48 14.34
C1 NAG J . -23.31 25.74 15.91
C2 NAG J . -21.96 26.57 15.81
C3 NAG J . -21.48 26.88 17.28
C4 NAG J . -22.61 27.67 18.04
C5 NAG J . -23.92 26.80 18.06
C6 NAG J . -25.09 27.53 18.71
C7 NAG J . -20.31 26.08 13.98
C8 NAG J . -19.33 25.14 13.32
N2 NAG J . -20.93 25.72 15.12
O3 NAG J . -20.30 27.68 17.24
O4 NAG J . -22.16 27.95 19.37
O5 NAG J . -24.32 26.47 16.67
O6 NAG J . -24.84 27.88 20.06
O7 NAG J . -20.53 27.18 13.44
C1 NAG K . -14.46 6.17 32.42
C2 NAG K . -13.53 4.89 32.59
C3 NAG K . -12.88 4.94 33.99
C4 NAG K . -12.05 6.26 34.17
C5 NAG K . -13.03 7.47 33.97
C6 NAG K . -12.37 8.85 34.04
C7 NAG K . -14.22 2.72 31.57
C8 NAG K . -15.14 1.53 31.57
N2 NAG K . -14.38 3.68 32.49
O3 NAG K . -12.00 3.81 34.14
O4 NAG K . -11.55 6.28 35.53
O5 NAG K . -13.66 7.38 32.63
O6 NAG K . -11.37 9.03 33.04
O7 NAG K . -13.33 2.79 30.70
C1 NAG K . -10.09 6.64 35.68
C2 NAG K . -9.83 6.95 37.20
C3 NAG K . -8.33 7.38 37.35
C4 NAG K . -7.39 6.21 36.84
C5 NAG K . -7.77 5.93 35.33
C6 NAG K . -7.01 4.76 34.71
C7 NAG K . -11.70 7.88 38.57
C8 NAG K . -12.68 8.99 38.86
N2 NAG K . -10.76 8.05 37.62
O3 NAG K . -8.04 7.66 38.72
O4 NAG K . -6.00 6.66 36.95
O5 NAG K . -9.21 5.59 35.21
O6 NAG K . -7.17 3.52 35.41
O7 NAG K . -11.76 6.83 39.24
C1 BMA K . -5.00 5.64 37.48
C2 BMA K . -3.64 5.83 36.71
C3 BMA K . -2.62 4.77 37.26
C4 BMA K . -2.45 4.92 38.80
C5 BMA K . -3.85 4.76 39.50
C6 BMA K . -3.80 5.01 41.00
O2 BMA K . -3.15 7.16 36.89
O3 BMA K . -1.36 4.95 36.60
O4 BMA K . -1.54 3.93 39.25
O5 BMA K . -4.81 5.76 38.93
O6 BMA K . -5.06 4.73 41.62
C1 NAG L . 40.06 17.43 -3.88
C2 NAG L . 41.65 17.37 -4.08
C3 NAG L . 41.91 16.65 -5.45
C4 NAG L . 41.27 15.21 -5.44
C5 NAG L . 39.74 15.33 -5.12
C6 NAG L . 39.03 13.99 -4.93
C7 NAG L . 42.61 19.37 -2.93
C8 NAG L . 43.11 20.78 -2.98
N2 NAG L . 42.20 18.74 -4.07
O3 NAG L . 43.32 16.55 -5.67
O4 NAG L . 41.30 14.74 -6.81
O5 NAG L . 39.53 16.06 -3.87
O6 NAG L . 37.63 14.18 -4.92
O7 NAG L . 42.58 18.79 -1.84
C1 NAG L . 42.26 13.64 -7.15
C2 NAG L . 41.73 12.97 -8.48
C3 NAG L . 42.73 11.83 -8.89
C4 NAG L . 44.17 12.44 -9.08
C5 NAG L . 44.62 13.10 -7.73
C6 NAG L . 45.99 13.79 -7.83
C7 NAG L . 39.23 12.87 -8.76
C8 NAG L . 37.90 12.27 -8.38
N2 NAG L . 40.38 12.39 -8.21
O3 NAG L . 42.27 11.25 -10.13
O4 NAG L . 45.11 11.38 -9.43
O5 NAG L . 43.63 14.15 -7.33
O6 NAG L . 46.44 14.26 -6.57
O7 NAG L . 39.25 13.79 -9.58
C1 NAG L . 45.66 11.44 -10.84
C2 NAG L . 46.80 10.36 -10.98
C3 NAG L . 47.38 10.47 -12.44
C4 NAG L . 46.23 10.25 -13.48
C5 NAG L . 45.11 11.33 -13.25
C6 NAG L . 43.89 11.16 -14.17
C7 NAG L . 48.49 9.72 -9.26
C8 NAG L . 49.53 10.12 -8.24
N2 NAG L . 47.87 10.66 -9.98
O3 NAG L . 48.39 9.46 -12.65
O4 NAG L . 46.76 10.35 -14.80
O5 NAG L . 44.62 11.25 -11.85
O6 NAG L . 44.23 11.32 -15.54
O7 NAG L . 48.23 8.50 -9.40
C1 NAG M . 41.20 -9.29 7.34
C2 NAG M . 40.25 -10.38 8.01
C3 NAG M . 40.89 -11.79 7.80
C4 NAG M . 41.05 -12.08 6.26
C5 NAG M . 42.00 -10.97 5.69
C6 NAG M . 42.25 -11.06 4.18
C7 NAG M . 39.02 -9.82 10.10
C8 NAG M . 39.05 -9.49 11.56
N2 NAG M . 40.17 -10.09 9.46
O3 NAG M . 40.02 -12.78 8.39
O4 NAG M . 41.64 -13.41 6.07
O5 NAG M . 41.41 -9.62 5.93
O6 NAG M . 41.04 -10.97 3.42
O7 NAG M . 37.93 -9.83 9.51
C1 NAG M . 40.85 -14.39 5.23
C2 NAG M . 41.84 -15.41 4.53
C3 NAG M . 40.98 -16.39 3.65
C4 NAG M . 39.94 -17.14 4.54
C5 NAG M . 39.03 -16.06 5.25
C6 NAG M . 38.04 -16.67 6.25
C7 NAG M . 44.12 -14.72 3.75
C8 NAG M . 44.97 -13.87 2.86
N2 NAG M . 42.77 -14.65 3.65
O3 NAG M . 41.85 -17.34 3.03
O4 NAG M . 39.06 -17.95 3.69
O5 NAG M . 39.87 -15.12 6.03
O6 NAG M . 38.69 -17.11 7.45
O7 NAG M . 44.68 -15.47 4.56
C1 BMA M . 39.44 -19.39 3.45
C2 BMA M . 38.12 -20.26 3.50
C3 BMA M . 38.49 -21.75 3.23
C4 BMA M . 39.23 -21.89 1.86
C5 BMA M . 40.52 -20.98 1.87
C6 BMA M . 41.26 -20.97 0.54
O2 BMA M . 37.16 -19.80 2.55
O3 BMA M . 37.29 -22.54 3.21
O4 BMA M . 39.58 -23.25 1.66
O5 BMA M . 40.12 -19.57 2.16
O6 BMA M . 41.75 -22.26 0.19
C1 NAG N . 3.75 -54.36 20.60
C2 NAG N . 5.25 -54.77 20.99
C3 NAG N . 5.25 -56.28 21.41
C4 NAG N . 4.27 -56.50 22.61
C5 NAG N . 2.83 -56.04 22.18
C6 NAG N . 1.82 -56.14 23.32
C7 NAG N . 6.96 -53.51 19.65
C8 NAG N . 7.76 -53.35 18.40
N2 NAG N . 6.14 -54.58 19.81
O3 NAG N . 6.57 -56.66 21.82
O4 NAG N . 4.29 -57.88 22.95
O5 NAG N . 2.87 -54.62 21.74
O6 NAG N . 0.49 -55.85 22.88
O7 NAG N . 7.07 -52.65 20.54
C1 NAG O . -5.87 -52.19 15.49
C2 NAG O . -7.34 -52.56 14.98
C3 NAG O . -8.35 -52.24 16.14
C4 NAG O . -7.97 -53.06 17.42
C5 NAG O . -6.51 -52.69 17.85
C6 NAG O . -6.03 -53.51 19.05
C7 NAG O . -8.53 -52.17 12.83
C8 NAG O . -8.80 -51.32 11.63
N2 NAG O . -7.65 -51.75 13.77
O3 NAG O . -9.69 -52.60 15.76
O4 NAG O . -8.90 -52.76 18.46
O5 NAG O . -5.58 -52.95 16.72
O6 NAG O . -6.84 -53.30 20.20
O7 NAG O . -9.13 -53.24 12.96
C1 NAG P . 3.48 -46.97 26.32
C2 NAG P . 4.12 -48.13 25.41
C3 NAG P . 4.04 -49.48 26.20
C4 NAG P . 4.80 -49.36 27.56
C5 NAG P . 4.14 -48.21 28.40
C6 NAG P . 4.86 -47.95 29.72
C7 NAG P . 3.68 -47.80 22.97
C8 NAG P . 2.83 -48.10 21.77
N2 NAG P . 3.33 -48.30 24.17
O3 NAG P . 4.64 -50.54 25.43
O4 NAG P . 4.69 -50.61 28.24
O5 NAG P . 4.20 -46.94 27.61
O6 NAG P . 4.21 -46.94 30.48
O7 NAG P . 4.69 -47.08 22.85
C1 NAG Q . 17.18 -41.00 6.81
C2 NAG Q . 16.87 -42.44 6.16
C3 NAG Q . 18.18 -42.94 5.44
C4 NAG Q . 18.64 -41.91 4.37
C5 NAG Q . 18.91 -40.53 5.09
C6 NAG Q . 19.28 -39.41 4.12
C7 NAG Q . 15.29 -43.79 7.56
C8 NAG Q . 15.05 -44.87 8.62
N2 NAG Q . 16.53 -43.45 7.22
O3 NAG Q . 17.92 -44.19 4.79
O4 NAG Q . 19.83 -42.39 3.74
O5 NAG Q . 17.67 -40.10 5.78
O6 NAG Q . 19.43 -38.17 4.83
O7 NAG Q . 14.29 -43.26 7.04
C1 NAG R . 0.89 -20.19 -38.89
C2 NAG R . -0.11 -19.67 -40.01
C3 NAG R . 0.13 -20.52 -41.31
C4 NAG R . 1.61 -20.37 -41.76
C5 NAG R . 2.56 -20.84 -40.60
C6 NAG R . 4.04 -20.67 -40.93
C7 NAG R . -2.33 -18.81 -39.24
C8 NAG R . -3.68 -19.04 -38.61
N2 NAG R . -1.51 -19.84 -39.51
O3 NAG R . -0.74 -20.05 -42.35
O4 NAG R . 1.82 -21.17 -42.93
O5 NAG R . 2.28 -20.04 -39.36
O6 NAG R . 4.44 -21.50 -42.02
O7 NAG R . -2.01 -17.64 -39.53
C1 NAG S . -8.28 -14.06 -35.74
C2 NAG S . -8.82 -15.32 -36.56
C3 NAG S . -10.37 -15.16 -36.75
C4 NAG S . -11.07 -15.06 -35.35
C5 NAG S . -10.47 -13.84 -34.57
C6 NAG S . -11.03 -13.71 -33.15
C7 NAG S . -7.14 -16.18 -38.18
C8 NAG S . -6.45 -16.10 -39.51
N2 NAG S . -8.16 -15.35 -37.90
O3 NAG S . -10.90 -16.29 -37.45
O4 NAG S . -12.48 -14.90 -35.53
O5 NAG S . -9.00 -13.99 -34.45
O6 NAG S . -12.44 -13.56 -33.15
O7 NAG S . -6.76 -17.04 -37.37
C1 NAG T . -7.91 -34.33 -34.45
C2 NAG T . -9.32 -34.08 -35.14
C3 NAG T . -9.65 -35.28 -36.08
C4 NAG T . -8.53 -35.42 -37.15
C5 NAG T . -7.15 -35.63 -36.43
C6 NAG T . -5.96 -35.70 -37.40
C7 NAG T . -10.90 -32.81 -33.67
C8 NAG T . -11.85 -32.77 -32.53
N2 NAG T . -10.35 -33.98 -34.07
O3 NAG T . -10.90 -35.04 -36.72
O4 NAG T . -8.82 -36.54 -37.99
O5 NAG T . -6.89 -34.50 -35.50
O6 NAG T . -6.08 -36.77 -38.34
O7 NAG T . -10.62 -31.74 -34.26
C1 NAG U . -19.55 -44.88 1.45
C2 NAG U . -20.74 -45.83 1.58
C3 NAG U . -22.02 -45.02 1.74
C4 NAG U . -21.91 -44.05 2.90
C5 NAG U . -20.65 -43.21 2.74
C6 NAG U . -20.38 -42.32 3.94
C7 NAG U . -20.55 -48.06 0.65
C8 NAG U . -20.07 -48.81 -0.55
N2 NAG U . -20.82 -46.77 0.48
O3 NAG U . -23.11 -45.91 1.93
O4 NAG U . -23.04 -43.20 2.92
O5 NAG U . -19.50 -44.06 2.60
O6 NAG U . -21.33 -41.26 4.01
O7 NAG U . -20.69 -48.61 1.75
C1 NAG V . -13.57 -48.99 -14.83
C2 NAG V . -13.96 -50.47 -14.43
C3 NAG V . -15.50 -50.51 -14.13
C4 NAG V . -15.83 -49.52 -12.98
C5 NAG V . -15.38 -48.07 -13.40
C6 NAG V . -15.57 -47.04 -12.29
C7 NAG V . -12.91 -52.51 -15.40
C8 NAG V . -12.45 -53.29 -16.60
N2 NAG V . -13.60 -51.37 -15.56
O3 NAG V . -15.87 -51.84 -13.73
O4 NAG V . -17.24 -49.55 -12.72
O5 NAG V . -13.94 -48.07 -13.74
O6 NAG V . -16.92 -46.93 -11.86
O7 NAG V . -12.65 -52.94 -14.27
C1 NAG W . 4.06 -51.52 -12.77
C2 NAG W . 5.42 -51.01 -12.13
C3 NAG W . 6.59 -51.85 -12.73
C4 NAG W . 6.38 -53.36 -12.42
C5 NAG W . 4.99 -53.81 -13.02
C6 NAG W . 4.66 -55.27 -12.71
C7 NAG W . 5.40 -48.57 -11.63
C8 NAG W . 5.47 -47.16 -12.11
N2 NAG W . 5.60 -49.58 -12.50
O3 NAG W . 7.84 -51.43 -12.15
O4 NAG W . 7.43 -54.12 -12.99
O5 NAG W . 3.89 -52.96 -12.47
O6 NAG W . 5.62 -56.17 -13.26
O7 NAG W . 5.17 -48.81 -10.44
C1 NAG X . -19.89 -45.76 -3.17
C2 NAG X . -20.07 -44.92 -4.51
C3 NAG X . -21.58 -45.00 -4.95
C4 NAG X . -21.99 -46.48 -5.18
C5 NAG X . -21.76 -47.28 -3.84
C6 NAG X . -22.06 -48.77 -4.00
C7 NAG X . -18.61 -42.94 -4.76
C8 NAG X . -18.33 -41.50 -4.46
N2 NAG X . -19.72 -43.51 -4.27
O3 NAG X . -21.77 -44.27 -6.17
O4 NAG X . -23.38 -46.53 -5.54
O5 NAG X . -20.32 -47.15 -3.43
O6 NAG X . -23.44 -49.00 -4.27
O7 NAG X . -17.80 -43.56 -5.46
C1 NAG Y . -13.85 -32.71 -20.92
C2 NAG Y . -14.70 -34.07 -20.76
C3 NAG Y . -16.21 -33.71 -20.93
C4 NAG Y . -16.61 -32.66 -19.84
C5 NAG Y . -15.71 -31.37 -19.98
C6 NAG Y . -15.95 -30.37 -18.86
C7 NAG Y . -13.39 -36.06 -21.46
C8 NAG Y . -12.83 -36.93 -22.54
N2 NAG Y . -14.24 -35.06 -21.77
O3 NAG Y . -17.01 -34.89 -20.78
O4 NAG Y . -17.99 -32.32 -20.03
O5 NAG Y . -14.28 -31.75 -19.90
O6 NAG Y . -15.00 -29.31 -18.88
O7 NAG Y . -13.07 -36.28 -20.28
C1 NAG Z . 2.16 -59.87 7.47
C2 NAG Z . 2.14 -61.22 8.33
C3 NAG Z . 3.47 -62.01 8.06
C4 NAG Z . 3.58 -62.32 6.53
C5 NAG Z . 3.55 -60.97 5.72
C6 NAG Z . 3.58 -61.19 4.21
C7 NAG Z . 0.87 -60.94 10.46
C8 NAG Z . 0.82 -60.45 11.87
N2 NAG Z . 2.03 -60.87 9.78
O3 NAG Z . 3.47 -63.23 8.79
O4 NAG Z . 4.80 -63.01 6.29
O5 NAG Z . 2.29 -60.22 6.04
O6 NAG Z . 4.77 -61.85 3.78
O7 NAG Z . -0.15 -61.40 9.95
C1 NAG AA . -3.92 -3.69 -43.37
C2 NAG AA . -4.61 -2.42 -42.71
C3 NAG AA . -5.95 -2.14 -43.48
C4 NAG AA . -5.65 -1.89 -44.98
C5 NAG AA . -4.93 -3.15 -45.58
C6 NAG AA . -4.51 -2.96 -47.05
C7 NAG AA . -4.72 -1.75 -40.32
C8 NAG AA . -4.88 -2.09 -38.88
N2 NAG AA . -4.85 -2.70 -41.27
O3 NAG AA . -6.59 -0.98 -42.93
O4 NAG AA . -6.88 -1.65 -45.67
O5 NAG AA . -3.68 -3.43 -44.80
O6 NAG AA . -5.64 -2.71 -47.89
O7 NAG AA . -4.47 -0.58 -40.63
C1 NAG BA . -4.06 -51.27 -31.62
C2 NAG BA . -3.52 -50.51 -32.93
C3 NAG BA . -2.54 -51.46 -33.68
C4 NAG BA . -1.35 -51.86 -32.74
C5 NAG BA . -1.94 -52.57 -31.47
C6 NAG BA . -0.86 -52.92 -30.45
C7 NAG BA . -5.25 -49.00 -33.99
C8 NAG BA . -4.87 -47.71 -33.33
N2 NAG BA . -4.68 -50.21 -33.83
O3 NAG BA . -2.00 -50.80 -34.85
O4 NAG BA . -0.46 -52.72 -33.43
O5 NAG BA . -2.91 -51.67 -30.79
O6 NAG BA . 0.11 -53.83 -30.96
O7 NAG BA . -6.17 -48.98 -34.81
C1 NAG CA . 19.49 33.10 -27.84
C2 NAG CA . 19.17 31.95 -28.90
C3 NAG CA . 20.43 31.73 -29.80
C4 NAG CA . 20.80 33.06 -30.53
C5 NAG CA . 21.07 34.18 -29.45
C6 NAG CA . 21.35 35.55 -30.07
C7 NAG CA . 17.77 29.93 -28.45
C8 NAG CA . 17.50 28.69 -27.65
N2 NAG CA . 18.84 30.70 -28.17
O3 NAG CA . 20.17 30.72 -30.77
O4 NAG CA . 21.95 32.86 -31.32
O5 NAG CA . 19.87 34.32 -28.56
O6 NAG CA . 22.50 35.53 -30.91
O7 NAG CA . 16.99 30.23 -29.37
C1 NAG DA . 24.04 14.58 -36.36
C2 NAG DA . 24.43 14.11 -37.85
C3 NAG DA . 26.00 13.97 -37.90
C4 NAG DA . 26.67 15.33 -37.54
C5 NAG DA . 26.21 15.77 -36.11
C6 NAG DA . 26.75 17.14 -35.71
C7 NAG DA . 23.36 12.44 -39.39
C8 NAG DA . 23.41 13.31 -40.62
N2 NAG DA . 23.80 12.79 -38.17
O3 NAG DA . 26.42 13.58 -39.21
O4 NAG DA . 28.08 15.17 -37.59
O5 NAG DA . 24.72 15.84 -36.05
O6 NAG DA . 28.18 17.15 -35.70
O7 NAG DA . 22.89 11.30 -39.50
C1 NAG EA . -2.61 -32.88 46.64
C2 NAG EA . -2.50 -34.47 46.43
C3 NAG EA . -2.80 -35.16 47.80
C4 NAG EA . -1.78 -34.67 48.88
C5 NAG EA . -1.91 -33.10 49.02
C6 NAG EA . -0.92 -32.52 50.02
C7 NAG EA . -3.22 -35.15 44.14
C8 NAG EA . -4.28 -35.56 43.16
N2 NAG EA . -3.52 -34.91 45.44
O3 NAG EA . -2.67 -36.58 47.66
O4 NAG EA . -2.07 -35.31 50.12
O5 NAG EA . -1.66 -32.47 47.69
O6 NAG EA . -1.14 -33.00 51.34
O7 NAG EA . -2.06 -35.02 43.72
C1 NAG FA . -1.64 -23.40 49.59
C2 NAG FA . -1.00 -21.95 49.84
C3 NAG FA . 0.43 -22.14 50.46
C4 NAG FA . 0.34 -22.94 51.80
C5 NAG FA . -0.31 -24.34 51.49
C6 NAG FA . -0.49 -25.18 52.75
C7 NAG FA . -1.38 -20.05 48.27
C8 NAG FA . -1.35 -19.53 46.86
N2 NAG FA . -0.88 -21.27 48.52
O3 NAG FA . 0.99 -20.84 50.76
O4 NAG FA . 1.65 -23.10 52.33
O5 NAG FA . -1.65 -24.14 50.88
O6 NAG FA . 0.74 -25.48 53.39
O7 NAG FA . -1.83 -19.36 49.19
C1 NAG GA . 4.47 -34.20 40.40
C2 NAG GA . 3.15 -34.22 41.31
C3 NAG GA . 3.36 -35.29 42.44
C4 NAG GA . 3.64 -36.69 41.83
C5 NAG GA . 4.92 -36.60 40.92
C6 NAG GA . 5.24 -37.91 40.20
C7 NAG GA . 2.07 -31.97 41.54
C8 NAG GA . 1.97 -30.67 42.27
N2 NAG GA . 2.97 -32.89 41.95
O3 NAG GA . 2.17 -35.36 43.24
O4 NAG GA . 3.83 -37.62 42.88
O5 NAG GA . 4.71 -35.56 39.87
O6 NAG GA . 6.44 -37.80 39.43
O7 NAG GA . 1.34 -32.17 40.57
C1 NAG HA . -14.25 -28.70 25.89
C2 NAG HA . -15.24 -28.82 27.14
C3 NAG HA . -16.57 -29.49 26.65
C4 NAG HA . -17.21 -28.62 25.52
C5 NAG HA . -16.18 -28.52 24.33
C6 NAG HA . -16.66 -27.62 23.20
C7 NAG HA . -14.93 -29.68 29.47
C8 NAG HA . -14.21 -30.56 30.46
N2 NAG HA . -14.57 -29.68 28.17
O3 NAG HA . -17.53 -29.57 27.73
O4 NAG HA . -18.42 -29.26 25.09
O5 NAG HA . -14.92 -27.93 24.83
O6 NAG HA . -15.66 -27.48 22.20
O7 NAG HA . -15.87 -28.96 29.87
C1 NAG IA . -34.60 16.61 12.29
C2 NAG IA . -34.95 18.16 12.36
C3 NAG IA . -36.47 18.29 12.72
C4 NAG IA . -37.32 17.56 11.64
C5 NAG IA . -36.90 16.05 11.57
C6 NAG IA . -37.63 15.25 10.50
C7 NAG IA . -33.18 19.70 13.21
C8 NAG IA . -32.22 20.09 14.31
N2 NAG IA . -34.11 18.76 13.44
O3 NAG IA . -36.83 19.68 12.75
O4 NAG IA . -38.70 17.68 12.00
O5 NAG IA . -35.44 15.95 11.28
O6 NAG IA . -37.24 13.88 10.52
O7 NAG IA . -33.11 20.29 12.13
C1 NAG JA . -33.61 14.76 28.89
C2 NAG JA . -33.58 16.26 29.40
C3 NAG JA . -34.79 16.48 30.37
C4 NAG JA . -36.13 16.19 29.62
C5 NAG JA . -36.09 14.71 29.08
C6 NAG JA . -37.31 14.36 28.23
C7 NAG JA . -31.27 17.17 29.55
C8 NAG JA . -29.95 17.29 30.26
N2 NAG JA . -32.28 16.49 30.11
O3 NAG JA . -34.78 17.84 30.83
O4 NAG JA . -37.21 16.37 30.52
O5 NAG JA . -34.90 14.51 28.22
O6 NAG JA . -38.51 14.20 29.00
O7 NAG JA . -31.38 17.71 28.44
C1 NAG KA . -2.99 -2.17 50.04
C2 NAG KA . -2.91 -1.81 51.59
C3 NAG KA . -2.71 -0.26 51.71
C4 NAG KA . -1.42 0.18 50.96
C5 NAG KA . -1.54 -0.24 49.45
C6 NAG KA . -0.28 0.06 48.65
C7 NAG KA . -4.23 -3.35 53.04
C8 NAG KA . -5.54 -3.81 53.61
N2 NAG KA . -4.17 -2.24 52.27
O3 NAG KA . -2.59 0.11 53.10
O4 NAG KA . -1.27 1.59 51.07
O5 NAG KA . -1.77 -1.71 49.36
O6 NAG KA . 0.01 1.46 48.59
O7 NAG KA . -3.22 -4.02 53.30
C1 NAG LA . -21.70 2.29 48.43
C2 NAG LA . -22.17 0.87 48.99
C3 NAG LA . -21.93 0.83 50.53
C4 NAG LA . -20.40 1.05 50.81
C5 NAG LA . -19.96 2.42 50.19
C6 NAG LA . -18.46 2.67 50.30
C7 NAG LA . -24.03 -0.13 47.71
C8 NAG LA . -25.47 -0.15 47.34
N2 NAG LA . -23.60 0.71 48.66
O3 NAG LA . -22.34 -0.44 51.05
O4 NAG LA . -20.21 1.04 52.22
O5 NAG LA . -20.27 2.46 48.73
O6 NAG LA . -18.09 3.90 49.67
O7 NAG LA . -23.25 -0.90 47.12
C1 NAG MA . -28.13 -12.76 39.44
C2 NAG MA . -27.82 -13.96 38.43
C3 NAG MA . -29.10 -14.83 38.30
C4 NAG MA . -29.52 -15.38 39.70
C5 NAG MA . -29.78 -14.16 40.66
C6 NAG MA . -30.14 -14.60 42.07
C7 NAG MA . -26.22 -13.33 36.63
C8 NAG MA . -25.95 -12.71 35.29
N2 NAG MA . -27.47 -13.40 37.10
O3 NAG MA . -28.84 -15.94 37.43
O4 NAG MA . -30.70 -16.17 39.56
O5 NAG MA . -28.55 -13.32 40.74
O6 NAG MA . -31.34 -15.37 42.11
O7 NAG MA . -25.26 -13.76 37.28
C1 NAG NA . -9.29 0.84 48.57
C2 NAG NA . -8.49 0.81 49.94
C3 NAG NA . -8.86 2.10 50.76
C4 NAG NA . -8.49 3.36 49.91
C5 NAG NA . -9.26 3.31 48.54
C6 NAG NA . -8.88 4.46 47.60
C7 NAG NA . -7.93 -1.29 51.16
C8 NAG NA . -8.35 -2.67 51.61
N2 NAG NA . -8.86 -0.46 50.63
O3 NAG NA . -8.13 2.12 51.99
O4 NAG NA . -8.85 4.53 50.65
O5 NAG NA . -8.94 2.04 47.80
O6 NAG NA . -9.19 5.72 48.16
O7 NAG NA . -6.76 -0.93 51.29
C1 NAG OA . -17.42 11.19 33.48
C2 NAG OA . -18.32 12.44 33.84
C3 NAG OA . -17.39 13.60 34.33
C4 NAG OA . -16.59 13.10 35.59
C5 NAG OA . -15.76 11.82 35.21
C6 NAG OA . -15.07 11.17 36.42
C7 NAG OA . -20.45 12.67 32.58
C8 NAG OA . -21.18 12.88 31.29
N2 NAG OA . -19.10 12.82 32.63
O3 NAG OA . -18.18 14.75 34.68
O4 NAG OA . -15.72 14.14 36.02
O5 NAG OA . -16.67 10.77 34.67
O6 NAG OA . -14.13 12.03 37.04
O7 NAG OA . -21.08 12.39 33.60
C1 NAG PA . -49.51 0.26 32.30
C2 NAG PA . -48.78 1.13 33.44
C3 NAG PA . -49.80 2.21 33.96
C4 NAG PA . -50.27 3.11 32.78
C5 NAG PA . -50.95 2.21 31.69
C6 NAG PA . -51.34 3.00 30.44
C7 NAG PA . -47.31 0.44 35.32
C8 NAG PA . -46.92 -0.57 36.37
N2 NAG PA . -48.35 0.20 34.52
O3 NAG PA . -49.17 3.04 34.95
O4 NAG PA . -51.18 4.10 33.27
O5 NAG PA . -49.98 1.17 31.24
O6 NAG PA . -52.24 4.07 30.74
O7 NAG PA . -46.65 1.49 35.25
C1 NAG QA . -38.18 -9.01 41.07
C2 NAG QA . -37.37 -10.35 41.40
C3 NAG QA . -38.32 -11.33 42.17
C4 NAG QA . -38.82 -10.65 43.50
C5 NAG QA . -39.58 -9.32 43.13
C6 NAG QA . -40.02 -8.55 44.37
C7 NAG QA . -35.70 -11.32 39.84
C8 NAG QA . -35.36 -11.86 38.48
N2 NAG QA . -36.96 -10.98 40.12
O3 NAG QA . -37.62 -12.53 42.52
O4 NAG QA . -39.69 -11.54 44.19
O5 NAG QA . -38.67 -8.43 42.35
O6 NAG QA . -40.91 -9.32 45.19
O7 NAG QA . -34.79 -11.20 40.69
C1 NAG RA . -39.82 -4.49 10.14
C2 NAG RA . -39.65 -4.50 8.55
C3 NAG RA . -41.05 -4.78 7.91
C4 NAG RA . -41.62 -6.14 8.43
C5 NAG RA . -41.72 -6.08 9.99
C6 NAG RA . -42.19 -7.41 10.60
C7 NAG RA . -37.88 -2.92 7.81
C8 NAG RA . -37.46 -1.52 7.44
N2 NAG RA . -39.17 -3.17 8.09
O3 NAG RA . -40.93 -4.84 6.48
O4 NAG RA . -42.91 -6.37 7.85
O5 NAG RA . -40.38 -5.78 10.57
O6 NAG RA . -43.51 -7.75 10.18
O7 NAG RA . -37.02 -3.81 7.85
C1 NAG SA . -32.93 24.61 -1.44
C2 NAG SA . -33.51 26.10 -1.55
C3 NAG SA . -34.97 26.03 -2.10
C4 NAG SA . -34.97 25.34 -3.51
C5 NAG SA . -34.37 23.89 -3.35
C6 NAG SA . -34.25 23.16 -4.69
C7 NAG SA . -32.58 27.62 0.19
C8 NAG SA . -32.61 28.16 1.59
N2 NAG SA . -33.51 26.73 -0.20
O3 NAG SA . -35.51 27.36 -2.24
O4 NAG SA . -36.32 25.27 -4.00
O5 NAG SA . -33.00 23.98 -2.77
O6 NAG SA . -35.51 22.95 -5.30
O7 NAG SA . -31.69 28.02 -0.58
C1 NAG TA . -14.08 -25.45 51.13
C2 NAG TA . -14.44 -26.78 50.32
C3 NAG TA . -15.99 -26.79 50.05
C4 NAG TA . -16.76 -26.73 51.40
C5 NAG TA . -16.33 -25.42 52.17
C6 NAG TA . -16.98 -25.30 53.55
C7 NAG TA . -12.50 -27.40 48.85
C8 NAG TA . -11.76 -27.30 47.55
N2 NAG TA . -13.70 -26.78 49.01
O3 NAG TA . -16.35 -28.00 49.36
O4 NAG TA . -18.16 -26.72 51.14
O5 NAG TA . -14.86 -25.42 52.38
O6 NAG TA . -18.40 -25.16 53.47
O7 NAG TA . -11.99 -28.06 49.77
C1 NAG UA . -26.48 12.27 -29.72
C2 NAG UA . -26.10 12.47 -31.25
C3 NAG UA . -26.84 11.37 -32.09
C4 NAG UA . -26.44 9.95 -31.58
C5 NAG UA . -26.81 9.83 -30.05
C6 NAG UA . -26.37 8.50 -29.43
C7 NAG UA . -25.70 14.87 -31.79
C8 NAG UA . -26.26 16.23 -32.13
N2 NAG UA . -26.53 13.81 -31.70
O3 NAG UA . -26.49 11.49 -33.47
O4 NAG UA . -27.16 8.99 -32.35
O5 NAG UA . -26.11 10.92 -29.29
O6 NAG UA . -26.65 8.46 -28.03
O7 NAG UA . -24.48 14.75 -31.60
C1 NAG VA . -29.02 5.56 -16.21
C2 NAG VA . -30.19 6.63 -15.96
C3 NAG VA . -31.15 6.08 -14.85
C4 NAG VA . -31.73 4.71 -15.31
C5 NAG VA . -30.55 3.70 -15.58
C6 NAG VA . -31.04 2.35 -16.11
C7 NAG VA . -29.48 8.99 -16.29
C8 NAG VA . -28.63 10.15 -15.86
N2 NAG VA . -29.55 7.90 -15.51
O3 NAG VA . -32.23 7.00 -14.63
O4 NAG VA . -32.59 4.20 -14.29
O5 NAG VA . -29.63 4.27 -16.61
O6 NAG VA . -31.88 1.68 -15.18
O7 NAG VA . -30.09 9.07 -17.37
C1 NAG WA . -37.18 17.19 -22.48
C2 NAG WA . -38.54 17.70 -23.13
C3 NAG WA . -39.73 17.17 -22.26
C4 NAG WA . -39.67 15.61 -22.18
C5 NAG WA . -38.30 15.17 -21.56
C6 NAG WA . -38.13 13.65 -21.51
C7 NAG WA . -38.29 19.93 -24.22
C8 NAG WA . -38.30 21.43 -24.11
N2 NAG WA . -38.55 19.18 -23.13
O3 NAG WA . -40.97 17.56 -22.85
O4 NAG WA . -40.76 15.14 -21.36
O5 NAG WA . -37.18 15.72 -22.39
O6 NAG WA . -39.11 13.02 -20.68
O7 NAG WA . -38.05 19.40 -25.32
C1 NAG XA . -8.88 20.88 -39.46
C2 NAG XA . -10.13 21.40 -38.61
C3 NAG XA . -11.44 21.11 -39.42
C4 NAG XA . -11.38 21.82 -40.82
C5 NAG XA . -10.11 21.29 -41.59
C6 NAG XA . -9.90 22.00 -42.94
C7 NAG XA . -9.89 21.29 -36.14
C8 NAG XA . -9.97 20.51 -34.86
N2 NAG XA . -10.19 20.70 -37.30
O3 NAG XA . -12.58 21.61 -38.71
O4 NAG XA . -12.58 21.52 -41.53
O5 NAG XA . -8.89 21.54 -40.78
O6 NAG XA . -8.75 21.49 -43.60
O7 NAG XA . -9.54 22.48 -36.07
C1 NAG YA . 28.65 -38.61 36.94
C2 NAG YA . 27.96 -38.41 38.38
C3 NAG YA . 28.75 -39.27 39.42
C4 NAG YA . 28.74 -40.77 38.99
C5 NAG YA . 29.38 -40.91 37.56
C6 NAG YA . 29.33 -42.34 37.02
C7 NAG YA . 26.99 -36.13 38.65
C8 NAG YA . 27.15 -34.68 38.98
N2 NAG YA . 28.03 -36.98 38.76
O3 NAG YA . 28.15 -39.14 40.71
O4 NAG YA . 29.48 -41.53 39.95
O5 NAG YA . 28.64 -40.05 36.60
O6 NAG YA . 30.03 -42.48 35.79
O7 NAG YA . 25.87 -36.52 38.27
C1 NAG ZA . 35.20 -38.15 27.58
C2 NAG ZA . 36.59 -38.59 26.93
C3 NAG ZA . 36.33 -39.85 26.03
C4 NAG ZA . 35.74 -41.01 26.91
C5 NAG ZA . 34.41 -40.51 27.57
C6 NAG ZA . 33.79 -41.54 28.53
C7 NAG ZA . 38.07 -36.61 26.55
C8 NAG ZA . 38.65 -35.53 25.68
N2 NAG ZA . 37.15 -37.48 26.10
O3 NAG ZA . 37.57 -40.30 25.44
O4 NAG ZA . 35.49 -42.14 26.08
O5 NAG ZA . 34.66 -39.28 28.37
O6 NAG ZA . 33.46 -42.76 27.88
O7 NAG ZA . 38.46 -36.65 27.74
C1 NAG AB . 20.81 -40.51 32.67
C2 NAG AB . 21.69 -39.82 33.83
C3 NAG AB . 22.20 -40.94 34.81
C4 NAG AB . 20.99 -41.72 35.41
C5 NAG AB . 20.18 -42.37 34.23
C6 NAG AB . 18.92 -43.10 34.71
C7 NAG AB . 23.01 -37.90 32.90
C8 NAG AB . 24.29 -37.40 32.29
N2 NAG AB . 22.91 -39.20 33.24
O3 NAG AB . 22.95 -40.34 35.88
O4 NAG AB . 21.49 -42.72 36.30
O5 NAG AB . 19.72 -41.29 33.31
O6 NAG AB . 18.25 -43.73 33.62
O7 NAG AB . 22.06 -37.13 33.09
C1 NAG BB . 20.97 -15.96 36.33
C2 NAG BB . 22.41 -15.29 36.39
C3 NAG BB . 22.54 -14.46 37.70
C4 NAG BB . 21.43 -13.36 37.71
C5 NAG BB . 20.03 -14.05 37.61
C6 NAG BB . 18.87 -13.05 37.50
C7 NAG BB . 24.15 -16.61 35.19
C8 NAG BB . 25.14 -17.74 35.13
N2 NAG BB . 23.44 -16.36 36.31
O3 NAG BB . 23.84 -13.83 37.76
O4 NAG BB . 21.55 -12.62 38.93
O5 NAG BB . 19.95 -14.89 36.38
O6 NAG BB . 17.64 -13.74 37.32
O7 NAG BB . 24.02 -15.89 34.19
C1 NAG CB . 42.58 21.33 5.85
C2 NAG CB . 43.00 22.45 4.78
C3 NAG CB . 44.03 23.39 5.48
C4 NAG CB . 43.39 24.06 6.75
C5 NAG CB . 42.95 22.91 7.74
C6 NAG CB . 42.23 23.45 8.98
C7 NAG CB . 42.99 21.62 2.43
C8 NAG CB . 43.64 20.84 1.32
N2 NAG CB . 43.63 21.80 3.60
O3 NAG CB . 44.41 24.43 4.56
O4 NAG CB . 44.35 24.90 7.38
O5 NAG CB . 41.99 21.99 7.04
O6 NAG CB . 43.08 24.30 9.76
O7 NAG CB . 41.85 22.08 2.25
C1 NAG DB . 53.12 8.08 8.45
C2 NAG DB . 53.95 8.08 7.09
C3 NAG DB . 55.47 8.25 7.42
C4 NAG DB . 55.69 9.59 8.20
C5 NAG DB . 54.83 9.55 9.51
C6 NAG DB . 54.92 10.86 10.29
C7 NAG DB . 52.99 6.65 5.29
C8 NAG DB . 52.74 5.29 4.71
N2 NAG DB . 53.72 6.78 6.40
O3 NAG DB . 56.22 8.27 6.19
O4 NAG DB . 57.08 9.71 8.51
O5 NAG DB . 53.39 9.34 9.17
O6 NAG DB . 56.25 11.13 10.74
O7 NAG DB . 52.49 7.63 4.71
C1 NAG EB . 44.66 -31.61 11.54
C2 NAG EB . 45.43 -32.67 12.44
C3 NAG EB . 46.21 -33.64 11.46
C4 NAG EB . 45.20 -34.33 10.48
C5 NAG EB . 44.43 -33.21 9.67
C6 NAG EB . 43.36 -33.75 8.73
C7 NAG EB . 46.84 -32.45 14.48
C8 NAG EB . 47.64 -31.59 15.41
N2 NAG EB . 46.35 -31.94 13.34
O3 NAG EB . 46.88 -34.67 12.20
O4 NAG EB . 45.93 -35.17 9.60
O5 NAG EB . 43.75 -32.29 10.62
O6 NAG EB . 42.75 -32.70 7.99
O7 NAG EB . 46.64 -33.64 14.77
C1 NAG FB . 55.35 -16.34 16.20
C2 NAG FB . 55.65 -16.76 17.72
C3 NAG FB . 56.45 -18.11 17.67
C4 NAG FB . 55.61 -19.20 16.94
C5 NAG FB . 55.29 -18.72 15.49
C6 NAG FB . 54.34 -19.65 14.74
C7 NAG FB . 56.59 -15.59 19.69
C8 NAG FB . 57.31 -14.42 20.30
N2 NAG FB . 56.42 -15.66 18.37
O3 NAG FB . 56.76 -18.60 18.99
O4 NAG FB . 56.36 -20.41 16.92
O5 NAG FB . 54.59 -17.41 15.54
O6 NAG FB . 54.13 -19.19 13.41
O7 NAG FB . 56.16 -16.48 20.45
C1 NAG GB . 47.68 -27.03 9.80
C2 NAG GB . 48.64 -25.92 9.38
C3 NAG GB . 49.60 -26.38 8.29
C4 NAG GB . 50.14 -27.77 8.58
C5 NAG GB . 48.97 -28.72 8.75
C6 NAG GB . 49.38 -30.17 8.95
C7 NAG GB . 48.05 -23.54 9.37
C8 NAG GB . 47.99 -22.44 8.35
N2 NAG GB . 47.88 -24.78 8.91
O3 NAG GB . 50.65 -25.44 8.17
O4 NAG GB . 50.96 -28.20 7.49
O5 NAG GB . 48.24 -28.32 9.92
O6 NAG GB . 48.24 -30.99 9.21
O7 NAG GB . 48.26 -23.31 10.56
C1 NAG HB . 45.65 -6.35 4.49
C2 NAG HB . 46.89 -5.53 3.91
C3 NAG HB . 47.22 -6.05 2.48
C4 NAG HB . 47.54 -7.57 2.55
C5 NAG HB . 46.32 -8.34 3.17
C6 NAG HB . 46.58 -9.84 3.38
C7 NAG HB . 47.12 -3.20 4.75
C8 NAG HB . 46.61 -1.79 4.86
N2 NAG HB . 46.53 -4.08 3.91
O3 NAG HB . 48.35 -5.35 1.94
O4 NAG HB . 47.82 -8.06 1.24
O5 NAG HB . 45.99 -7.78 4.51
O6 NAG HB . 46.84 -10.51 2.15
O7 NAG HB . 48.09 -3.53 5.44
C1 NAG IB . 35.71 28.23 -8.39
C2 NAG IB . 34.93 28.19 -9.78
C3 NAG IB . 35.94 28.59 -10.92
C4 NAG IB . 36.53 30.01 -10.63
C5 NAG IB . 37.25 30.00 -9.24
C6 NAG IB . 37.78 31.37 -8.83
C7 NAG IB . 33.23 26.57 -10.57
C8 NAG IB . 32.74 25.16 -10.73
N2 NAG IB . 34.43 26.82 -10.00
O3 NAG IB . 35.27 28.63 -12.18
O4 NAG IB . 37.45 30.34 -11.67
O5 NAG IB . 36.28 29.57 -8.18
O6 NAG IB . 38.76 31.87 -9.76
O7 NAG IB . 32.48 27.49 -10.96
C1 NAG JB . 41.03 -31.21 37.33
C2 NAG JB . 40.23 -31.80 38.58
C3 NAG JB . 40.51 -30.88 39.82
C4 NAG JB . 42.04 -30.82 40.11
C5 NAG JB . 42.78 -30.26 38.83
C6 NAG JB . 44.30 -30.25 38.97
C7 NAG JB . 38.10 -32.86 37.81
C8 NAG JB . 36.64 -32.73 37.48
N2 NAG JB . 38.77 -31.80 38.30
O3 NAG JB . 39.85 -31.42 40.98
O4 NAG JB . 42.28 -29.95 41.22
O5 NAG JB . 42.46 -31.14 37.67
O6 NAG JB . 44.73 -29.36 40.00
O7 NAG JB . 38.67 -33.95 37.61
C1 NAG KB . 53.15 -5.11 32.62
C2 NAG KB . 54.48 -4.32 33.01
C3 NAG KB . 55.07 -4.99 34.30
C4 NAG KB . 54.02 -4.92 35.46
C5 NAG KB . 52.71 -5.67 34.99
C6 NAG KB . 51.59 -5.57 36.02
C7 NAG KB . 56.25 -3.40 31.54
C8 NAG KB . 57.05 -3.48 30.28
N2 NAG KB . 55.40 -4.39 31.85
O3 NAG KB . 56.26 -4.29 34.72
O4 NAG KB . 54.58 -5.55 36.61
O5 NAG KB . 52.19 -5.05 33.74
O6 NAG KB . 50.42 -6.26 35.57
O7 NAG KB . 56.37 -2.40 32.27
C1 NAG LB . 44.88 -11.22 31.09
C2 NAG LB . 46.40 -11.09 31.56
C3 NAG LB . 46.40 -10.77 33.08
C4 NAG LB . 45.62 -9.47 33.36
C5 NAG LB . 44.14 -9.64 32.83
C6 NAG LB . 43.31 -8.36 33.00
C7 NAG LB . 48.09 -12.58 30.42
C8 NAG LB . 48.71 -11.58 29.48
N2 NAG LB . 47.10 -12.39 31.31
O3 NAG LB . 47.75 -10.61 33.55
O4 NAG LB . 45.61 -9.22 34.77
O5 NAG LB . 44.16 -9.97 31.38
O6 NAG LB . 43.19 -8.00 34.36
O7 NAG LB . 48.53 -13.74 30.40
C1 NAG MB . 15.76 35.15 10.67
C2 NAG MB . 15.84 33.57 10.76
C3 NAG MB . 16.51 33.19 12.13
C4 NAG MB . 17.94 33.83 12.20
C5 NAG MB . 17.81 35.39 12.06
C6 NAG MB . 19.17 36.09 12.00
C7 NAG MB . 14.00 32.20 9.71
C8 NAG MB . 14.80 31.62 8.56
N2 NAG MB . 14.44 33.03 10.68
O3 NAG MB . 16.62 31.76 12.23
O4 NAG MB . 18.52 33.49 13.46
O5 NAG MB . 17.12 35.73 10.78
O6 NAG MB . 19.02 37.50 11.87
O7 NAG MB . 12.80 31.90 9.79
C1 NAG NB . 8.20 44.25 3.18
C2 NAG NB . 7.03 45.29 2.88
C3 NAG NB . 6.63 45.98 4.22
C4 NAG NB . 6.19 44.91 5.27
C5 NAG NB . 7.37 43.90 5.50
C6 NAG NB . 7.04 42.76 6.46
C7 NAG NB . 7.36 46.22 0.59
C8 NAG NB . 8.02 47.22 -0.31
N2 NAG NB . 7.55 46.30 1.92
O3 NAG NB . 5.54 46.88 4.00
O4 NAG NB . 5.84 45.57 6.49
O5 NAG NB . 7.75 43.28 4.19
O6 NAG NB . 8.12 41.83 6.55
O7 NAG NB . 6.65 45.34 0.09
C1 NAG OB . -7.64 42.86 -13.36
C2 NAG OB . -6.13 43.20 -12.91
C3 NAG OB . -6.13 44.62 -12.26
C4 NAG OB . -6.67 45.67 -13.27
C5 NAG OB . -8.13 45.28 -13.70
C6 NAG OB . -8.71 46.20 -14.77
C7 NAG OB . -4.78 41.21 -12.28
C8 NAG OB . -4.40 40.19 -11.25
N2 NAG OB . -5.65 42.19 -11.95
O3 NAG OB . -4.79 44.97 -11.88
O4 NAG OB . -6.66 46.96 -12.64
O5 NAG OB . -8.12 43.90 -14.28
O6 NAG OB . -10.01 45.79 -15.16
O7 NAG OB . -4.29 41.14 -13.42
C1 NAG PB . 21.09 46.53 3.97
C2 NAG PB . 22.48 47.14 3.46
C3 NAG PB . 23.52 47.04 4.63
C4 NAG PB . 22.99 47.83 5.87
C5 NAG PB . 21.60 47.23 6.31
C6 NAG PB . 20.96 47.99 7.46
C7 NAG PB . 22.82 46.74 1.02
C8 NAG PB . 23.26 45.83 -0.08
N2 NAG PB . 22.96 46.34 2.30
O3 NAG PB . 24.77 47.61 4.21
O4 NAG PB . 23.95 47.71 6.92
O5 NAG PB . 20.65 47.29 5.16
O6 NAG PB . 19.73 47.40 7.85
O7 NAG PB . 22.33 47.84 0.73
#